data_2LEO
#
_entry.id   2LEO
#
_entity_poly.entity_id   1
_entity_poly.type   'polypeptide(L)'
_entity_poly.pdbx_seq_one_letter_code
;SEAASLSPKKVDCSIYKKYPVVAIPCPITYLPVCGSDYITYGNECHLCTESLKSNGRVQFLHDGSC
;
_entity_poly.pdbx_strand_id   A
#
# COMPACT_ATOMS: atom_id res chain seq x y z
N SER A 1 8.17 -17.16 -5.12
CA SER A 1 7.51 -16.15 -5.92
C SER A 1 8.05 -16.19 -7.35
N GLU A 2 7.16 -16.33 -8.30
CA GLU A 2 7.55 -16.42 -9.69
C GLU A 2 7.41 -15.07 -10.34
N ALA A 3 8.52 -14.51 -10.72
CA ALA A 3 8.58 -13.24 -11.40
C ALA A 3 9.88 -13.16 -12.15
N ALA A 4 9.88 -12.49 -13.28
CA ALA A 4 11.09 -12.32 -14.05
C ALA A 4 11.95 -11.28 -13.35
N SER A 5 11.29 -10.24 -12.94
CA SER A 5 11.92 -9.20 -12.20
C SER A 5 11.39 -9.27 -10.78
N LEU A 6 12.21 -9.75 -9.87
CA LEU A 6 11.81 -9.87 -8.48
C LEU A 6 11.72 -8.49 -7.89
N SER A 7 10.52 -8.04 -7.67
CA SER A 7 10.31 -6.71 -7.23
C SER A 7 9.56 -6.69 -5.89
N PRO A 8 10.29 -6.78 -4.77
CA PRO A 8 9.70 -6.69 -3.45
C PRO A 8 9.66 -5.24 -3.00
N LYS A 9 8.57 -4.60 -3.27
CA LYS A 9 8.38 -3.23 -2.92
C LYS A 9 7.50 -3.12 -1.70
N LYS A 10 7.82 -2.19 -0.86
CA LYS A 10 7.02 -1.92 0.29
C LYS A 10 6.88 -0.43 0.42
N VAL A 11 5.67 0.06 0.25
CA VAL A 11 5.40 1.48 0.38
C VAL A 11 5.34 1.79 1.88
N ASP A 12 5.30 3.05 2.27
CA ASP A 12 5.26 3.34 3.69
C ASP A 12 3.89 3.07 4.23
N CYS A 13 3.80 1.97 4.91
CA CYS A 13 2.60 1.58 5.55
C CYS A 13 2.77 1.84 7.04
N SER A 14 4.00 2.15 7.42
CA SER A 14 4.38 2.35 8.80
C SER A 14 3.62 3.50 9.46
N ILE A 15 3.49 4.61 8.75
CA ILE A 15 2.77 5.76 9.29
C ILE A 15 1.28 5.46 9.52
N TYR A 16 0.75 4.51 8.78
CA TYR A 16 -0.64 4.15 8.88
C TYR A 16 -0.80 3.01 9.85
N LYS A 17 0.28 2.28 10.01
CA LYS A 17 0.42 1.16 10.92
C LYS A 17 0.40 1.68 12.38
N LYS A 18 0.59 2.97 12.48
CA LYS A 18 0.55 3.70 13.73
C LYS A 18 -0.93 3.84 14.19
N TYR A 19 -1.84 3.63 13.27
CA TYR A 19 -3.26 3.71 13.56
C TYR A 19 -3.82 2.29 13.63
N PRO A 20 -4.98 2.09 14.29
CA PRO A 20 -5.66 0.80 14.28
C PRO A 20 -6.07 0.44 12.86
N VAL A 21 -5.91 -0.81 12.50
CA VAL A 21 -6.15 -1.31 11.13
C VAL A 21 -7.58 -0.99 10.63
N VAL A 22 -8.55 -0.94 11.52
CA VAL A 22 -9.91 -0.67 11.08
C VAL A 22 -10.14 0.85 10.85
N ALA A 23 -9.37 1.68 11.52
CA ALA A 23 -9.54 3.11 11.37
C ALA A 23 -8.23 3.77 11.00
N ILE A 24 -8.02 3.93 9.74
CA ILE A 24 -6.83 4.54 9.23
C ILE A 24 -7.23 5.73 8.36
N PRO A 25 -6.91 6.95 8.78
CA PRO A 25 -7.22 8.14 8.02
C PRO A 25 -6.42 8.21 6.73
N CYS A 26 -7.07 8.54 5.66
CA CYS A 26 -6.45 8.56 4.36
C CYS A 26 -6.48 9.96 3.80
N PRO A 27 -5.48 10.35 3.00
CA PRO A 27 -5.46 11.64 2.33
C PRO A 27 -6.53 11.71 1.24
N ILE A 28 -6.91 12.92 0.89
CA ILE A 28 -7.94 13.14 -0.14
C ILE A 28 -7.36 13.08 -1.55
N THR A 29 -6.15 12.62 -1.65
CA THR A 29 -5.46 12.47 -2.87
C THR A 29 -5.67 11.04 -3.40
N TYR A 30 -5.92 10.92 -4.68
CA TYR A 30 -6.09 9.62 -5.28
C TYR A 30 -4.86 9.33 -6.09
N LEU A 31 -4.16 8.31 -5.70
CA LEU A 31 -2.96 7.90 -6.36
C LEU A 31 -3.05 6.41 -6.54
N PRO A 32 -3.36 5.95 -7.75
CA PRO A 32 -3.53 4.54 -8.00
C PRO A 32 -2.26 3.77 -7.71
N VAL A 33 -2.39 2.79 -6.89
CA VAL A 33 -1.27 1.94 -6.56
C VAL A 33 -1.68 0.50 -6.79
N CYS A 34 -0.73 -0.32 -7.05
CA CYS A 34 -1.00 -1.70 -7.33
C CYS A 34 -0.32 -2.58 -6.32
N GLY A 35 -1.08 -3.48 -5.74
CA GLY A 35 -0.55 -4.40 -4.79
C GLY A 35 -0.07 -5.67 -5.46
N SER A 36 0.72 -6.44 -4.74
CA SER A 36 1.29 -7.70 -5.22
C SER A 36 0.19 -8.74 -5.47
N ASP A 37 -0.98 -8.46 -4.93
CA ASP A 37 -2.14 -9.32 -5.06
C ASP A 37 -2.86 -8.99 -6.37
N TYR A 38 -2.29 -8.03 -7.12
CA TYR A 38 -2.80 -7.55 -8.41
C TYR A 38 -4.09 -6.79 -8.26
N ILE A 39 -4.23 -6.13 -7.14
CA ILE A 39 -5.38 -5.33 -6.86
C ILE A 39 -4.96 -3.85 -6.87
N THR A 40 -5.66 -3.04 -7.62
CA THR A 40 -5.40 -1.62 -7.67
C THR A 40 -6.13 -0.94 -6.50
N TYR A 41 -5.43 -0.08 -5.81
CA TYR A 41 -5.98 0.64 -4.67
C TYR A 41 -6.00 2.13 -4.96
N GLY A 42 -6.89 2.84 -4.25
CA GLY A 42 -7.08 4.27 -4.45
C GLY A 42 -5.88 5.11 -4.07
N ASN A 43 -5.10 4.63 -3.10
CA ASN A 43 -3.88 5.29 -2.67
C ASN A 43 -3.14 4.39 -1.71
N GLU A 44 -1.96 4.81 -1.31
CA GLU A 44 -1.11 4.05 -0.40
C GLU A 44 -1.74 3.81 0.96
N CYS A 45 -2.52 4.76 1.43
CA CYS A 45 -3.25 4.60 2.68
C CYS A 45 -4.20 3.41 2.59
N HIS A 46 -4.98 3.36 1.51
CA HIS A 46 -5.93 2.27 1.33
C HIS A 46 -5.23 0.95 1.14
N LEU A 47 -4.11 0.99 0.43
CA LEU A 47 -3.28 -0.19 0.24
C LEU A 47 -2.78 -0.68 1.59
N CYS A 48 -2.29 0.23 2.40
CA CYS A 48 -1.76 -0.07 3.71
C CYS A 48 -2.82 -0.70 4.62
N THR A 49 -4.06 -0.18 4.57
CA THR A 49 -5.13 -0.73 5.39
C THR A 49 -5.33 -2.23 5.09
N GLU A 50 -5.41 -2.57 3.82
CA GLU A 50 -5.55 -3.94 3.39
C GLU A 50 -4.27 -4.75 3.61
N SER A 51 -3.13 -4.10 3.45
CA SER A 51 -1.83 -4.73 3.61
C SER A 51 -1.67 -5.21 5.06
N LEU A 52 -2.09 -4.39 6.01
CA LEU A 52 -2.04 -4.75 7.42
C LEU A 52 -3.11 -5.77 7.75
N LYS A 53 -4.28 -5.56 7.18
CA LYS A 53 -5.45 -6.41 7.43
C LYS A 53 -5.19 -7.86 6.98
N SER A 54 -4.65 -8.01 5.80
CA SER A 54 -4.39 -9.32 5.26
C SER A 54 -2.95 -9.77 5.58
N ASN A 55 -2.26 -8.96 6.37
CA ASN A 55 -0.88 -9.16 6.82
C ASN A 55 0.10 -9.53 5.72
N GLY A 56 0.42 -8.56 4.90
CA GLY A 56 1.44 -8.70 3.86
C GLY A 56 1.01 -9.52 2.64
N ARG A 57 -0.25 -9.99 2.62
CA ARG A 57 -0.79 -10.68 1.44
C ARG A 57 -0.67 -9.76 0.24
N VAL A 58 -1.14 -8.57 0.44
CA VAL A 58 -1.06 -7.57 -0.54
C VAL A 58 0.01 -6.56 -0.13
N GLN A 59 1.12 -6.63 -0.76
CA GLN A 59 2.20 -5.72 -0.51
C GLN A 59 2.24 -4.77 -1.70
N PHE A 60 3.15 -3.85 -1.73
CA PHE A 60 3.23 -2.91 -2.83
C PHE A 60 3.97 -3.58 -4.00
N LEU A 61 3.38 -3.54 -5.17
CA LEU A 61 3.98 -4.15 -6.33
C LEU A 61 4.59 -3.08 -7.21
N HIS A 62 3.75 -2.16 -7.62
CA HIS A 62 4.16 -1.06 -8.45
C HIS A 62 3.16 0.03 -8.31
N ASP A 63 3.54 1.21 -8.68
CA ASP A 63 2.65 2.34 -8.64
C ASP A 63 1.79 2.31 -9.88
N GLY A 64 0.67 2.96 -9.81
CA GLY A 64 -0.23 3.00 -10.92
C GLY A 64 -1.17 1.83 -10.89
N SER A 65 -2.18 1.88 -11.71
CA SER A 65 -3.14 0.81 -11.84
C SER A 65 -2.42 -0.48 -12.30
N CYS A 66 -2.87 -1.62 -11.83
CA CYS A 66 -2.23 -2.91 -12.13
C CYS A 66 -2.22 -3.21 -13.63
N SER A 1 23.98 -3.14 10.00
CA SER A 1 23.19 -4.32 9.75
C SER A 1 23.90 -5.54 10.35
N GLU A 2 23.22 -6.68 10.39
CA GLU A 2 23.78 -7.90 10.95
C GLU A 2 24.70 -8.53 9.92
N ALA A 3 24.28 -8.49 8.68
CA ALA A 3 25.03 -9.00 7.57
C ALA A 3 24.52 -8.34 6.31
N ALA A 4 23.24 -8.50 6.08
CA ALA A 4 22.58 -7.93 4.93
C ALA A 4 21.09 -7.76 5.23
N SER A 5 20.71 -6.58 5.61
CA SER A 5 19.34 -6.29 5.90
C SER A 5 18.65 -5.73 4.65
N LEU A 6 19.40 -4.87 3.94
CA LEU A 6 18.96 -4.17 2.72
C LEU A 6 17.87 -3.16 2.97
N SER A 7 17.75 -2.22 2.08
CA SER A 7 16.72 -1.23 2.13
C SER A 7 15.53 -1.75 1.34
N PRO A 8 14.42 -2.07 2.01
CA PRO A 8 13.25 -2.58 1.33
C PRO A 8 12.46 -1.45 0.68
N LYS A 9 12.59 -1.33 -0.62
CA LYS A 9 11.86 -0.31 -1.32
C LYS A 9 10.46 -0.79 -1.61
N LYS A 10 9.59 -0.39 -0.73
CA LYS A 10 8.21 -0.74 -0.75
C LYS A 10 7.49 0.48 -0.25
N VAL A 11 6.18 0.51 -0.39
CA VAL A 11 5.39 1.65 0.03
C VAL A 11 5.47 1.80 1.57
N ASP A 12 5.34 3.00 2.09
CA ASP A 12 5.41 3.18 3.53
C ASP A 12 4.06 3.00 4.16
N CYS A 13 3.93 1.93 4.85
CA CYS A 13 2.72 1.58 5.54
C CYS A 13 2.91 1.90 7.03
N SER A 14 4.10 2.38 7.37
CA SER A 14 4.52 2.62 8.73
C SER A 14 3.67 3.70 9.41
N ILE A 15 3.40 4.79 8.70
CA ILE A 15 2.62 5.87 9.27
C ILE A 15 1.14 5.54 9.43
N TYR A 16 0.65 4.61 8.63
CA TYR A 16 -0.75 4.24 8.70
C TYR A 16 -0.99 3.21 9.79
N LYS A 17 0.11 2.65 10.29
CA LYS A 17 0.07 1.71 11.41
C LYS A 17 -0.32 2.42 12.71
N LYS A 18 -0.25 3.75 12.66
CA LYS A 18 -0.64 4.58 13.79
C LYS A 18 -2.15 4.68 13.91
N TYR A 19 -2.84 4.06 12.98
CA TYR A 19 -4.27 4.04 12.98
C TYR A 19 -4.70 2.59 13.17
N PRO A 20 -5.90 2.37 13.72
CA PRO A 20 -6.45 1.02 13.85
C PRO A 20 -6.60 0.38 12.47
N VAL A 21 -6.11 -0.83 12.34
CA VAL A 21 -6.08 -1.57 11.07
C VAL A 21 -7.46 -1.65 10.38
N VAL A 22 -8.53 -1.72 11.14
CA VAL A 22 -9.83 -1.83 10.52
C VAL A 22 -10.35 -0.46 10.05
N ALA A 23 -9.91 0.60 10.69
CA ALA A 23 -10.34 1.94 10.32
C ALA A 23 -9.16 2.85 10.09
N ILE A 24 -8.72 2.97 8.87
CA ILE A 24 -7.60 3.83 8.58
C ILE A 24 -8.06 5.04 7.75
N PRO A 25 -7.90 6.25 8.30
CA PRO A 25 -8.24 7.49 7.59
C PRO A 25 -7.26 7.75 6.46
N CYS A 26 -7.78 8.12 5.33
CA CYS A 26 -6.98 8.28 4.14
C CYS A 26 -7.08 9.68 3.60
N PRO A 27 -6.01 10.17 2.95
CA PRO A 27 -6.02 11.48 2.31
C PRO A 27 -6.94 11.48 1.09
N ILE A 28 -7.32 12.63 0.63
CA ILE A 28 -8.17 12.71 -0.55
C ILE A 28 -7.32 12.62 -1.80
N THR A 29 -6.01 12.75 -1.61
CA THR A 29 -5.06 12.63 -2.68
C THR A 29 -5.16 11.21 -3.27
N TYR A 30 -5.34 11.13 -4.56
CA TYR A 30 -5.50 9.86 -5.24
C TYR A 30 -4.18 9.49 -5.89
N LEU A 31 -3.55 8.47 -5.38
CA LEU A 31 -2.31 7.97 -5.91
C LEU A 31 -2.53 6.53 -6.28
N PRO A 32 -2.73 6.22 -7.57
CA PRO A 32 -2.99 4.86 -7.99
C PRO A 32 -1.79 3.96 -7.65
N VAL A 33 -2.02 3.00 -6.84
CA VAL A 33 -1.01 2.05 -6.49
C VAL A 33 -1.54 0.65 -6.69
N CYS A 34 -0.71 -0.21 -7.13
CA CYS A 34 -1.11 -1.55 -7.43
C CYS A 34 -0.58 -2.49 -6.39
N GLY A 35 -1.46 -3.27 -5.83
CA GLY A 35 -1.07 -4.24 -4.86
C GLY A 35 -0.76 -5.55 -5.52
N SER A 36 0.00 -6.39 -4.83
CA SER A 36 0.39 -7.73 -5.31
C SER A 36 -0.82 -8.58 -5.69
N ASP A 37 -1.98 -8.27 -5.12
CA ASP A 37 -3.20 -9.01 -5.36
C ASP A 37 -3.94 -8.45 -6.59
N TYR A 38 -3.25 -7.58 -7.32
CA TYR A 38 -3.71 -6.97 -8.58
C TYR A 38 -4.93 -6.09 -8.37
N ILE A 39 -5.02 -5.54 -7.21
CA ILE A 39 -6.07 -4.63 -6.89
C ILE A 39 -5.46 -3.23 -6.93
N THR A 40 -6.06 -2.36 -7.69
CA THR A 40 -5.61 -1.01 -7.75
C THR A 40 -6.22 -0.24 -6.59
N TYR A 41 -5.39 0.37 -5.82
CA TYR A 41 -5.82 1.10 -4.70
C TYR A 41 -5.75 2.57 -5.02
N GLY A 42 -6.70 3.31 -4.48
CA GLY A 42 -6.80 4.73 -4.72
C GLY A 42 -5.66 5.53 -4.14
N ASN A 43 -4.96 4.94 -3.20
CA ASN A 43 -3.79 5.52 -2.57
C ASN A 43 -3.14 4.49 -1.70
N GLU A 44 -1.99 4.82 -1.17
CA GLU A 44 -1.21 3.88 -0.39
C GLU A 44 -1.87 3.59 0.93
N CYS A 45 -2.63 4.54 1.42
CA CYS A 45 -3.40 4.38 2.61
C CYS A 45 -4.28 3.14 2.51
N HIS A 46 -5.06 3.07 1.42
CA HIS A 46 -5.96 1.93 1.20
C HIS A 46 -5.17 0.64 1.04
N LEU A 47 -4.03 0.74 0.38
CA LEU A 47 -3.14 -0.41 0.20
C LEU A 47 -2.63 -0.91 1.55
N CYS A 48 -2.14 0.02 2.34
CA CYS A 48 -1.59 -0.25 3.66
C CYS A 48 -2.64 -0.90 4.56
N THR A 49 -3.89 -0.43 4.46
CA THR A 49 -4.98 -0.98 5.25
C THR A 49 -5.11 -2.48 5.01
N GLU A 50 -5.15 -2.87 3.75
CA GLU A 50 -5.30 -4.25 3.39
C GLU A 50 -4.03 -5.04 3.68
N SER A 51 -2.89 -4.41 3.47
CA SER A 51 -1.60 -4.99 3.74
C SER A 51 -1.45 -5.41 5.21
N LEU A 52 -1.89 -4.55 6.11
CA LEU A 52 -1.84 -4.85 7.54
C LEU A 52 -2.92 -5.86 7.90
N LYS A 53 -4.09 -5.66 7.33
CA LYS A 53 -5.27 -6.48 7.57
C LYS A 53 -5.02 -7.95 7.24
N SER A 54 -4.41 -8.19 6.11
CA SER A 54 -4.14 -9.55 5.67
C SER A 54 -2.67 -9.92 5.97
N ASN A 55 -2.02 -9.12 6.81
CA ASN A 55 -0.62 -9.28 7.28
C ASN A 55 0.36 -9.65 6.17
N GLY A 56 0.70 -8.67 5.39
CA GLY A 56 1.71 -8.85 4.37
C GLY A 56 1.25 -9.71 3.20
N ARG A 57 -0.04 -9.94 3.07
CA ARG A 57 -0.54 -10.68 1.93
C ARG A 57 -0.43 -9.78 0.71
N VAL A 58 -1.14 -8.68 0.74
CA VAL A 58 -1.05 -7.74 -0.33
C VAL A 58 0.07 -6.80 0.00
N GLN A 59 0.92 -6.57 -0.93
CA GLN A 59 2.01 -5.67 -0.76
C GLN A 59 2.02 -4.73 -1.91
N PHE A 60 2.86 -3.77 -1.84
CA PHE A 60 3.08 -2.85 -2.93
C PHE A 60 3.73 -3.59 -4.09
N LEU A 61 3.00 -3.74 -5.17
CA LEU A 61 3.52 -4.44 -6.33
C LEU A 61 4.27 -3.44 -7.20
N HIS A 62 3.58 -2.38 -7.58
CA HIS A 62 4.17 -1.32 -8.37
C HIS A 62 3.34 -0.07 -8.26
N ASP A 63 3.94 1.04 -8.62
CA ASP A 63 3.27 2.32 -8.66
C ASP A 63 2.34 2.32 -9.85
N GLY A 64 1.24 2.98 -9.74
CA GLY A 64 0.33 3.07 -10.83
C GLY A 64 -0.73 2.01 -10.76
N SER A 65 -1.73 2.15 -11.57
CA SER A 65 -2.82 1.21 -11.63
C SER A 65 -2.31 -0.17 -12.12
N CYS A 66 -2.96 -1.22 -11.66
CA CYS A 66 -2.60 -2.55 -12.06
C CYS A 66 -2.92 -2.75 -13.52
N SER A 1 17.70 3.04 -16.20
CA SER A 1 16.43 2.35 -15.97
C SER A 1 15.47 3.26 -15.21
N GLU A 2 14.46 3.74 -15.90
CA GLU A 2 13.50 4.62 -15.29
C GLU A 2 12.52 3.88 -14.39
N ALA A 3 11.78 4.63 -13.58
CA ALA A 3 10.81 4.11 -12.58
C ALA A 3 11.52 3.56 -11.33
N ALA A 4 12.75 3.05 -11.54
CA ALA A 4 13.65 2.55 -10.50
C ALA A 4 13.21 1.21 -9.91
N SER A 5 14.11 0.26 -9.94
CA SER A 5 13.89 -1.05 -9.37
C SER A 5 15.21 -1.57 -8.80
N LEU A 6 16.03 -0.62 -8.31
CA LEU A 6 17.37 -0.92 -7.77
C LEU A 6 17.19 -1.44 -6.35
N SER A 7 16.07 -1.11 -5.79
CA SER A 7 15.68 -1.49 -4.49
C SER A 7 14.24 -1.99 -4.60
N PRO A 8 13.82 -2.96 -3.79
CA PRO A 8 12.44 -3.39 -3.76
C PRO A 8 11.60 -2.29 -3.14
N LYS A 9 11.19 -1.36 -3.96
CA LYS A 9 10.41 -0.23 -3.52
C LYS A 9 9.09 -0.69 -2.95
N LYS A 10 8.73 -0.12 -1.85
CA LYS A 10 7.57 -0.57 -1.17
C LYS A 10 6.87 0.64 -0.56
N VAL A 11 5.60 0.50 -0.31
CA VAL A 11 4.80 1.58 0.25
C VAL A 11 5.18 1.79 1.72
N ASP A 12 5.16 3.03 2.16
CA ASP A 12 5.39 3.31 3.55
C ASP A 12 4.10 3.07 4.26
N CYS A 13 4.00 1.92 4.83
CA CYS A 13 2.82 1.53 5.52
C CYS A 13 3.03 1.86 7.00
N SER A 14 4.28 2.06 7.39
CA SER A 14 4.64 2.35 8.76
C SER A 14 4.02 3.66 9.31
N ILE A 15 3.74 4.62 8.44
CA ILE A 15 3.08 5.84 8.85
C ILE A 15 1.57 5.65 9.05
N TYR A 16 1.01 4.64 8.42
CA TYR A 16 -0.42 4.36 8.55
C TYR A 16 -0.64 3.27 9.57
N LYS A 17 0.42 2.54 9.81
CA LYS A 17 0.43 1.41 10.73
C LYS A 17 0.23 1.89 12.17
N LYS A 18 0.39 3.17 12.39
CA LYS A 18 0.18 3.74 13.70
C LYS A 18 -1.31 4.02 13.95
N TYR A 19 -2.13 3.79 12.95
CA TYR A 19 -3.56 3.93 13.09
C TYR A 19 -4.15 2.52 13.26
N PRO A 20 -5.35 2.39 13.86
CA PRO A 20 -6.03 1.08 13.98
C PRO A 20 -6.22 0.42 12.61
N VAL A 21 -5.94 -0.88 12.51
CA VAL A 21 -5.97 -1.63 11.23
C VAL A 21 -7.31 -1.54 10.49
N VAL A 22 -8.41 -1.30 11.19
CA VAL A 22 -9.68 -1.18 10.52
C VAL A 22 -10.00 0.27 10.17
N ALA A 23 -9.44 1.21 10.91
CA ALA A 23 -9.74 2.59 10.68
C ALA A 23 -8.48 3.40 10.45
N ILE A 24 -8.14 3.55 9.21
CA ILE A 24 -7.00 4.32 8.83
C ILE A 24 -7.50 5.43 7.93
N PRO A 25 -7.37 6.70 8.35
CA PRO A 25 -7.87 7.81 7.55
C PRO A 25 -7.06 7.96 6.28
N CYS A 26 -7.74 8.12 5.18
CA CYS A 26 -7.10 8.19 3.90
C CYS A 26 -7.28 9.57 3.30
N PRO A 27 -6.23 10.08 2.63
CA PRO A 27 -6.31 11.36 1.94
C PRO A 27 -7.29 11.28 0.77
N ILE A 28 -7.78 12.41 0.33
CA ILE A 28 -8.76 12.43 -0.76
C ILE A 28 -8.07 12.37 -2.10
N THR A 29 -6.78 12.58 -2.09
CA THR A 29 -5.99 12.53 -3.28
C THR A 29 -5.90 11.08 -3.76
N TYR A 30 -6.15 10.88 -5.01
CA TYR A 30 -6.13 9.58 -5.60
C TYR A 30 -4.76 9.36 -6.24
N LEU A 31 -4.02 8.46 -5.70
CA LEU A 31 -2.74 8.10 -6.22
C LEU A 31 -2.79 6.61 -6.46
N PRO A 32 -3.04 6.18 -7.71
CA PRO A 32 -3.20 4.77 -8.01
C PRO A 32 -1.96 3.98 -7.64
N VAL A 33 -2.15 2.96 -6.87
CA VAL A 33 -1.08 2.07 -6.50
C VAL A 33 -1.53 0.65 -6.75
N CYS A 34 -0.62 -0.19 -7.08
CA CYS A 34 -0.92 -1.56 -7.36
C CYS A 34 -0.26 -2.48 -6.37
N GLY A 35 -1.02 -3.38 -5.82
CA GLY A 35 -0.48 -4.32 -4.91
C GLY A 35 -0.12 -5.61 -5.60
N SER A 36 0.60 -6.47 -4.91
CA SER A 36 1.02 -7.78 -5.44
C SER A 36 -0.18 -8.73 -5.54
N ASP A 37 -1.30 -8.28 -5.00
CA ASP A 37 -2.56 -9.00 -5.02
C ASP A 37 -3.28 -8.64 -6.34
N TYR A 38 -2.63 -7.72 -7.09
CA TYR A 38 -3.06 -7.22 -8.41
C TYR A 38 -4.32 -6.41 -8.34
N ILE A 39 -4.52 -5.82 -7.20
CA ILE A 39 -5.61 -4.94 -6.99
C ILE A 39 -5.07 -3.52 -7.02
N THR A 40 -5.74 -2.67 -7.73
CA THR A 40 -5.38 -1.29 -7.78
C THR A 40 -6.08 -0.56 -6.64
N TYR A 41 -5.33 0.17 -5.89
CA TYR A 41 -5.84 0.89 -4.78
C TYR A 41 -5.86 2.36 -5.10
N GLY A 42 -6.85 3.05 -4.55
CA GLY A 42 -7.04 4.47 -4.78
C GLY A 42 -5.89 5.28 -4.26
N ASN A 43 -5.23 4.77 -3.25
CA ASN A 43 -4.04 5.35 -2.70
C ASN A 43 -3.43 4.42 -1.69
N GLU A 44 -2.24 4.76 -1.28
CA GLU A 44 -1.42 3.99 -0.36
C GLU A 44 -2.09 3.68 0.98
N CYS A 45 -2.98 4.55 1.41
CA CYS A 45 -3.69 4.36 2.66
C CYS A 45 -4.53 3.10 2.60
N HIS A 46 -5.23 2.92 1.48
CA HIS A 46 -6.10 1.77 1.31
C HIS A 46 -5.26 0.51 1.16
N LEU A 47 -4.14 0.65 0.47
CA LEU A 47 -3.19 -0.44 0.29
C LEU A 47 -2.64 -0.90 1.63
N CYS A 48 -2.18 0.05 2.43
CA CYS A 48 -1.63 -0.25 3.75
C CYS A 48 -2.70 -0.88 4.65
N THR A 49 -3.93 -0.35 4.59
CA THR A 49 -5.05 -0.88 5.39
C THR A 49 -5.29 -2.35 5.01
N GLU A 50 -5.40 -2.60 3.71
CA GLU A 50 -5.67 -3.92 3.17
C GLU A 50 -4.53 -4.87 3.52
N SER A 51 -3.31 -4.35 3.49
CA SER A 51 -2.12 -5.11 3.77
C SER A 51 -2.12 -5.57 5.23
N LEU A 52 -2.17 -4.61 6.15
CA LEU A 52 -2.11 -4.88 7.59
C LEU A 52 -3.20 -5.81 8.03
N LYS A 53 -4.41 -5.54 7.56
CA LYS A 53 -5.60 -6.33 7.87
C LYS A 53 -5.41 -7.80 7.46
N SER A 54 -4.68 -8.01 6.40
CA SER A 54 -4.52 -9.32 5.84
C SER A 54 -3.13 -9.91 6.15
N ASN A 55 -2.44 -9.34 7.15
CA ASN A 55 -1.09 -9.84 7.61
C ASN A 55 -0.02 -9.71 6.52
N GLY A 56 -0.25 -8.82 5.58
CA GLY A 56 0.70 -8.63 4.51
C GLY A 56 0.41 -9.48 3.30
N ARG A 57 -0.88 -9.80 3.09
CA ARG A 57 -1.33 -10.57 1.90
C ARG A 57 -0.90 -9.82 0.65
N VAL A 58 -1.24 -8.56 0.64
CA VAL A 58 -0.90 -7.69 -0.43
C VAL A 58 0.30 -6.83 -0.02
N GLN A 59 1.23 -6.74 -0.91
CA GLN A 59 2.39 -5.90 -0.77
C GLN A 59 2.33 -4.88 -1.87
N PHE A 60 3.04 -3.80 -1.73
CA PHE A 60 3.14 -2.83 -2.80
C PHE A 60 3.94 -3.45 -3.94
N LEU A 61 3.34 -3.53 -5.10
CA LEU A 61 3.97 -4.13 -6.23
C LEU A 61 4.63 -3.02 -7.04
N HIS A 62 3.83 -2.09 -7.50
CA HIS A 62 4.29 -0.94 -8.24
C HIS A 62 3.23 0.10 -8.13
N ASP A 63 3.57 1.35 -8.30
CA ASP A 63 2.55 2.36 -8.24
C ASP A 63 1.89 2.42 -9.60
N GLY A 64 0.79 3.07 -9.66
CA GLY A 64 0.06 3.11 -10.87
C GLY A 64 -0.94 2.00 -10.88
N SER A 65 -1.84 2.04 -11.80
CA SER A 65 -2.85 1.04 -11.93
C SER A 65 -2.21 -0.29 -12.36
N CYS A 66 -2.77 -1.39 -11.89
CA CYS A 66 -2.25 -2.71 -12.20
C CYS A 66 -2.39 -3.01 -13.68
N SER A 1 9.71 10.63 -9.26
CA SER A 1 9.45 9.30 -8.77
C SER A 1 10.69 8.74 -8.08
N GLU A 2 10.49 7.91 -7.09
CA GLU A 2 11.59 7.29 -6.36
C GLU A 2 11.77 5.86 -6.86
N ALA A 3 12.70 5.68 -7.79
CA ALA A 3 12.91 4.40 -8.41
C ALA A 3 14.26 4.40 -9.12
N ALA A 4 14.52 3.33 -9.87
CA ALA A 4 15.72 3.13 -10.71
C ALA A 4 16.98 2.89 -9.89
N SER A 5 17.40 3.90 -9.17
CA SER A 5 18.59 3.84 -8.37
C SER A 5 18.32 3.05 -7.07
N LEU A 6 19.18 3.18 -6.06
CA LEU A 6 18.98 2.49 -4.80
C LEU A 6 17.84 3.19 -4.03
N SER A 7 16.66 2.91 -4.46
CA SER A 7 15.42 3.38 -3.89
C SER A 7 14.29 2.46 -4.36
N PRO A 8 14.09 1.34 -3.69
CA PRO A 8 13.00 0.44 -3.99
C PRO A 8 11.79 0.86 -3.17
N LYS A 9 11.12 1.89 -3.64
CA LYS A 9 10.04 2.47 -2.90
C LYS A 9 8.83 1.56 -2.85
N LYS A 10 8.24 1.52 -1.70
CA LYS A 10 7.06 0.76 -1.43
C LYS A 10 6.13 1.65 -0.66
N VAL A 11 4.94 1.18 -0.37
CA VAL A 11 4.00 1.93 0.43
C VAL A 11 4.54 2.08 1.84
N ASP A 12 4.53 3.27 2.37
CA ASP A 12 4.93 3.38 3.72
C ASP A 12 3.74 3.12 4.55
N CYS A 13 3.63 1.91 4.98
CA CYS A 13 2.52 1.48 5.76
C CYS A 13 2.85 1.75 7.23
N SER A 14 4.12 2.05 7.49
CA SER A 14 4.61 2.35 8.80
C SER A 14 3.93 3.59 9.38
N ILE A 15 3.70 4.60 8.55
CA ILE A 15 2.99 5.80 9.02
C ILE A 15 1.51 5.53 9.34
N TYR A 16 0.97 4.43 8.85
CA TYR A 16 -0.43 4.15 9.10
C TYR A 16 -0.62 3.16 10.24
N LYS A 17 0.49 2.63 10.76
CA LYS A 17 0.48 1.71 11.92
C LYS A 17 -0.16 2.38 13.16
N LYS A 18 -0.17 3.71 13.19
CA LYS A 18 -0.75 4.46 14.30
C LYS A 18 -2.29 4.54 14.24
N TYR A 19 -2.87 3.85 13.29
CA TYR A 19 -4.30 3.78 13.15
C TYR A 19 -4.68 2.31 13.30
N PRO A 20 -5.91 2.01 13.77
CA PRO A 20 -6.38 0.62 13.83
C PRO A 20 -6.41 0.02 12.41
N VAL A 21 -5.88 -1.18 12.24
CA VAL A 21 -5.69 -1.79 10.94
C VAL A 21 -6.98 -1.93 10.11
N VAL A 22 -8.13 -1.97 10.76
CA VAL A 22 -9.37 -2.06 10.02
C VAL A 22 -9.94 -0.68 9.68
N ALA A 23 -9.61 0.32 10.48
CA ALA A 23 -10.12 1.64 10.27
C ALA A 23 -8.99 2.64 10.16
N ILE A 24 -8.57 2.92 8.97
CA ILE A 24 -7.52 3.87 8.74
C ILE A 24 -8.06 5.00 7.90
N PRO A 25 -8.09 6.24 8.42
CA PRO A 25 -8.53 7.39 7.62
C PRO A 25 -7.53 7.64 6.51
N CYS A 26 -8.02 7.84 5.34
CA CYS A 26 -7.19 8.00 4.18
C CYS A 26 -7.36 9.38 3.59
N PRO A 27 -6.31 9.91 2.95
CA PRO A 27 -6.37 11.20 2.28
C PRO A 27 -7.29 11.16 1.07
N ILE A 28 -7.70 12.32 0.62
CA ILE A 28 -8.57 12.41 -0.56
C ILE A 28 -7.73 12.34 -1.82
N THR A 29 -6.42 12.37 -1.63
CA THR A 29 -5.47 12.23 -2.68
C THR A 29 -5.61 10.84 -3.29
N TYR A 30 -5.99 10.79 -4.52
CA TYR A 30 -6.13 9.56 -5.20
C TYR A 30 -4.80 9.26 -5.86
N LEU A 31 -4.22 8.17 -5.50
CA LEU A 31 -2.94 7.75 -6.01
C LEU A 31 -3.05 6.30 -6.38
N PRO A 32 -3.25 5.99 -7.67
CA PRO A 32 -3.40 4.61 -8.10
C PRO A 32 -2.15 3.82 -7.82
N VAL A 33 -2.30 2.80 -7.03
CA VAL A 33 -1.21 1.92 -6.71
C VAL A 33 -1.66 0.50 -6.90
N CYS A 34 -0.76 -0.36 -7.20
CA CYS A 34 -1.06 -1.73 -7.43
C CYS A 34 -0.45 -2.59 -6.36
N GLY A 35 -1.26 -3.40 -5.73
CA GLY A 35 -0.80 -4.27 -4.71
C GLY A 35 -0.41 -5.61 -5.26
N SER A 36 0.36 -6.36 -4.48
CA SER A 36 0.87 -7.70 -4.83
C SER A 36 -0.23 -8.66 -5.31
N ASP A 37 -1.46 -8.40 -4.88
CA ASP A 37 -2.59 -9.26 -5.16
C ASP A 37 -3.25 -8.89 -6.50
N TYR A 38 -2.60 -7.97 -7.24
CA TYR A 38 -3.07 -7.47 -8.55
C TYR A 38 -4.30 -6.60 -8.39
N ILE A 39 -4.38 -5.96 -7.25
CA ILE A 39 -5.47 -5.08 -6.93
C ILE A 39 -5.00 -3.64 -6.99
N THR A 40 -5.68 -2.85 -7.78
CA THR A 40 -5.43 -1.45 -7.85
C THR A 40 -6.14 -0.77 -6.68
N TYR A 41 -5.42 -0.02 -5.90
CA TYR A 41 -5.96 0.68 -4.78
C TYR A 41 -6.05 2.15 -5.08
N GLY A 42 -6.95 2.83 -4.39
CA GLY A 42 -7.18 4.23 -4.63
C GLY A 42 -6.07 5.12 -4.14
N ASN A 43 -5.28 4.61 -3.22
CA ASN A 43 -4.11 5.31 -2.70
C ASN A 43 -3.32 4.39 -1.83
N GLU A 44 -2.18 4.85 -1.41
CA GLU A 44 -1.27 4.07 -0.61
C GLU A 44 -1.83 3.75 0.78
N CYS A 45 -2.60 4.67 1.32
CA CYS A 45 -3.29 4.48 2.57
C CYS A 45 -4.17 3.23 2.50
N HIS A 46 -5.00 3.15 1.46
CA HIS A 46 -5.91 2.02 1.29
C HIS A 46 -5.16 0.73 1.08
N LEU A 47 -4.04 0.82 0.37
CA LEU A 47 -3.16 -0.31 0.18
C LEU A 47 -2.63 -0.77 1.52
N CYS A 48 -2.20 0.17 2.34
CA CYS A 48 -1.70 -0.11 3.67
C CYS A 48 -2.78 -0.76 4.55
N THR A 49 -4.02 -0.26 4.45
CA THR A 49 -5.14 -0.79 5.22
C THR A 49 -5.31 -2.30 4.93
N GLU A 50 -5.41 -2.65 3.65
CA GLU A 50 -5.52 -4.05 3.26
C GLU A 50 -4.23 -4.82 3.56
N SER A 51 -3.10 -4.16 3.43
CA SER A 51 -1.80 -4.76 3.69
C SER A 51 -1.72 -5.27 5.14
N LEU A 52 -2.21 -4.48 6.06
CA LEU A 52 -2.20 -4.84 7.47
C LEU A 52 -3.22 -5.93 7.75
N LYS A 53 -4.38 -5.83 7.11
CA LYS A 53 -5.45 -6.80 7.26
C LYS A 53 -5.04 -8.19 6.72
N SER A 54 -4.34 -8.21 5.59
CA SER A 54 -3.87 -9.45 5.01
C SER A 54 -2.50 -9.85 5.61
N ASN A 55 -2.00 -9.01 6.51
CA ASN A 55 -0.74 -9.20 7.24
C ASN A 55 0.45 -9.34 6.29
N GLY A 56 0.77 -8.25 5.61
CA GLY A 56 1.94 -8.19 4.74
C GLY A 56 1.84 -9.07 3.50
N ARG A 57 0.66 -9.57 3.22
CA ARG A 57 0.46 -10.44 2.08
C ARG A 57 0.35 -9.59 0.84
N VAL A 58 -0.51 -8.60 0.90
CA VAL A 58 -0.61 -7.67 -0.17
C VAL A 58 0.22 -6.45 0.18
N GLN A 59 1.22 -6.21 -0.62
CA GLN A 59 2.11 -5.09 -0.43
C GLN A 59 2.15 -4.29 -1.69
N PHE A 60 2.95 -3.27 -1.70
CA PHE A 60 3.12 -2.44 -2.86
C PHE A 60 3.86 -3.24 -3.94
N LEU A 61 3.18 -3.50 -5.02
CA LEU A 61 3.77 -4.23 -6.13
C LEU A 61 4.42 -3.21 -7.05
N HIS A 62 3.65 -2.24 -7.48
CA HIS A 62 4.12 -1.17 -8.32
C HIS A 62 3.18 -0.01 -8.24
N ASP A 63 3.66 1.16 -8.59
CA ASP A 63 2.83 2.36 -8.61
C ASP A 63 1.99 2.30 -9.86
N GLY A 64 0.90 3.00 -9.85
CA GLY A 64 0.02 3.00 -10.97
C GLY A 64 -0.94 1.85 -10.89
N SER A 65 -1.96 1.88 -11.69
CA SER A 65 -2.94 0.84 -11.74
C SER A 65 -2.29 -0.45 -12.26
N CYS A 66 -2.79 -1.58 -11.86
CA CYS A 66 -2.25 -2.86 -12.27
C CYS A 66 -2.46 -3.04 -13.77
N SER A 1 11.69 -13.04 -12.82
CA SER A 1 12.96 -13.14 -12.16
C SER A 1 14.02 -13.28 -13.22
N GLU A 2 14.55 -12.15 -13.65
CA GLU A 2 15.47 -12.13 -14.74
C GLU A 2 16.89 -12.08 -14.20
N ALA A 3 17.28 -10.93 -13.76
CA ALA A 3 18.58 -10.69 -13.19
C ALA A 3 18.38 -9.79 -12.01
N ALA A 4 19.46 -9.33 -11.39
CA ALA A 4 19.42 -8.41 -10.25
C ALA A 4 18.57 -9.02 -9.11
N SER A 5 18.02 -8.18 -8.27
CA SER A 5 17.21 -8.64 -7.20
C SER A 5 15.87 -7.90 -7.23
N LEU A 6 14.80 -8.61 -7.55
CA LEU A 6 13.48 -8.02 -7.56
C LEU A 6 12.93 -7.95 -6.14
N SER A 7 13.33 -6.91 -5.46
CA SER A 7 12.94 -6.67 -4.12
C SER A 7 11.53 -6.10 -4.10
N PRO A 8 10.67 -6.52 -3.17
CA PRO A 8 9.34 -5.99 -3.07
C PRO A 8 9.38 -4.58 -2.49
N LYS A 9 9.37 -3.61 -3.38
CA LYS A 9 9.32 -2.22 -3.02
C LYS A 9 8.04 -1.98 -2.27
N LYS A 10 8.14 -1.78 -1.00
CA LYS A 10 6.98 -1.56 -0.21
C LYS A 10 6.75 -0.09 -0.03
N VAL A 11 5.52 0.29 -0.01
CA VAL A 11 5.18 1.64 0.28
C VAL A 11 5.17 1.76 1.80
N ASP A 12 5.28 2.95 2.32
CA ASP A 12 5.33 3.11 3.75
C ASP A 12 3.97 2.93 4.36
N CYS A 13 3.86 1.92 5.16
CA CYS A 13 2.67 1.59 5.87
C CYS A 13 2.92 1.90 7.36
N SER A 14 4.14 2.32 7.65
CA SER A 14 4.61 2.59 8.99
C SER A 14 3.82 3.75 9.61
N ILE A 15 3.56 4.78 8.81
CA ILE A 15 2.82 5.93 9.30
C ILE A 15 1.35 5.59 9.59
N TYR A 16 0.85 4.53 8.98
CA TYR A 16 -0.54 4.17 9.16
C TYR A 16 -0.70 3.16 10.30
N LYS A 17 0.44 2.65 10.80
CA LYS A 17 0.44 1.70 11.94
C LYS A 17 -0.08 2.40 13.21
N LYS A 18 -0.14 3.72 13.16
CA LYS A 18 -0.57 4.55 14.28
C LYS A 18 -2.10 4.64 14.37
N TYR A 19 -2.79 4.01 13.43
CA TYR A 19 -4.23 4.03 13.39
C TYR A 19 -4.73 2.59 13.43
N PRO A 20 -5.92 2.31 13.97
CA PRO A 20 -6.50 0.97 13.94
C PRO A 20 -6.83 0.58 12.49
N VAL A 21 -6.67 -0.70 12.16
CA VAL A 21 -6.83 -1.18 10.77
C VAL A 21 -8.18 -0.80 10.15
N VAL A 22 -9.24 -0.85 10.95
CA VAL A 22 -10.56 -0.54 10.44
C VAL A 22 -10.76 0.99 10.28
N ALA A 23 -10.06 1.79 11.05
CA ALA A 23 -10.18 3.22 10.92
C ALA A 23 -8.84 3.87 10.70
N ILE A 24 -8.49 4.03 9.47
CA ILE A 24 -7.26 4.69 9.10
C ILE A 24 -7.65 5.84 8.22
N PRO A 25 -7.46 7.09 8.65
CA PRO A 25 -7.79 8.22 7.81
C PRO A 25 -6.92 8.22 6.57
N CYS A 26 -7.55 8.41 5.45
CA CYS A 26 -6.89 8.39 4.20
C CYS A 26 -7.21 9.65 3.47
N PRO A 27 -6.27 10.20 2.72
CA PRO A 27 -6.51 11.42 1.99
C PRO A 27 -7.47 11.19 0.84
N ILE A 28 -8.03 12.26 0.32
CA ILE A 28 -8.94 12.16 -0.81
C ILE A 28 -8.15 12.17 -2.11
N THR A 29 -6.86 12.26 -1.95
CA THR A 29 -5.91 12.17 -3.01
C THR A 29 -5.97 10.78 -3.61
N TYR A 30 -6.12 10.72 -4.91
CA TYR A 30 -6.20 9.47 -5.59
C TYR A 30 -4.88 9.20 -6.26
N LEU A 31 -4.17 8.25 -5.75
CA LEU A 31 -2.90 7.85 -6.28
C LEU A 31 -2.98 6.37 -6.57
N PRO A 32 -3.25 5.99 -7.84
CA PRO A 32 -3.39 4.60 -8.21
C PRO A 32 -2.14 3.82 -7.90
N VAL A 33 -2.26 2.86 -7.05
CA VAL A 33 -1.17 2.00 -6.72
C VAL A 33 -1.62 0.57 -6.89
N CYS A 34 -0.72 -0.29 -7.22
CA CYS A 34 -1.07 -1.66 -7.42
C CYS A 34 -0.42 -2.52 -6.37
N GLY A 35 -1.22 -3.32 -5.70
CA GLY A 35 -0.72 -4.22 -4.71
C GLY A 35 -0.42 -5.55 -5.33
N SER A 36 0.32 -6.37 -4.64
CA SER A 36 0.70 -7.69 -5.13
C SER A 36 -0.52 -8.64 -5.23
N ASP A 37 -1.67 -8.16 -4.78
CA ASP A 37 -2.92 -8.92 -4.84
C ASP A 37 -3.59 -8.61 -6.20
N TYR A 38 -2.92 -7.77 -6.99
CA TYR A 38 -3.31 -7.37 -8.35
C TYR A 38 -4.55 -6.48 -8.33
N ILE A 39 -4.74 -5.84 -7.20
CA ILE A 39 -5.81 -4.90 -7.00
C ILE A 39 -5.24 -3.50 -7.12
N THR A 40 -5.89 -2.66 -7.87
CA THR A 40 -5.51 -1.29 -7.94
C THR A 40 -6.20 -0.52 -6.83
N TYR A 41 -5.41 0.08 -5.99
CA TYR A 41 -5.90 0.81 -4.86
C TYR A 41 -5.96 2.27 -5.19
N GLY A 42 -6.88 2.97 -4.52
CA GLY A 42 -7.08 4.38 -4.74
C GLY A 42 -5.96 5.23 -4.21
N ASN A 43 -5.17 4.66 -3.31
CA ASN A 43 -3.99 5.32 -2.74
C ASN A 43 -3.26 4.36 -1.83
N GLU A 44 -2.11 4.80 -1.35
CA GLU A 44 -1.21 3.99 -0.53
C GLU A 44 -1.86 3.65 0.79
N CYS A 45 -2.67 4.57 1.29
CA CYS A 45 -3.35 4.39 2.55
C CYS A 45 -4.25 3.17 2.50
N HIS A 46 -5.02 3.02 1.42
CA HIS A 46 -5.91 1.86 1.26
C HIS A 46 -5.10 0.58 1.14
N LEU A 47 -3.96 0.68 0.48
CA LEU A 47 -3.05 -0.44 0.31
C LEU A 47 -2.51 -0.90 1.67
N CYS A 48 -2.08 0.06 2.46
CA CYS A 48 -1.58 -0.21 3.81
C CYS A 48 -2.67 -0.85 4.67
N THR A 49 -3.90 -0.35 4.54
CA THR A 49 -5.04 -0.90 5.26
C THR A 49 -5.20 -2.39 4.92
N GLU A 50 -5.23 -2.70 3.63
CA GLU A 50 -5.41 -4.06 3.14
C GLU A 50 -4.23 -4.92 3.59
N SER A 51 -3.05 -4.32 3.62
CA SER A 51 -1.84 -5.00 3.99
C SER A 51 -1.89 -5.42 5.46
N LEU A 52 -2.24 -4.50 6.35
CA LEU A 52 -2.33 -4.79 7.77
C LEU A 52 -3.44 -5.80 8.04
N LYS A 53 -4.51 -5.65 7.30
CA LYS A 53 -5.66 -6.54 7.34
C LYS A 53 -5.26 -7.98 6.96
N SER A 54 -4.24 -8.10 6.15
CA SER A 54 -3.79 -9.40 5.68
C SER A 54 -2.43 -9.78 6.28
N ASN A 55 -2.03 -9.07 7.35
CA ASN A 55 -0.78 -9.35 8.11
C ASN A 55 0.49 -9.18 7.20
N GLY A 56 0.35 -8.39 6.17
CA GLY A 56 1.46 -8.15 5.27
C GLY A 56 1.49 -9.12 4.10
N ARG A 57 0.32 -9.56 3.69
CA ARG A 57 0.20 -10.45 2.54
C ARG A 57 0.38 -9.63 1.27
N VAL A 58 -0.43 -8.61 1.13
CA VAL A 58 -0.36 -7.74 -0.01
C VAL A 58 0.68 -6.65 0.25
N GLN A 59 1.55 -6.50 -0.69
CA GLN A 59 2.57 -5.49 -0.65
C GLN A 59 2.40 -4.62 -1.85
N PHE A 60 3.26 -3.65 -1.99
CA PHE A 60 3.24 -2.76 -3.10
C PHE A 60 3.92 -3.47 -4.26
N LEU A 61 3.24 -3.55 -5.38
CA LEU A 61 3.77 -4.25 -6.53
C LEU A 61 4.42 -3.25 -7.47
N HIS A 62 3.67 -2.22 -7.81
CA HIS A 62 4.14 -1.16 -8.67
C HIS A 62 3.21 0.02 -8.58
N ASP A 63 3.70 1.17 -8.95
CA ASP A 63 2.89 2.37 -9.00
C ASP A 63 1.97 2.28 -10.18
N GLY A 64 0.87 2.95 -10.09
CA GLY A 64 -0.06 2.97 -11.16
C GLY A 64 -1.03 1.83 -11.08
N SER A 65 -1.99 1.87 -11.93
CA SER A 65 -2.98 0.85 -12.04
C SER A 65 -2.31 -0.46 -12.46
N CYS A 66 -2.84 -1.56 -11.99
CA CYS A 66 -2.29 -2.90 -12.25
C CYS A 66 -2.21 -3.20 -13.74
N SER A 1 10.95 -14.56 -8.92
CA SER A 1 9.67 -13.98 -9.26
C SER A 1 9.17 -13.10 -8.11
N GLU A 2 10.09 -12.53 -7.35
CA GLU A 2 9.71 -11.85 -6.14
C GLU A 2 10.78 -10.90 -5.67
N ALA A 3 10.38 -9.97 -4.84
CA ALA A 3 11.30 -9.10 -4.17
C ALA A 3 11.23 -9.44 -2.71
N ALA A 4 11.89 -10.51 -2.33
CA ALA A 4 11.82 -11.01 -0.97
C ALA A 4 13.19 -11.30 -0.39
N SER A 5 14.14 -11.63 -1.26
CA SER A 5 15.51 -11.86 -0.84
C SER A 5 16.19 -10.50 -0.66
N LEU A 6 15.52 -9.49 -1.15
CA LEU A 6 15.90 -8.13 -0.98
C LEU A 6 14.67 -7.45 -0.45
N SER A 7 14.85 -6.43 0.33
CA SER A 7 13.74 -5.67 0.83
C SER A 7 12.99 -5.03 -0.34
N PRO A 8 11.70 -5.35 -0.51
CA PRO A 8 10.91 -4.85 -1.61
C PRO A 8 10.67 -3.37 -1.52
N LYS A 9 10.62 -2.72 -2.65
CA LYS A 9 10.30 -1.33 -2.71
C LYS A 9 8.84 -1.20 -2.42
N LYS A 10 8.49 -0.35 -1.50
CA LYS A 10 7.15 -0.29 -1.05
C LYS A 10 6.71 1.12 -0.77
N VAL A 11 5.43 1.24 -0.54
CA VAL A 11 4.82 2.46 -0.14
C VAL A 11 5.04 2.60 1.36
N ASP A 12 5.10 3.79 1.89
CA ASP A 12 5.31 3.92 3.30
C ASP A 12 4.02 3.68 4.05
N CYS A 13 3.86 2.45 4.46
CA CYS A 13 2.70 2.00 5.23
C CYS A 13 2.99 2.19 6.72
N SER A 14 4.25 2.47 7.01
CA SER A 14 4.75 2.60 8.34
C SER A 14 4.06 3.73 9.13
N ILE A 15 3.79 4.87 8.48
CA ILE A 15 3.12 5.96 9.18
C ILE A 15 1.64 5.65 9.41
N TYR A 16 1.11 4.75 8.64
CA TYR A 16 -0.29 4.42 8.73
C TYR A 16 -0.51 3.32 9.76
N LYS A 17 0.58 2.70 10.19
CA LYS A 17 0.52 1.63 11.18
C LYS A 17 0.16 2.15 12.58
N LYS A 18 0.25 3.45 12.79
CA LYS A 18 -0.10 4.02 14.10
C LYS A 18 -1.63 4.12 14.28
N TYR A 19 -2.36 3.77 13.25
CA TYR A 19 -3.79 3.77 13.28
C TYR A 19 -4.23 2.31 13.35
N PRO A 20 -5.45 2.02 13.85
CA PRO A 20 -5.99 0.66 13.85
C PRO A 20 -6.02 0.10 12.42
N VAL A 21 -5.52 -1.11 12.24
CA VAL A 21 -5.33 -1.71 10.93
C VAL A 21 -6.59 -1.79 10.07
N VAL A 22 -7.75 -1.78 10.68
CA VAL A 22 -8.98 -1.85 9.92
C VAL A 22 -9.53 -0.45 9.60
N ALA A 23 -9.19 0.54 10.41
CA ALA A 23 -9.68 1.88 10.22
C ALA A 23 -8.53 2.87 10.15
N ILE A 24 -8.09 3.15 8.95
CA ILE A 24 -7.00 4.07 8.77
C ILE A 24 -7.50 5.24 7.95
N PRO A 25 -7.36 6.49 8.44
CA PRO A 25 -7.77 7.66 7.69
C PRO A 25 -6.96 7.79 6.41
N CYS A 26 -7.64 8.04 5.33
CA CYS A 26 -7.01 8.12 4.05
C CYS A 26 -6.94 9.55 3.57
N PRO A 27 -5.81 9.95 2.94
CA PRO A 27 -5.69 11.27 2.36
C PRO A 27 -6.56 11.42 1.14
N ILE A 28 -6.80 12.64 0.73
CA ILE A 28 -7.64 12.90 -0.42
C ILE A 28 -6.85 12.74 -1.71
N THR A 29 -5.53 12.72 -1.58
CA THR A 29 -4.65 12.57 -2.70
C THR A 29 -4.84 11.19 -3.33
N TYR A 30 -5.23 11.16 -4.57
CA TYR A 30 -5.39 9.93 -5.27
C TYR A 30 -4.05 9.56 -5.86
N LEU A 31 -3.57 8.41 -5.51
CA LEU A 31 -2.30 7.90 -5.93
C LEU A 31 -2.49 6.46 -6.32
N PRO A 32 -2.68 6.21 -7.62
CA PRO A 32 -2.90 4.86 -8.11
C PRO A 32 -1.73 3.98 -7.74
N VAL A 33 -2.01 2.95 -7.00
CA VAL A 33 -0.99 1.99 -6.62
C VAL A 33 -1.53 0.61 -6.86
N CYS A 34 -0.66 -0.29 -7.18
CA CYS A 34 -1.05 -1.65 -7.43
C CYS A 34 -0.47 -2.56 -6.37
N GLY A 35 -1.31 -3.36 -5.79
CA GLY A 35 -0.88 -4.28 -4.78
C GLY A 35 -0.42 -5.59 -5.39
N SER A 36 0.26 -6.40 -4.60
CA SER A 36 0.80 -7.71 -4.99
C SER A 36 -0.30 -8.65 -5.51
N ASP A 37 -1.52 -8.34 -5.17
CA ASP A 37 -2.67 -9.16 -5.52
C ASP A 37 -3.27 -8.67 -6.85
N TYR A 38 -2.56 -7.73 -7.46
CA TYR A 38 -2.89 -7.14 -8.73
C TYR A 38 -4.23 -6.43 -8.66
N ILE A 39 -4.39 -5.66 -7.62
CA ILE A 39 -5.55 -4.86 -7.39
C ILE A 39 -5.09 -3.42 -7.32
N THR A 40 -5.75 -2.54 -8.03
CA THR A 40 -5.41 -1.15 -8.00
C THR A 40 -6.11 -0.48 -6.83
N TYR A 41 -5.36 0.26 -6.08
CA TYR A 41 -5.86 0.96 -4.94
C TYR A 41 -5.83 2.44 -5.21
N GLY A 42 -6.71 3.15 -4.53
CA GLY A 42 -6.82 4.59 -4.71
C GLY A 42 -5.63 5.36 -4.17
N ASN A 43 -4.95 4.79 -3.17
CA ASN A 43 -3.76 5.41 -2.59
C ASN A 43 -3.13 4.53 -1.53
N GLU A 44 -2.05 5.06 -0.94
CA GLU A 44 -1.26 4.43 0.11
C GLU A 44 -2.11 3.83 1.19
N CYS A 45 -3.03 4.65 1.69
CA CYS A 45 -3.88 4.30 2.81
C CYS A 45 -4.65 3.02 2.55
N HIS A 46 -5.36 2.97 1.44
CA HIS A 46 -6.21 1.81 1.12
C HIS A 46 -5.37 0.55 0.95
N LEU A 47 -4.21 0.72 0.36
CA LEU A 47 -3.27 -0.37 0.15
C LEU A 47 -2.71 -0.85 1.50
N CYS A 48 -2.28 0.10 2.30
CA CYS A 48 -1.69 -0.16 3.61
C CYS A 48 -2.69 -0.88 4.52
N THR A 49 -3.94 -0.40 4.52
CA THR A 49 -4.99 -1.00 5.33
C THR A 49 -5.19 -2.47 4.97
N GLU A 50 -5.34 -2.75 3.68
CA GLU A 50 -5.59 -4.10 3.21
C GLU A 50 -4.35 -4.98 3.45
N SER A 51 -3.17 -4.36 3.32
CA SER A 51 -1.92 -5.05 3.53
C SER A 51 -1.80 -5.52 4.98
N LEU A 52 -2.09 -4.63 5.91
CA LEU A 52 -2.00 -4.94 7.33
C LEU A 52 -3.05 -5.96 7.75
N LYS A 53 -4.23 -5.85 7.17
CA LYS A 53 -5.33 -6.77 7.43
C LYS A 53 -4.98 -8.20 6.95
N SER A 54 -4.26 -8.28 5.85
CA SER A 54 -3.88 -9.57 5.31
C SER A 54 -2.50 -9.98 5.83
N ASN A 55 -1.93 -9.13 6.67
CA ASN A 55 -0.61 -9.33 7.30
C ASN A 55 0.51 -9.44 6.27
N GLY A 56 0.30 -8.86 5.11
CA GLY A 56 1.31 -8.87 4.09
C GLY A 56 1.01 -9.80 2.94
N ARG A 57 -0.26 -10.15 2.73
CA ARG A 57 -0.62 -10.96 1.56
C ARG A 57 -0.50 -10.06 0.37
N VAL A 58 -1.17 -8.95 0.45
CA VAL A 58 -1.08 -7.94 -0.52
C VAL A 58 -0.19 -6.85 0.04
N GLN A 59 0.79 -6.46 -0.70
CA GLN A 59 1.66 -5.41 -0.32
C GLN A 59 1.81 -4.52 -1.55
N PHE A 60 2.60 -3.49 -1.46
CA PHE A 60 2.87 -2.65 -2.60
C PHE A 60 3.64 -3.45 -3.65
N LEU A 61 3.06 -3.60 -4.81
CA LEU A 61 3.72 -4.30 -5.88
C LEU A 61 4.45 -3.28 -6.71
N HIS A 62 3.70 -2.36 -7.25
CA HIS A 62 4.25 -1.27 -8.02
C HIS A 62 3.27 -0.15 -8.00
N ASP A 63 3.72 1.05 -8.15
CA ASP A 63 2.80 2.17 -8.21
C ASP A 63 2.17 2.21 -9.57
N GLY A 64 1.12 2.95 -9.69
CA GLY A 64 0.41 3.04 -10.90
C GLY A 64 -0.68 2.03 -10.93
N SER A 65 -1.56 2.15 -11.88
CA SER A 65 -2.62 1.21 -12.03
C SER A 65 -2.01 -0.14 -12.49
N CYS A 66 -2.62 -1.23 -12.10
CA CYS A 66 -2.13 -2.56 -12.43
C CYS A 66 -2.18 -2.78 -13.95
N SER A 1 16.67 -1.81 6.08
CA SER A 1 17.61 -2.57 5.29
C SER A 1 17.27 -2.39 3.83
N GLU A 2 18.06 -1.61 3.15
CA GLU A 2 17.79 -1.25 1.79
C GLU A 2 18.44 -2.21 0.83
N ALA A 3 17.74 -3.28 0.55
CA ALA A 3 18.16 -4.29 -0.37
C ALA A 3 16.97 -5.09 -0.80
N ALA A 4 16.27 -4.61 -1.81
CA ALA A 4 15.07 -5.25 -2.32
C ALA A 4 14.58 -4.64 -3.63
N SER A 5 13.89 -3.53 -3.52
CA SER A 5 13.22 -2.92 -4.65
C SER A 5 14.10 -1.94 -5.43
N LEU A 6 15.43 -1.97 -5.18
CA LEU A 6 16.42 -1.03 -5.79
C LEU A 6 16.23 0.36 -5.20
N SER A 7 15.13 0.97 -5.53
CA SER A 7 14.75 2.21 -4.97
C SER A 7 13.81 1.89 -3.81
N PRO A 8 13.97 2.51 -2.64
CA PRO A 8 13.09 2.26 -1.52
C PRO A 8 11.71 2.88 -1.76
N LYS A 9 10.91 2.21 -2.56
CA LYS A 9 9.57 2.63 -2.82
C LYS A 9 8.58 1.50 -2.72
N LYS A 10 7.88 1.56 -1.66
CA LYS A 10 6.74 0.79 -1.35
C LYS A 10 5.95 1.68 -0.45
N VAL A 11 4.74 1.33 -0.18
CA VAL A 11 3.98 2.11 0.74
C VAL A 11 4.58 1.94 2.13
N ASP A 12 4.92 3.04 2.76
CA ASP A 12 5.33 2.92 4.12
C ASP A 12 4.10 2.74 4.91
N CYS A 13 3.89 1.55 5.35
CA CYS A 13 2.69 1.24 6.02
C CYS A 13 2.86 1.49 7.51
N SER A 14 4.08 1.82 7.92
CA SER A 14 4.37 2.11 9.30
C SER A 14 3.67 3.40 9.75
N ILE A 15 3.61 4.40 8.86
CA ILE A 15 2.95 5.66 9.16
C ILE A 15 1.42 5.50 9.35
N TYR A 16 0.87 4.39 8.89
CA TYR A 16 -0.55 4.14 9.08
C TYR A 16 -0.76 3.02 10.08
N LYS A 17 0.32 2.31 10.37
CA LYS A 17 0.36 1.21 11.34
C LYS A 17 0.23 1.81 12.75
N LYS A 18 0.44 3.12 12.80
CA LYS A 18 0.29 3.92 13.99
C LYS A 18 -1.18 4.08 14.35
N TYR A 19 -2.05 3.78 13.42
CA TYR A 19 -3.46 3.86 13.62
C TYR A 19 -4.03 2.46 13.69
N PRO A 20 -5.14 2.26 14.40
CA PRO A 20 -5.83 0.97 14.37
C PRO A 20 -6.31 0.70 12.95
N VAL A 21 -6.09 -0.50 12.45
CA VAL A 21 -6.40 -0.85 11.06
C VAL A 21 -7.88 -0.63 10.72
N VAL A 22 -8.75 -0.66 11.70
CA VAL A 22 -10.15 -0.42 11.46
C VAL A 22 -10.44 1.08 11.23
N ALA A 23 -9.62 1.96 11.78
CA ALA A 23 -9.79 3.38 11.58
C ALA A 23 -8.50 4.03 11.08
N ILE A 24 -8.35 4.16 9.80
CA ILE A 24 -7.17 4.82 9.24
C ILE A 24 -7.62 5.97 8.35
N PRO A 25 -7.15 7.18 8.61
CA PRO A 25 -7.44 8.31 7.74
C PRO A 25 -6.57 8.24 6.47
N CYS A 26 -7.18 8.47 5.34
CA CYS A 26 -6.50 8.38 4.07
C CYS A 26 -6.66 9.66 3.27
N PRO A 27 -5.62 10.04 2.49
CA PRO A 27 -5.64 11.25 1.64
C PRO A 27 -6.78 11.21 0.62
N ILE A 28 -7.25 12.38 0.21
CA ILE A 28 -8.36 12.47 -0.72
C ILE A 28 -7.87 12.33 -2.16
N THR A 29 -6.59 12.51 -2.35
CA THR A 29 -5.99 12.37 -3.64
C THR A 29 -6.00 10.91 -4.08
N TYR A 30 -6.39 10.70 -5.31
CA TYR A 30 -6.47 9.40 -5.88
C TYR A 30 -5.15 9.09 -6.55
N LEU A 31 -4.43 8.19 -5.98
CA LEU A 31 -3.16 7.79 -6.50
C LEU A 31 -3.20 6.29 -6.72
N PRO A 32 -3.46 5.85 -7.96
CA PRO A 32 -3.57 4.44 -8.28
C PRO A 32 -2.30 3.70 -7.94
N VAL A 33 -2.41 2.76 -7.05
CA VAL A 33 -1.31 1.92 -6.70
C VAL A 33 -1.71 0.49 -6.90
N CYS A 34 -0.77 -0.33 -7.18
CA CYS A 34 -1.05 -1.71 -7.43
C CYS A 34 -0.50 -2.56 -6.32
N GLY A 35 -1.33 -3.40 -5.78
CA GLY A 35 -0.90 -4.27 -4.74
C GLY A 35 -0.50 -5.61 -5.25
N SER A 36 0.23 -6.36 -4.45
CA SER A 36 0.71 -7.70 -4.78
C SER A 36 -0.44 -8.67 -5.15
N ASP A 37 -1.65 -8.32 -4.75
CA ASP A 37 -2.83 -9.15 -5.00
C ASP A 37 -3.41 -8.83 -6.38
N TYR A 38 -2.71 -7.94 -7.11
CA TYR A 38 -3.06 -7.50 -8.48
C TYR A 38 -4.31 -6.66 -8.50
N ILE A 39 -4.58 -6.02 -7.40
CA ILE A 39 -5.73 -5.16 -7.27
C ILE A 39 -5.26 -3.72 -7.25
N THR A 40 -5.92 -2.88 -8.00
CA THR A 40 -5.59 -1.49 -8.04
C THR A 40 -6.32 -0.78 -6.90
N TYR A 41 -5.57 -0.06 -6.12
CA TYR A 41 -6.11 0.66 -4.99
C TYR A 41 -6.16 2.14 -5.30
N GLY A 42 -7.05 2.84 -4.61
CA GLY A 42 -7.26 4.25 -4.83
C GLY A 42 -6.14 5.10 -4.34
N ASN A 43 -5.36 4.57 -3.42
CA ASN A 43 -4.15 5.18 -2.92
C ASN A 43 -3.44 4.24 -2.02
N GLU A 44 -2.23 4.58 -1.67
CA GLU A 44 -1.36 3.75 -0.88
C GLU A 44 -1.84 3.59 0.55
N CYS A 45 -2.56 4.58 1.05
CA CYS A 45 -3.15 4.48 2.37
C CYS A 45 -4.12 3.30 2.43
N HIS A 46 -4.96 3.17 1.39
CA HIS A 46 -5.91 2.05 1.33
C HIS A 46 -5.15 0.75 1.21
N LEU A 47 -4.08 0.78 0.41
CA LEU A 47 -3.21 -0.36 0.25
C LEU A 47 -2.60 -0.75 1.59
N CYS A 48 -2.11 0.21 2.35
CA CYS A 48 -1.58 -0.05 3.69
C CYS A 48 -2.66 -0.65 4.61
N THR A 49 -3.90 -0.18 4.49
CA THR A 49 -4.99 -0.74 5.28
C THR A 49 -5.12 -2.25 4.99
N GLU A 50 -5.12 -2.60 3.72
CA GLU A 50 -5.23 -3.97 3.29
C GLU A 50 -3.97 -4.76 3.66
N SER A 51 -2.84 -4.08 3.62
CA SER A 51 -1.57 -4.67 3.95
C SER A 51 -1.55 -5.06 5.42
N LEU A 52 -2.12 -4.23 6.28
CA LEU A 52 -2.23 -4.53 7.70
C LEU A 52 -3.26 -5.63 7.93
N LYS A 53 -4.36 -5.58 7.17
CA LYS A 53 -5.43 -6.58 7.24
C LYS A 53 -4.91 -7.98 6.92
N SER A 54 -4.09 -8.09 5.91
CA SER A 54 -3.57 -9.37 5.50
C SER A 54 -2.23 -9.67 6.17
N ASN A 55 -1.64 -8.65 6.76
CA ASN A 55 -0.34 -8.70 7.42
C ASN A 55 0.79 -9.05 6.46
N GLY A 56 1.15 -8.08 5.65
CA GLY A 56 2.27 -8.21 4.75
C GLY A 56 2.01 -9.06 3.51
N ARG A 57 0.75 -9.44 3.29
CA ARG A 57 0.43 -10.25 2.12
C ARG A 57 0.32 -9.35 0.90
N VAL A 58 -0.61 -8.44 0.93
CA VAL A 58 -0.74 -7.52 -0.15
C VAL A 58 0.06 -6.28 0.19
N GLN A 59 1.03 -6.00 -0.62
CA GLN A 59 1.88 -4.89 -0.39
C GLN A 59 2.01 -4.12 -1.71
N PHE A 60 2.77 -3.07 -1.70
CA PHE A 60 2.99 -2.26 -2.88
C PHE A 60 3.80 -3.05 -3.89
N LEU A 61 3.16 -3.41 -4.96
CA LEU A 61 3.77 -4.15 -6.03
C LEU A 61 4.45 -3.15 -6.96
N HIS A 62 3.68 -2.21 -7.43
CA HIS A 62 4.18 -1.15 -8.30
C HIS A 62 3.24 0.01 -8.28
N ASP A 63 3.75 1.16 -8.66
CA ASP A 63 2.95 2.37 -8.73
C ASP A 63 2.06 2.28 -9.95
N GLY A 64 0.94 2.92 -9.91
CA GLY A 64 0.04 2.93 -11.02
C GLY A 64 -0.92 1.78 -10.94
N SER A 65 -1.94 1.83 -11.77
CA SER A 65 -2.92 0.78 -11.89
C SER A 65 -2.23 -0.55 -12.24
N CYS A 66 -2.78 -1.66 -11.77
CA CYS A 66 -2.23 -2.96 -12.09
C CYS A 66 -2.44 -3.24 -13.55
N SER A 1 19.87 9.00 -12.95
CA SER A 1 21.24 8.58 -12.87
C SER A 1 21.92 9.14 -11.60
N GLU A 2 22.27 10.41 -11.62
CA GLU A 2 22.86 11.02 -10.46
C GLU A 2 21.86 12.01 -9.91
N ALA A 3 21.98 12.33 -8.61
CA ALA A 3 21.02 13.20 -7.88
C ALA A 3 19.70 12.46 -7.70
N ALA A 4 19.09 12.13 -8.80
CA ALA A 4 17.96 11.27 -8.85
C ALA A 4 18.49 9.94 -9.34
N SER A 5 18.86 9.11 -8.41
CA SER A 5 19.44 7.84 -8.73
C SER A 5 18.40 6.74 -8.68
N LEU A 6 17.28 7.06 -8.09
CA LEU A 6 16.21 6.14 -7.90
C LEU A 6 14.93 6.87 -7.55
N SER A 7 13.83 6.30 -7.90
CA SER A 7 12.54 6.82 -7.55
C SER A 7 11.87 5.78 -6.66
N PRO A 8 12.13 5.83 -5.34
CA PRO A 8 11.69 4.82 -4.44
C PRO A 8 10.30 5.04 -3.89
N LYS A 9 9.38 4.31 -4.41
CA LYS A 9 8.06 4.31 -3.86
C LYS A 9 7.78 2.95 -3.33
N LYS A 10 7.32 2.93 -2.15
CA LYS A 10 6.99 1.76 -1.47
C LYS A 10 5.77 2.12 -0.68
N VAL A 11 4.96 1.18 -0.31
CA VAL A 11 3.83 1.50 0.51
C VAL A 11 4.31 1.91 1.89
N ASP A 12 4.23 3.19 2.18
CA ASP A 12 4.55 3.64 3.51
C ASP A 12 3.36 3.34 4.33
N CYS A 13 3.40 2.22 4.93
CA CYS A 13 2.35 1.78 5.75
C CYS A 13 2.66 2.20 7.17
N SER A 14 3.94 2.46 7.40
CA SER A 14 4.46 2.82 8.68
C SER A 14 3.77 4.03 9.33
N ILE A 15 3.34 4.99 8.54
CA ILE A 15 2.61 6.12 9.09
C ILE A 15 1.15 5.76 9.41
N TYR A 16 0.59 4.82 8.66
CA TYR A 16 -0.81 4.47 8.83
C TYR A 16 -0.99 3.37 9.87
N LYS A 17 0.10 2.62 10.15
CA LYS A 17 0.11 1.54 11.17
C LYS A 17 -0.23 2.05 12.57
N LYS A 18 -0.20 3.36 12.72
CA LYS A 18 -0.53 4.02 13.98
C LYS A 18 -2.04 3.96 14.23
N TYR A 19 -2.79 3.86 13.16
CA TYR A 19 -4.24 3.82 13.24
C TYR A 19 -4.68 2.37 13.38
N PRO A 20 -5.84 2.11 14.01
CA PRO A 20 -6.40 0.75 14.10
C PRO A 20 -6.68 0.20 12.70
N VAL A 21 -6.37 -1.07 12.47
CA VAL A 21 -6.44 -1.69 11.14
C VAL A 21 -7.84 -1.66 10.49
N VAL A 22 -8.86 -1.38 11.27
CA VAL A 22 -10.20 -1.31 10.75
C VAL A 22 -10.59 0.15 10.44
N ALA A 23 -9.96 1.09 11.11
CA ALA A 23 -10.24 2.51 10.88
C ALA A 23 -8.96 3.26 10.59
N ILE A 24 -8.66 3.41 9.34
CA ILE A 24 -7.47 4.11 8.93
C ILE A 24 -7.88 5.23 7.98
N PRO A 25 -7.80 6.48 8.43
CA PRO A 25 -8.11 7.63 7.60
C PRO A 25 -7.08 7.78 6.49
N CYS A 26 -7.54 8.00 5.31
CA CYS A 26 -6.69 8.12 4.17
C CYS A 26 -6.75 9.52 3.62
N PRO A 27 -5.63 10.01 3.06
CA PRO A 27 -5.59 11.32 2.42
C PRO A 27 -6.54 11.35 1.23
N ILE A 28 -7.05 12.50 0.90
CA ILE A 28 -8.02 12.62 -0.16
C ILE A 28 -7.37 12.72 -1.54
N THR A 29 -6.06 12.84 -1.55
CA THR A 29 -5.31 12.85 -2.76
C THR A 29 -5.24 11.42 -3.29
N TYR A 30 -5.49 11.27 -4.55
CA TYR A 30 -5.51 9.98 -5.18
C TYR A 30 -4.12 9.69 -5.73
N LEU A 31 -3.57 8.57 -5.37
CA LEU A 31 -2.30 8.12 -5.87
C LEU A 31 -2.47 6.67 -6.29
N PRO A 32 -2.65 6.40 -7.60
CA PRO A 32 -2.91 5.04 -8.07
C PRO A 32 -1.75 4.12 -7.75
N VAL A 33 -2.02 3.13 -6.96
CA VAL A 33 -1.01 2.15 -6.64
C VAL A 33 -1.56 0.77 -6.89
N CYS A 34 -0.70 -0.14 -7.20
CA CYS A 34 -1.10 -1.48 -7.48
C CYS A 34 -0.51 -2.42 -6.46
N GLY A 35 -1.35 -3.24 -5.88
CA GLY A 35 -0.90 -4.19 -4.92
C GLY A 35 -0.56 -5.49 -5.58
N SER A 36 0.18 -6.34 -4.89
CA SER A 36 0.59 -7.67 -5.38
C SER A 36 -0.63 -8.58 -5.63
N ASP A 37 -1.76 -8.17 -5.12
CA ASP A 37 -3.02 -8.88 -5.24
C ASP A 37 -3.75 -8.41 -6.53
N TYR A 38 -3.07 -7.52 -7.26
CA TYR A 38 -3.52 -6.96 -8.55
C TYR A 38 -4.77 -6.11 -8.43
N ILE A 39 -4.95 -5.57 -7.26
CA ILE A 39 -6.01 -4.66 -6.99
C ILE A 39 -5.40 -3.28 -7.00
N THR A 40 -6.01 -2.38 -7.71
CA THR A 40 -5.55 -1.02 -7.74
C THR A 40 -6.18 -0.27 -6.58
N TYR A 41 -5.38 0.45 -5.87
CA TYR A 41 -5.82 1.19 -4.73
C TYR A 41 -5.75 2.67 -5.01
N GLY A 42 -6.62 3.41 -4.35
CA GLY A 42 -6.72 4.84 -4.51
C GLY A 42 -5.51 5.58 -4.03
N ASN A 43 -4.80 4.97 -3.10
CA ASN A 43 -3.55 5.47 -2.58
C ASN A 43 -2.96 4.43 -1.65
N GLU A 44 -1.76 4.69 -1.19
CA GLU A 44 -1.00 3.73 -0.39
C GLU A 44 -1.66 3.46 0.94
N CYS A 45 -2.42 4.43 1.44
CA CYS A 45 -3.18 4.26 2.66
C CYS A 45 -4.11 3.05 2.56
N HIS A 46 -4.86 2.97 1.46
CA HIS A 46 -5.82 1.87 1.27
C HIS A 46 -5.10 0.56 1.09
N LEU A 47 -3.93 0.63 0.49
CA LEU A 47 -3.07 -0.52 0.31
C LEU A 47 -2.56 -0.99 1.68
N CYS A 48 -2.11 -0.03 2.48
CA CYS A 48 -1.63 -0.27 3.84
C CYS A 48 -2.73 -0.90 4.70
N THR A 49 -3.95 -0.37 4.62
CA THR A 49 -5.07 -0.87 5.40
C THR A 49 -5.27 -2.39 5.16
N GLU A 50 -5.28 -2.78 3.89
CA GLU A 50 -5.46 -4.15 3.54
C GLU A 50 -4.25 -4.99 3.87
N SER A 51 -3.08 -4.40 3.73
CA SER A 51 -1.84 -5.08 3.97
C SER A 51 -1.72 -5.46 5.46
N LEU A 52 -2.26 -4.62 6.33
CA LEU A 52 -2.24 -4.90 7.76
C LEU A 52 -3.24 -5.98 8.16
N LYS A 53 -4.36 -6.02 7.45
CA LYS A 53 -5.40 -7.03 7.71
C LYS A 53 -4.90 -8.42 7.34
N SER A 54 -4.39 -8.55 6.13
CA SER A 54 -3.93 -9.83 5.65
C SER A 54 -2.52 -10.15 6.16
N ASN A 55 -1.84 -9.11 6.57
CA ASN A 55 -0.48 -9.15 7.08
C ASN A 55 0.51 -9.62 6.02
N GLY A 56 0.87 -8.71 5.14
CA GLY A 56 1.88 -8.96 4.15
C GLY A 56 1.40 -9.72 2.92
N ARG A 57 0.11 -10.00 2.82
CA ARG A 57 -0.39 -10.68 1.64
C ARG A 57 -0.38 -9.73 0.47
N VAL A 58 -1.05 -8.62 0.63
CA VAL A 58 -1.05 -7.62 -0.39
C VAL A 58 0.05 -6.60 -0.09
N GLN A 59 1.05 -6.61 -0.92
CA GLN A 59 2.16 -5.70 -0.81
C GLN A 59 2.14 -4.74 -1.96
N PHE A 60 3.10 -3.85 -2.00
CA PHE A 60 3.23 -2.91 -3.06
C PHE A 60 3.84 -3.62 -4.25
N LEU A 61 3.12 -3.68 -5.34
CA LEU A 61 3.61 -4.36 -6.52
C LEU A 61 4.33 -3.36 -7.40
N HIS A 62 3.60 -2.32 -7.78
CA HIS A 62 4.16 -1.26 -8.59
C HIS A 62 3.32 -0.03 -8.46
N ASP A 63 3.90 1.08 -8.82
CA ASP A 63 3.20 2.36 -8.83
C ASP A 63 2.26 2.39 -10.01
N GLY A 64 1.20 3.11 -9.89
CA GLY A 64 0.26 3.21 -10.97
C GLY A 64 -0.81 2.16 -10.86
N SER A 65 -1.76 2.23 -11.73
CA SER A 65 -2.85 1.30 -11.77
C SER A 65 -2.34 -0.07 -12.23
N CYS A 66 -2.99 -1.14 -11.81
CA CYS A 66 -2.58 -2.48 -12.17
C CYS A 66 -2.78 -2.73 -13.64
N SER A 1 4.44 -14.24 -8.85
CA SER A 1 4.36 -14.95 -7.60
C SER A 1 5.70 -14.82 -6.92
N GLU A 2 5.78 -13.89 -6.00
CA GLU A 2 7.06 -13.54 -5.44
C GLU A 2 7.49 -14.44 -4.30
N ALA A 3 7.92 -15.60 -4.70
CA ALA A 3 8.57 -16.55 -3.82
C ALA A 3 10.05 -16.43 -4.07
N ALA A 4 10.35 -15.79 -5.17
CA ALA A 4 11.66 -15.46 -5.63
C ALA A 4 11.51 -14.17 -6.40
N SER A 5 12.61 -13.52 -6.73
CA SER A 5 12.63 -12.25 -7.45
C SER A 5 11.95 -11.14 -6.62
N LEU A 6 12.16 -11.19 -5.31
CA LEU A 6 11.65 -10.19 -4.40
C LEU A 6 12.47 -8.94 -4.58
N SER A 7 11.84 -7.82 -4.58
CA SER A 7 12.50 -6.59 -4.79
C SER A 7 11.93 -5.60 -3.77
N PRO A 8 12.71 -4.55 -3.38
CA PRO A 8 12.29 -3.56 -2.35
C PRO A 8 11.09 -2.67 -2.73
N LYS A 9 10.12 -3.24 -3.34
CA LYS A 9 8.90 -2.54 -3.63
C LYS A 9 7.99 -2.69 -2.43
N LYS A 10 7.86 -1.63 -1.70
CA LYS A 10 6.95 -1.58 -0.59
C LYS A 10 6.74 -0.13 -0.24
N VAL A 11 5.65 0.16 0.36
CA VAL A 11 5.37 1.49 0.81
C VAL A 11 5.48 1.47 2.33
N ASP A 12 5.89 2.57 2.93
CA ASP A 12 5.96 2.60 4.37
C ASP A 12 4.56 2.67 4.92
N CYS A 13 4.17 1.59 5.50
CA CYS A 13 2.88 1.42 6.09
C CYS A 13 2.97 1.76 7.58
N SER A 14 4.20 2.03 8.05
CA SER A 14 4.46 2.32 9.44
C SER A 14 3.78 3.62 9.86
N ILE A 15 3.82 4.62 8.96
CA ILE A 15 3.17 5.92 9.21
C ILE A 15 1.66 5.76 9.43
N TYR A 16 1.09 4.72 8.84
CA TYR A 16 -0.32 4.46 9.00
C TYR A 16 -0.57 3.55 10.19
N LYS A 17 0.36 2.64 10.45
CA LYS A 17 0.27 1.72 11.61
C LYS A 17 0.26 2.46 12.93
N LYS A 18 0.63 3.73 12.92
CA LYS A 18 0.64 4.53 14.13
C LYS A 18 -0.78 4.95 14.54
N TYR A 19 -1.73 4.63 13.69
CA TYR A 19 -3.14 4.85 13.97
C TYR A 19 -3.75 3.47 14.13
N PRO A 20 -4.90 3.33 14.84
CA PRO A 20 -5.58 2.03 14.96
C PRO A 20 -5.91 1.47 13.56
N VAL A 21 -5.65 0.18 13.37
CA VAL A 21 -5.79 -0.50 12.05
C VAL A 21 -7.19 -0.32 11.43
N VAL A 22 -8.20 -0.16 12.25
CA VAL A 22 -9.54 0.00 11.72
C VAL A 22 -9.85 1.49 11.38
N ALA A 23 -9.19 2.43 12.05
CA ALA A 23 -9.43 3.83 11.79
C ALA A 23 -8.14 4.56 11.46
N ILE A 24 -7.84 4.68 10.20
CA ILE A 24 -6.64 5.36 9.76
C ILE A 24 -7.05 6.46 8.77
N PRO A 25 -6.53 7.70 8.93
CA PRO A 25 -6.83 8.75 7.97
C PRO A 25 -6.12 8.49 6.64
N CYS A 26 -6.83 8.66 5.57
CA CYS A 26 -6.31 8.41 4.25
C CYS A 26 -6.30 9.70 3.45
N PRO A 27 -5.30 9.88 2.56
CA PRO A 27 -5.27 11.02 1.67
C PRO A 27 -6.52 11.03 0.79
N ILE A 28 -6.97 12.22 0.47
CA ILE A 28 -8.19 12.35 -0.28
C ILE A 28 -8.01 12.13 -1.78
N THR A 29 -6.79 12.26 -2.24
CA THR A 29 -6.51 12.11 -3.65
C THR A 29 -6.42 10.61 -4.02
N TYR A 30 -7.00 10.28 -5.15
CA TYR A 30 -6.98 8.95 -5.68
C TYR A 30 -5.68 8.74 -6.41
N LEU A 31 -4.81 7.97 -5.83
CA LEU A 31 -3.54 7.68 -6.41
C LEU A 31 -3.46 6.20 -6.66
N PRO A 32 -3.72 5.76 -7.91
CA PRO A 32 -3.74 4.35 -8.25
C PRO A 32 -2.41 3.69 -8.00
N VAL A 33 -2.42 2.72 -7.15
CA VAL A 33 -1.25 1.93 -6.87
C VAL A 33 -1.62 0.47 -7.01
N CYS A 34 -0.72 -0.30 -7.46
CA CYS A 34 -0.99 -1.69 -7.66
C CYS A 34 -0.33 -2.50 -6.59
N GLY A 35 -1.09 -3.35 -5.96
CA GLY A 35 -0.56 -4.20 -4.96
C GLY A 35 -0.17 -5.53 -5.55
N SER A 36 0.69 -6.26 -4.85
CA SER A 36 1.20 -7.57 -5.29
C SER A 36 0.06 -8.61 -5.45
N ASP A 37 -1.09 -8.27 -4.89
CA ASP A 37 -2.28 -9.12 -4.92
C ASP A 37 -3.05 -8.88 -6.24
N TYR A 38 -2.47 -8.02 -7.10
CA TYR A 38 -3.01 -7.65 -8.42
C TYR A 38 -4.30 -6.88 -8.30
N ILE A 39 -4.37 -6.05 -7.30
CA ILE A 39 -5.51 -5.21 -7.07
C ILE A 39 -5.04 -3.77 -7.13
N THR A 40 -5.73 -2.94 -7.86
CA THR A 40 -5.40 -1.54 -7.89
C THR A 40 -6.09 -0.86 -6.71
N TYR A 41 -5.30 -0.22 -5.90
CA TYR A 41 -5.78 0.45 -4.73
C TYR A 41 -5.94 1.92 -5.01
N GLY A 42 -6.85 2.54 -4.27
CA GLY A 42 -7.16 3.94 -4.45
C GLY A 42 -6.07 4.89 -3.99
N ASN A 43 -5.13 4.35 -3.21
CA ASN A 43 -3.93 5.07 -2.75
C ASN A 43 -3.20 4.18 -1.77
N GLU A 44 -2.09 4.65 -1.24
CA GLU A 44 -1.25 3.82 -0.38
C GLU A 44 -1.89 3.57 0.97
N CYS A 45 -2.73 4.48 1.42
CA CYS A 45 -3.44 4.29 2.67
C CYS A 45 -4.36 3.08 2.54
N HIS A 46 -5.04 2.95 1.39
CA HIS A 46 -5.93 1.81 1.17
C HIS A 46 -5.12 0.53 1.01
N LEU A 47 -3.92 0.69 0.48
CA LEU A 47 -3.00 -0.43 0.32
C LEU A 47 -2.50 -0.90 1.68
N CYS A 48 -2.06 0.05 2.50
CA CYS A 48 -1.55 -0.22 3.84
C CYS A 48 -2.60 -0.85 4.75
N THR A 49 -3.82 -0.30 4.75
CA THR A 49 -4.89 -0.83 5.58
C THR A 49 -5.21 -2.29 5.22
N GLU A 50 -5.36 -2.54 3.92
CA GLU A 50 -5.65 -3.87 3.42
C GLU A 50 -4.48 -4.81 3.73
N SER A 51 -3.27 -4.29 3.63
CA SER A 51 -2.07 -5.05 3.87
C SER A 51 -2.05 -5.55 5.33
N LEU A 52 -2.41 -4.68 6.26
CA LEU A 52 -2.45 -5.02 7.68
C LEU A 52 -3.59 -5.96 7.95
N LYS A 53 -4.73 -5.63 7.39
CA LYS A 53 -5.96 -6.40 7.50
C LYS A 53 -5.75 -7.84 7.01
N SER A 54 -5.12 -7.97 5.87
CA SER A 54 -4.92 -9.27 5.25
C SER A 54 -3.58 -9.93 5.67
N ASN A 55 -2.94 -9.39 6.70
CA ASN A 55 -1.67 -9.94 7.26
C ASN A 55 -0.56 -10.06 6.22
N GLY A 56 -0.17 -8.95 5.64
CA GLY A 56 0.96 -8.93 4.73
C GLY A 56 0.69 -9.62 3.40
N ARG A 57 -0.57 -9.79 3.07
CA ARG A 57 -0.96 -10.42 1.80
C ARG A 57 -0.52 -9.55 0.63
N VAL A 58 -0.88 -8.31 0.71
CA VAL A 58 -0.63 -7.41 -0.37
C VAL A 58 0.48 -6.41 -0.03
N GLN A 59 1.49 -6.41 -0.85
CA GLN A 59 2.56 -5.43 -0.78
C GLN A 59 2.38 -4.46 -1.92
N PHE A 60 3.19 -3.43 -1.96
CA PHE A 60 3.19 -2.50 -3.07
C PHE A 60 3.92 -3.16 -4.24
N LEU A 61 3.24 -3.34 -5.33
CA LEU A 61 3.83 -4.01 -6.46
C LEU A 61 4.48 -3.01 -7.39
N HIS A 62 3.71 -2.01 -7.80
CA HIS A 62 4.19 -0.96 -8.68
C HIS A 62 3.24 0.23 -8.65
N ASP A 63 3.71 1.33 -9.17
CA ASP A 63 2.93 2.56 -9.25
C ASP A 63 1.91 2.41 -10.34
N GLY A 64 0.79 3.08 -10.20
CA GLY A 64 -0.22 3.04 -11.23
C GLY A 64 -1.11 1.84 -11.09
N SER A 65 -2.12 1.78 -11.90
CA SER A 65 -3.04 0.67 -11.92
C SER A 65 -2.34 -0.60 -12.37
N CYS A 66 -2.83 -1.73 -11.93
CA CYS A 66 -2.27 -3.02 -12.27
C CYS A 66 -2.37 -3.27 -13.78
N SER A 1 14.64 -7.91 -13.99
CA SER A 1 15.61 -8.61 -14.81
C SER A 1 15.61 -8.09 -16.25
N GLU A 2 14.53 -8.33 -16.97
CA GLU A 2 14.41 -7.86 -18.34
C GLU A 2 13.84 -6.45 -18.35
N ALA A 3 13.18 -6.10 -17.29
CA ALA A 3 12.64 -4.80 -17.12
C ALA A 3 13.24 -4.21 -15.88
N ALA A 4 13.74 -3.00 -16.00
CA ALA A 4 14.37 -2.29 -14.90
C ALA A 4 13.31 -1.49 -14.13
N SER A 5 12.14 -2.05 -14.04
CA SER A 5 11.01 -1.43 -13.38
C SER A 5 11.03 -1.66 -11.87
N LEU A 6 12.11 -2.25 -11.39
CA LEU A 6 12.25 -2.52 -9.99
C LEU A 6 12.77 -1.28 -9.29
N SER A 7 11.85 -0.42 -8.94
CA SER A 7 12.15 0.79 -8.24
C SER A 7 12.12 0.49 -6.73
N PRO A 8 13.14 0.94 -5.97
CA PRO A 8 13.26 0.69 -4.51
C PRO A 8 12.29 1.54 -3.66
N LYS A 9 11.15 1.79 -4.21
CA LYS A 9 10.11 2.55 -3.58
C LYS A 9 9.09 1.56 -3.07
N LYS A 10 8.60 1.78 -1.90
CA LYS A 10 7.63 0.90 -1.32
C LYS A 10 6.53 1.75 -0.75
N VAL A 11 5.51 1.13 -0.24
CA VAL A 11 4.48 1.86 0.44
C VAL A 11 4.90 1.98 1.89
N ASP A 12 4.79 3.14 2.47
CA ASP A 12 5.11 3.27 3.87
C ASP A 12 3.86 2.99 4.61
N CYS A 13 3.70 1.77 5.00
CA CYS A 13 2.54 1.35 5.70
C CYS A 13 2.82 1.47 7.20
N SER A 14 4.06 1.74 7.53
CA SER A 14 4.48 1.88 8.89
C SER A 14 3.93 3.16 9.55
N ILE A 15 3.78 4.22 8.77
CA ILE A 15 3.16 5.43 9.30
C ILE A 15 1.67 5.19 9.60
N TYR A 16 1.08 4.22 8.92
CA TYR A 16 -0.33 3.93 9.15
C TYR A 16 -0.49 2.85 10.23
N LYS A 17 0.65 2.24 10.61
CA LYS A 17 0.67 1.26 11.70
C LYS A 17 0.42 1.97 13.03
N LYS A 18 0.53 3.30 13.00
CA LYS A 18 0.27 4.15 14.15
C LYS A 18 -1.24 4.33 14.34
N TYR A 19 -2.02 3.92 13.35
CA TYR A 19 -3.45 4.01 13.42
C TYR A 19 -3.99 2.61 13.55
N PRO A 20 -5.17 2.42 14.15
CA PRO A 20 -5.81 1.11 14.17
C PRO A 20 -6.18 0.70 12.74
N VAL A 21 -6.13 -0.58 12.45
CA VAL A 21 -6.34 -1.10 11.09
C VAL A 21 -7.74 -0.75 10.58
N VAL A 22 -8.69 -0.67 11.47
CA VAL A 22 -10.06 -0.38 11.08
C VAL A 22 -10.29 1.12 10.83
N ALA A 23 -9.51 1.97 11.48
CA ALA A 23 -9.68 3.39 11.33
C ALA A 23 -8.38 4.07 10.91
N ILE A 24 -8.21 4.24 9.64
CA ILE A 24 -7.05 4.89 9.10
C ILE A 24 -7.54 6.04 8.22
N PRO A 25 -7.07 7.28 8.45
CA PRO A 25 -7.48 8.41 7.63
C PRO A 25 -6.76 8.39 6.29
N CYS A 26 -7.50 8.58 5.23
CA CYS A 26 -6.95 8.53 3.90
C CYS A 26 -7.36 9.79 3.14
N PRO A 27 -6.53 10.29 2.24
CA PRO A 27 -6.87 11.45 1.43
C PRO A 27 -7.93 11.15 0.40
N ILE A 28 -8.60 12.18 -0.08
CA ILE A 28 -9.62 12.05 -1.11
C ILE A 28 -8.96 11.84 -2.49
N THR A 29 -7.66 12.08 -2.52
CA THR A 29 -6.86 11.95 -3.69
C THR A 29 -6.78 10.50 -4.15
N TYR A 30 -7.00 10.30 -5.42
CA TYR A 30 -6.88 9.03 -6.05
C TYR A 30 -5.49 8.90 -6.62
N LEU A 31 -4.72 8.07 -6.03
CA LEU A 31 -3.39 7.79 -6.48
C LEU A 31 -3.32 6.31 -6.75
N PRO A 32 -3.48 5.90 -8.01
CA PRO A 32 -3.51 4.48 -8.35
C PRO A 32 -2.20 3.79 -7.98
N VAL A 33 -2.33 2.77 -7.16
CA VAL A 33 -1.22 1.95 -6.76
C VAL A 33 -1.62 0.51 -6.92
N CYS A 34 -0.69 -0.32 -7.19
CA CYS A 34 -0.97 -1.72 -7.41
C CYS A 34 -0.31 -2.54 -6.33
N GLY A 35 -1.08 -3.41 -5.73
CA GLY A 35 -0.57 -4.27 -4.71
C GLY A 35 -0.10 -5.59 -5.28
N SER A 36 0.65 -6.33 -4.51
CA SER A 36 1.20 -7.62 -4.89
C SER A 36 0.10 -8.68 -5.16
N ASP A 37 -1.11 -8.37 -4.71
CA ASP A 37 -2.25 -9.25 -4.90
C ASP A 37 -2.91 -8.95 -6.26
N TYR A 38 -2.29 -8.00 -6.99
CA TYR A 38 -2.69 -7.55 -8.32
C TYR A 38 -4.03 -6.85 -8.30
N ILE A 39 -4.24 -6.12 -7.23
CA ILE A 39 -5.44 -5.33 -7.06
C ILE A 39 -5.03 -3.86 -7.10
N THR A 40 -5.73 -3.08 -7.88
CA THR A 40 -5.49 -1.67 -7.98
C THR A 40 -6.17 -0.97 -6.82
N TYR A 41 -5.42 -0.22 -6.06
CA TYR A 41 -5.94 0.51 -4.94
C TYR A 41 -6.04 1.97 -5.27
N GLY A 42 -7.00 2.62 -4.65
CA GLY A 42 -7.29 4.02 -4.92
C GLY A 42 -6.23 4.95 -4.40
N ASN A 43 -5.38 4.45 -3.53
CA ASN A 43 -4.24 5.18 -2.99
C ASN A 43 -3.49 4.29 -2.04
N GLU A 44 -2.34 4.76 -1.63
CA GLU A 44 -1.45 4.00 -0.77
C GLU A 44 -2.03 3.77 0.63
N CYS A 45 -2.86 4.68 1.06
CA CYS A 45 -3.51 4.54 2.34
C CYS A 45 -4.44 3.32 2.33
N HIS A 46 -5.25 3.18 1.26
CA HIS A 46 -6.16 2.03 1.14
C HIS A 46 -5.36 0.74 1.01
N LEU A 47 -4.23 0.84 0.32
CA LEU A 47 -3.30 -0.29 0.18
C LEU A 47 -2.79 -0.72 1.56
N CYS A 48 -2.38 0.25 2.36
CA CYS A 48 -1.90 -0.05 3.70
C CYS A 48 -3.00 -0.62 4.59
N THR A 49 -4.26 -0.17 4.40
CA THR A 49 -5.39 -0.72 5.13
C THR A 49 -5.45 -2.24 4.91
N GLU A 50 -5.39 -2.65 3.64
CA GLU A 50 -5.38 -4.06 3.30
C GLU A 50 -4.10 -4.73 3.75
N SER A 51 -2.99 -4.03 3.64
CA SER A 51 -1.69 -4.57 4.00
C SER A 51 -1.66 -4.99 5.47
N LEU A 52 -2.14 -4.14 6.35
CA LEU A 52 -2.18 -4.44 7.78
C LEU A 52 -3.23 -5.48 8.08
N LYS A 53 -4.36 -5.37 7.41
CA LYS A 53 -5.49 -6.28 7.56
C LYS A 53 -5.15 -7.72 7.11
N SER A 54 -4.27 -7.84 6.14
CA SER A 54 -3.88 -9.14 5.65
C SER A 54 -2.52 -9.56 6.25
N ASN A 55 -1.94 -8.64 7.01
CA ASN A 55 -0.64 -8.79 7.66
C ASN A 55 0.50 -9.03 6.65
N GLY A 56 0.70 -8.05 5.80
CA GLY A 56 1.80 -8.06 4.85
C GLY A 56 1.57 -8.96 3.65
N ARG A 57 0.36 -9.50 3.50
CA ARG A 57 0.05 -10.36 2.37
C ARG A 57 0.10 -9.54 1.09
N VAL A 58 -0.65 -8.47 1.09
CA VAL A 58 -0.66 -7.55 0.00
C VAL A 58 0.20 -6.35 0.36
N GLN A 59 1.17 -6.08 -0.45
CA GLN A 59 2.04 -4.97 -0.24
C GLN A 59 2.25 -4.28 -1.60
N PHE A 60 3.00 -3.20 -1.63
CA PHE A 60 3.24 -2.43 -2.85
C PHE A 60 3.96 -3.25 -3.92
N LEU A 61 3.36 -3.35 -5.08
CA LEU A 61 3.96 -4.03 -6.19
C LEU A 61 4.59 -3.00 -7.10
N HIS A 62 3.76 -2.09 -7.58
CA HIS A 62 4.21 -1.00 -8.43
C HIS A 62 3.21 0.12 -8.37
N ASP A 63 3.62 1.28 -8.78
CA ASP A 63 2.77 2.45 -8.82
C ASP A 63 1.85 2.34 -10.02
N GLY A 64 0.72 2.96 -9.96
CA GLY A 64 -0.19 2.93 -11.06
C GLY A 64 -1.12 1.78 -10.95
N SER A 65 -2.07 1.73 -11.84
CA SER A 65 -3.02 0.67 -11.88
C SER A 65 -2.29 -0.63 -12.29
N CYS A 66 -2.79 -1.74 -11.82
CA CYS A 66 -2.19 -3.03 -12.11
C CYS A 66 -2.16 -3.32 -13.58
N SER A 1 24.31 -11.81 -15.80
CA SER A 1 23.48 -11.84 -14.62
C SER A 1 23.48 -10.47 -13.93
N GLU A 2 23.83 -9.43 -14.68
CA GLU A 2 24.05 -8.12 -14.12
C GLU A 2 22.76 -7.29 -14.18
N ALA A 3 21.96 -7.37 -13.14
CA ALA A 3 20.72 -6.61 -13.07
C ALA A 3 20.43 -6.21 -11.64
N ALA A 4 21.46 -6.32 -10.79
CA ALA A 4 21.38 -6.05 -9.35
C ALA A 4 20.46 -7.05 -8.63
N SER A 5 19.18 -6.81 -8.70
CA SER A 5 18.13 -7.64 -8.10
C SER A 5 16.81 -7.14 -8.63
N LEU A 6 15.79 -7.96 -8.59
CA LEU A 6 14.47 -7.51 -8.95
C LEU A 6 13.66 -7.27 -7.69
N SER A 7 13.60 -6.05 -7.26
CA SER A 7 12.94 -5.69 -6.05
C SER A 7 12.03 -4.50 -6.29
N PRO A 8 10.77 -4.59 -5.88
CA PRO A 8 9.82 -3.48 -6.01
C PRO A 8 10.04 -2.43 -4.90
N LYS A 9 9.16 -1.46 -4.84
CA LYS A 9 9.23 -0.44 -3.84
C LYS A 9 8.49 -0.90 -2.59
N LYS A 10 9.02 -0.60 -1.46
CA LYS A 10 8.34 -0.88 -0.23
C LYS A 10 7.50 0.32 0.15
N VAL A 11 6.22 0.11 0.27
CA VAL A 11 5.32 1.16 0.68
C VAL A 11 5.47 1.39 2.17
N ASP A 12 5.43 2.62 2.60
CA ASP A 12 5.51 2.85 4.01
C ASP A 12 4.14 2.75 4.61
N CYS A 13 3.90 1.65 5.23
CA CYS A 13 2.65 1.39 5.88
C CYS A 13 2.81 1.73 7.36
N SER A 14 4.05 2.00 7.75
CA SER A 14 4.39 2.29 9.11
C SER A 14 3.83 3.64 9.58
N ILE A 15 3.73 4.60 8.68
CA ILE A 15 3.11 5.89 8.99
C ILE A 15 1.62 5.73 9.31
N TYR A 16 0.98 4.72 8.73
CA TYR A 16 -0.42 4.48 8.98
C TYR A 16 -0.60 3.57 10.17
N LYS A 17 0.52 3.00 10.64
CA LYS A 17 0.54 2.16 11.86
C LYS A 17 0.24 2.99 13.09
N LYS A 18 0.32 4.30 12.92
CA LYS A 18 -0.01 5.25 13.96
C LYS A 18 -1.52 5.20 14.28
N TYR A 19 -2.27 4.60 13.39
CA TYR A 19 -3.68 4.42 13.56
C TYR A 19 -3.96 2.93 13.72
N PRO A 20 -5.02 2.54 14.43
CA PRO A 20 -5.39 1.13 14.58
C PRO A 20 -5.83 0.54 13.24
N VAL A 21 -5.49 -0.72 13.01
CA VAL A 21 -5.73 -1.43 11.74
C VAL A 21 -7.18 -1.29 11.22
N VAL A 22 -8.16 -1.33 12.11
CA VAL A 22 -9.54 -1.24 11.68
C VAL A 22 -9.98 0.20 11.38
N ALA A 23 -9.31 1.18 11.97
CA ALA A 23 -9.68 2.56 11.74
C ALA A 23 -8.47 3.38 11.31
N ILE A 24 -8.28 3.50 10.04
CA ILE A 24 -7.19 4.31 9.52
C ILE A 24 -7.76 5.32 8.54
N PRO A 25 -7.72 6.62 8.87
CA PRO A 25 -8.13 7.65 7.94
C PRO A 25 -7.17 7.70 6.76
N CYS A 26 -7.71 7.78 5.60
CA CYS A 26 -6.95 7.77 4.39
C CYS A 26 -7.13 9.09 3.68
N PRO A 27 -6.09 9.58 2.97
CA PRO A 27 -6.20 10.80 2.20
C PRO A 27 -7.21 10.64 1.07
N ILE A 28 -7.74 11.73 0.60
CA ILE A 28 -8.68 11.69 -0.49
C ILE A 28 -7.96 11.84 -1.81
N THR A 29 -6.66 12.06 -1.73
CA THR A 29 -5.81 12.11 -2.89
C THR A 29 -5.82 10.74 -3.55
N TYR A 30 -6.16 10.72 -4.81
CA TYR A 30 -6.20 9.50 -5.55
C TYR A 30 -4.85 9.22 -6.16
N LEU A 31 -4.18 8.26 -5.61
CA LEU A 31 -2.91 7.83 -6.11
C LEU A 31 -3.03 6.36 -6.39
N PRO A 32 -3.30 5.98 -7.66
CA PRO A 32 -3.46 4.59 -8.01
C PRO A 32 -2.20 3.82 -7.75
N VAL A 33 -2.29 2.85 -6.88
CA VAL A 33 -1.17 1.99 -6.59
C VAL A 33 -1.61 0.56 -6.77
N CYS A 34 -0.73 -0.26 -7.22
CA CYS A 34 -1.05 -1.63 -7.46
C CYS A 34 -0.33 -2.52 -6.48
N GLY A 35 -1.10 -3.32 -5.76
CA GLY A 35 -0.56 -4.25 -4.82
C GLY A 35 -0.21 -5.55 -5.49
N SER A 36 0.49 -6.40 -4.80
CA SER A 36 0.91 -7.69 -5.31
C SER A 36 -0.30 -8.63 -5.54
N ASP A 37 -1.47 -8.20 -5.08
CA ASP A 37 -2.71 -8.92 -5.25
C ASP A 37 -3.35 -8.54 -6.59
N TYR A 38 -2.67 -7.64 -7.31
CA TYR A 38 -3.08 -7.14 -8.62
C TYR A 38 -4.39 -6.36 -8.53
N ILE A 39 -4.47 -5.59 -7.48
CA ILE A 39 -5.59 -4.73 -7.21
C ILE A 39 -5.12 -3.29 -7.23
N THR A 40 -5.85 -2.45 -7.91
CA THR A 40 -5.55 -1.06 -7.97
C THR A 40 -6.23 -0.35 -6.82
N TYR A 41 -5.45 0.14 -5.92
CA TYR A 41 -5.92 0.82 -4.77
C TYR A 41 -5.99 2.29 -5.04
N GLY A 42 -6.89 2.97 -4.35
CA GLY A 42 -7.09 4.40 -4.53
C GLY A 42 -5.96 5.24 -4.00
N ASN A 43 -5.11 4.63 -3.19
CA ASN A 43 -3.90 5.24 -2.64
C ASN A 43 -3.22 4.25 -1.76
N GLU A 44 -2.07 4.62 -1.23
CA GLU A 44 -1.25 3.71 -0.46
C GLU A 44 -1.89 3.40 0.88
N CYS A 45 -2.70 4.31 1.39
CA CYS A 45 -3.43 4.07 2.62
C CYS A 45 -4.38 2.90 2.46
N HIS A 46 -5.06 2.82 1.30
CA HIS A 46 -5.97 1.70 1.05
C HIS A 46 -5.17 0.41 0.86
N LEU A 47 -3.97 0.55 0.34
CA LEU A 47 -3.05 -0.58 0.21
C LEU A 47 -2.55 -1.03 1.59
N CYS A 48 -2.11 -0.06 2.38
CA CYS A 48 -1.60 -0.30 3.73
C CYS A 48 -2.67 -0.95 4.63
N THR A 49 -3.88 -0.41 4.61
CA THR A 49 -4.97 -0.96 5.40
C THR A 49 -5.26 -2.42 5.02
N GLU A 50 -5.28 -2.68 3.71
CA GLU A 50 -5.54 -4.02 3.19
C GLU A 50 -4.39 -4.94 3.60
N SER A 51 -3.18 -4.39 3.55
CA SER A 51 -1.99 -5.11 3.89
C SER A 51 -2.02 -5.54 5.35
N LEU A 52 -2.32 -4.61 6.25
CA LEU A 52 -2.37 -4.89 7.68
C LEU A 52 -3.51 -5.85 8.00
N LYS A 53 -4.62 -5.64 7.34
CA LYS A 53 -5.81 -6.48 7.45
C LYS A 53 -5.48 -7.92 7.10
N SER A 54 -4.75 -8.10 6.02
CA SER A 54 -4.41 -9.41 5.54
C SER A 54 -3.01 -9.84 6.05
N ASN A 55 -2.56 -9.14 7.09
CA ASN A 55 -1.27 -9.36 7.78
C ASN A 55 -0.06 -9.49 6.81
N GLY A 56 0.18 -8.46 6.04
CA GLY A 56 1.32 -8.40 5.16
C GLY A 56 1.18 -9.23 3.91
N ARG A 57 -0.03 -9.66 3.60
CA ARG A 57 -0.29 -10.45 2.40
C ARG A 57 0.01 -9.64 1.15
N VAL A 58 -0.67 -8.54 0.98
CA VAL A 58 -0.48 -7.69 -0.16
C VAL A 58 0.64 -6.68 0.11
N GLN A 59 1.52 -6.57 -0.84
CA GLN A 59 2.62 -5.64 -0.80
C GLN A 59 2.49 -4.68 -1.94
N PHE A 60 3.34 -3.69 -1.96
CA PHE A 60 3.38 -2.74 -3.03
C PHE A 60 4.06 -3.41 -4.22
N LEU A 61 3.35 -3.52 -5.30
CA LEU A 61 3.89 -4.15 -6.48
C LEU A 61 4.49 -3.07 -7.35
N HIS A 62 3.66 -2.12 -7.74
CA HIS A 62 4.09 -1.01 -8.53
C HIS A 62 3.12 0.12 -8.40
N ASP A 63 3.57 1.31 -8.63
CA ASP A 63 2.71 2.45 -8.61
C ASP A 63 1.95 2.47 -9.91
N GLY A 64 0.85 3.14 -9.90
CA GLY A 64 0.02 3.18 -11.05
C GLY A 64 -1.00 2.09 -10.98
N SER A 65 -1.96 2.15 -11.84
CA SER A 65 -2.98 1.18 -11.91
C SER A 65 -2.39 -0.16 -12.36
N CYS A 66 -3.03 -1.24 -11.98
CA CYS A 66 -2.56 -2.54 -12.39
C CYS A 66 -2.90 -2.72 -13.86
N SER A 1 24.32 -15.02 -9.24
CA SER A 1 23.90 -15.21 -10.62
C SER A 1 22.68 -14.34 -10.93
N GLU A 2 22.44 -13.32 -10.11
CA GLU A 2 21.26 -12.52 -10.25
C GLU A 2 21.64 -11.12 -10.66
N ALA A 3 20.93 -10.58 -11.62
CA ALA A 3 21.14 -9.24 -12.07
C ALA A 3 20.48 -8.28 -11.11
N ALA A 4 21.31 -7.58 -10.33
CA ALA A 4 20.88 -6.59 -9.34
C ALA A 4 20.14 -7.23 -8.16
N SER A 5 19.70 -6.40 -7.24
CA SER A 5 19.01 -6.85 -6.06
C SER A 5 17.48 -6.86 -6.26
N LEU A 6 17.05 -6.50 -7.48
CA LEU A 6 15.63 -6.40 -7.85
C LEU A 6 14.97 -5.28 -7.05
N SER A 7 13.66 -5.28 -6.99
CA SER A 7 13.00 -4.23 -6.30
C SER A 7 12.18 -4.72 -5.08
N PRO A 8 12.72 -4.53 -3.85
CA PRO A 8 11.98 -4.78 -2.60
C PRO A 8 11.25 -3.50 -2.22
N LYS A 9 10.83 -2.82 -3.27
CA LYS A 9 10.20 -1.54 -3.25
C LYS A 9 8.85 -1.64 -2.61
N LYS A 10 8.62 -0.78 -1.67
CA LYS A 10 7.38 -0.74 -0.99
C LYS A 10 7.01 0.68 -0.71
N VAL A 11 5.86 0.85 -0.16
CA VAL A 11 5.41 2.11 0.26
C VAL A 11 5.35 2.03 1.78
N ASP A 12 5.54 3.11 2.47
CA ASP A 12 5.57 3.04 3.90
C ASP A 12 4.19 2.86 4.49
N CYS A 13 4.07 1.82 5.25
CA CYS A 13 2.84 1.49 5.90
C CYS A 13 3.00 1.80 7.42
N SER A 14 4.21 2.16 7.82
CA SER A 14 4.56 2.41 9.21
C SER A 14 3.84 3.66 9.72
N ILE A 15 3.65 4.61 8.83
CA ILE A 15 2.94 5.83 9.16
C ILE A 15 1.45 5.57 9.38
N TYR A 16 0.90 4.57 8.69
CA TYR A 16 -0.52 4.28 8.81
C TYR A 16 -0.79 3.27 9.93
N LYS A 17 0.24 2.51 10.32
CA LYS A 17 0.14 1.55 11.44
C LYS A 17 -0.17 2.25 12.77
N LYS A 18 -0.02 3.55 12.78
CA LYS A 18 -0.28 4.37 13.94
C LYS A 18 -1.77 4.69 14.08
N TYR A 19 -2.55 4.27 13.11
CA TYR A 19 -3.99 4.37 13.16
C TYR A 19 -4.52 2.97 13.40
N PRO A 20 -5.70 2.80 14.03
CA PRO A 20 -6.30 1.47 14.21
C PRO A 20 -6.46 0.76 12.87
N VAL A 21 -6.08 -0.51 12.83
CA VAL A 21 -6.06 -1.33 11.61
C VAL A 21 -7.40 -1.28 10.84
N VAL A 22 -8.51 -1.32 11.55
CA VAL A 22 -9.79 -1.31 10.88
C VAL A 22 -10.21 0.12 10.46
N ALA A 23 -9.71 1.14 11.15
CA ALA A 23 -10.07 2.50 10.83
C ALA A 23 -8.84 3.35 10.58
N ILE A 24 -8.46 3.45 9.34
CA ILE A 24 -7.32 4.24 8.97
C ILE A 24 -7.79 5.34 8.05
N PRO A 25 -7.67 6.61 8.48
CA PRO A 25 -8.00 7.74 7.64
C PRO A 25 -7.10 7.80 6.44
N CYS A 26 -7.70 8.01 5.30
CA CYS A 26 -6.98 8.03 4.06
C CYS A 26 -7.10 9.37 3.39
N PRO A 27 -6.03 9.84 2.75
CA PRO A 27 -6.04 11.09 1.98
C PRO A 27 -7.09 11.04 0.87
N ILE A 28 -7.57 12.19 0.47
CA ILE A 28 -8.57 12.26 -0.59
C ILE A 28 -7.90 12.19 -1.96
N THR A 29 -6.61 12.44 -1.96
CA THR A 29 -5.82 12.34 -3.15
C THR A 29 -5.78 10.89 -3.64
N TYR A 30 -6.25 10.70 -4.83
CA TYR A 30 -6.28 9.42 -5.46
C TYR A 30 -4.95 9.17 -6.12
N LEU A 31 -4.26 8.19 -5.66
CA LEU A 31 -2.98 7.81 -6.19
C LEU A 31 -3.02 6.33 -6.47
N PRO A 32 -3.34 5.94 -7.73
CA PRO A 32 -3.49 4.54 -8.08
C PRO A 32 -2.22 3.76 -7.80
N VAL A 33 -2.34 2.78 -6.97
CA VAL A 33 -1.24 1.92 -6.65
C VAL A 33 -1.66 0.50 -6.88
N CYS A 34 -0.75 -0.32 -7.26
CA CYS A 34 -1.05 -1.68 -7.50
C CYS A 34 -0.38 -2.54 -6.47
N GLY A 35 -1.16 -3.37 -5.83
CA GLY A 35 -0.64 -4.24 -4.84
C GLY A 35 -0.24 -5.56 -5.43
N SER A 36 0.52 -6.36 -4.69
CA SER A 36 0.99 -7.68 -5.13
C SER A 36 -0.17 -8.64 -5.41
N ASP A 37 -1.37 -8.27 -4.98
CA ASP A 37 -2.57 -9.09 -5.15
C ASP A 37 -3.24 -8.72 -6.47
N TYR A 38 -2.61 -7.77 -7.20
CA TYR A 38 -3.04 -7.28 -8.52
C TYR A 38 -4.33 -6.48 -8.44
N ILE A 39 -4.52 -5.87 -7.30
CA ILE A 39 -5.66 -5.03 -7.06
C ILE A 39 -5.18 -3.59 -7.10
N THR A 40 -5.87 -2.76 -7.86
CA THR A 40 -5.56 -1.36 -7.91
C THR A 40 -6.24 -0.64 -6.73
N TYR A 41 -5.44 -0.05 -5.89
CA TYR A 41 -5.90 0.67 -4.75
C TYR A 41 -5.93 2.15 -5.04
N GLY A 42 -6.83 2.83 -4.35
CA GLY A 42 -7.04 4.25 -4.54
C GLY A 42 -5.88 5.10 -4.11
N ASN A 43 -5.09 4.58 -3.19
CA ASN A 43 -3.89 5.22 -2.70
C ASN A 43 -3.19 4.29 -1.76
N GLU A 44 -2.02 4.69 -1.30
CA GLU A 44 -1.17 3.85 -0.47
C GLU A 44 -1.80 3.57 0.88
N CYS A 45 -2.61 4.49 1.35
CA CYS A 45 -3.33 4.33 2.58
C CYS A 45 -4.17 3.07 2.52
N HIS A 46 -4.98 2.94 1.46
CA HIS A 46 -5.86 1.78 1.32
C HIS A 46 -5.05 0.51 1.12
N LEU A 47 -3.90 0.66 0.47
CA LEU A 47 -2.98 -0.44 0.28
C LEU A 47 -2.44 -0.90 1.64
N CYS A 48 -1.99 0.05 2.43
CA CYS A 48 -1.51 -0.22 3.78
C CYS A 48 -2.61 -0.82 4.67
N THR A 49 -3.82 -0.25 4.63
CA THR A 49 -4.96 -0.75 5.40
C THR A 49 -5.23 -2.22 5.08
N GLU A 50 -5.31 -2.54 3.79
CA GLU A 50 -5.61 -3.87 3.34
C GLU A 50 -4.43 -4.81 3.68
N SER A 51 -3.23 -4.27 3.61
CA SER A 51 -2.01 -5.01 3.91
C SER A 51 -2.00 -5.44 5.37
N LEU A 52 -2.29 -4.49 6.27
CA LEU A 52 -2.31 -4.76 7.70
C LEU A 52 -3.40 -5.75 8.06
N LYS A 53 -4.53 -5.62 7.39
CA LYS A 53 -5.68 -6.50 7.58
C LYS A 53 -5.34 -7.93 7.17
N SER A 54 -4.60 -8.07 6.09
CA SER A 54 -4.25 -9.38 5.57
C SER A 54 -2.93 -9.89 6.18
N ASN A 55 -2.39 -9.13 7.14
CA ASN A 55 -1.16 -9.46 7.86
C ASN A 55 0.05 -9.53 6.94
N GLY A 56 0.01 -8.75 5.89
CA GLY A 56 1.14 -8.67 5.00
C GLY A 56 1.01 -9.49 3.74
N ARG A 57 -0.20 -9.73 3.26
CA ARG A 57 -0.34 -10.42 1.99
C ARG A 57 -0.04 -9.50 0.83
N VAL A 58 -0.69 -8.38 0.82
CA VAL A 58 -0.55 -7.47 -0.26
C VAL A 58 0.53 -6.41 0.03
N GLN A 59 1.53 -6.38 -0.81
CA GLN A 59 2.57 -5.36 -0.75
C GLN A 59 2.36 -4.41 -1.89
N PHE A 60 3.22 -3.44 -2.00
CA PHE A 60 3.23 -2.53 -3.10
C PHE A 60 3.95 -3.24 -4.24
N LEU A 61 3.28 -3.44 -5.34
CA LEU A 61 3.86 -4.13 -6.46
C LEU A 61 4.51 -3.10 -7.38
N HIS A 62 3.72 -2.13 -7.78
CA HIS A 62 4.18 -1.05 -8.62
C HIS A 62 3.21 0.10 -8.48
N ASP A 63 3.66 1.28 -8.85
CA ASP A 63 2.81 2.46 -8.82
C ASP A 63 1.94 2.43 -10.05
N GLY A 64 0.78 3.01 -9.95
CA GLY A 64 -0.09 3.05 -11.07
C GLY A 64 -1.09 1.94 -11.00
N SER A 65 -2.04 2.01 -11.87
CA SER A 65 -3.06 1.01 -11.98
C SER A 65 -2.41 -0.31 -12.45
N CYS A 66 -2.92 -1.43 -11.97
CA CYS A 66 -2.36 -2.74 -12.31
C CYS A 66 -2.45 -3.01 -13.81
N SER A 1 17.09 8.75 -8.15
CA SER A 1 16.65 9.04 -6.78
C SER A 1 15.18 8.68 -6.63
N GLU A 2 14.36 9.25 -7.49
CA GLU A 2 12.96 8.94 -7.61
C GLU A 2 12.86 7.53 -8.18
N ALA A 3 13.78 7.23 -9.06
CA ALA A 3 13.96 5.95 -9.59
C ALA A 3 15.22 5.42 -8.96
N ALA A 4 15.16 4.24 -8.41
CA ALA A 4 16.30 3.65 -7.76
C ALA A 4 16.64 2.31 -8.40
N SER A 5 16.00 2.05 -9.54
CA SER A 5 16.27 0.89 -10.40
C SER A 5 15.87 -0.45 -9.76
N LEU A 6 16.71 -0.98 -8.87
CA LEU A 6 16.48 -2.29 -8.27
C LEU A 6 15.54 -2.20 -7.08
N SER A 7 15.12 -1.01 -6.79
CA SER A 7 14.17 -0.72 -5.77
C SER A 7 13.30 0.47 -6.20
N PRO A 8 11.98 0.30 -6.24
CA PRO A 8 11.08 1.38 -6.58
C PRO A 8 10.73 2.20 -5.33
N LYS A 9 9.81 3.12 -5.45
CA LYS A 9 9.40 3.86 -4.29
C LYS A 9 8.24 3.15 -3.62
N LYS A 10 8.58 2.37 -2.63
CA LYS A 10 7.63 1.55 -1.94
C LYS A 10 6.86 2.41 -0.95
N VAL A 11 5.58 2.11 -0.84
CA VAL A 11 4.63 2.83 0.02
C VAL A 11 5.06 2.83 1.50
N ASP A 12 4.89 3.94 2.16
CA ASP A 12 5.15 3.96 3.57
C ASP A 12 3.87 3.58 4.28
N CYS A 13 3.86 2.40 4.80
CA CYS A 13 2.71 1.89 5.51
C CYS A 13 2.97 2.05 7.01
N SER A 14 4.20 2.45 7.33
CA SER A 14 4.63 2.60 8.69
C SER A 14 3.90 3.75 9.37
N ILE A 15 3.78 4.87 8.66
CA ILE A 15 3.10 6.06 9.16
C ILE A 15 1.58 5.85 9.28
N TYR A 16 1.07 4.81 8.66
CA TYR A 16 -0.33 4.49 8.75
C TYR A 16 -0.59 3.43 9.84
N LYS A 17 0.49 2.82 10.33
CA LYS A 17 0.41 1.81 11.39
C LYS A 17 0.15 2.43 12.76
N LYS A 18 0.32 3.75 12.85
CA LYS A 18 0.07 4.44 14.12
C LYS A 18 -1.43 4.64 14.36
N TYR A 19 -2.22 4.25 13.39
CA TYR A 19 -3.66 4.29 13.47
C TYR A 19 -4.12 2.85 13.60
N PRO A 20 -5.34 2.59 14.11
CA PRO A 20 -5.87 1.23 14.11
C PRO A 20 -6.10 0.76 12.67
N VAL A 21 -5.91 -0.51 12.40
CA VAL A 21 -6.00 -1.06 11.03
C VAL A 21 -7.39 -0.80 10.43
N VAL A 22 -8.41 -0.95 11.25
CA VAL A 22 -9.77 -0.79 10.80
C VAL A 22 -10.09 0.68 10.50
N ALA A 23 -9.42 1.60 11.15
CA ALA A 23 -9.66 3.00 10.89
C ALA A 23 -8.38 3.74 10.57
N ILE A 24 -8.06 3.83 9.32
CA ILE A 24 -6.89 4.56 8.89
C ILE A 24 -7.35 5.70 8.03
N PRO A 25 -7.05 6.97 8.40
CA PRO A 25 -7.43 8.11 7.59
C PRO A 25 -6.66 8.12 6.27
N CYS A 26 -7.35 8.35 5.21
CA CYS A 26 -6.77 8.30 3.90
C CYS A 26 -6.61 9.69 3.34
N PRO A 27 -5.47 9.97 2.65
CA PRO A 27 -5.25 11.26 1.99
C PRO A 27 -6.27 11.47 0.88
N ILE A 28 -6.46 12.70 0.47
CA ILE A 28 -7.42 13.01 -0.56
C ILE A 28 -6.79 12.99 -1.94
N THR A 29 -5.48 12.90 -1.97
CA THR A 29 -4.78 12.79 -3.21
C THR A 29 -4.94 11.37 -3.76
N TYR A 30 -5.30 11.27 -5.02
CA TYR A 30 -5.48 10.00 -5.64
C TYR A 30 -4.13 9.54 -6.15
N LEU A 31 -3.67 8.45 -5.63
CA LEU A 31 -2.40 7.90 -5.99
C LEU A 31 -2.60 6.46 -6.32
N PRO A 32 -2.74 6.12 -7.61
CA PRO A 32 -2.98 4.75 -8.01
C PRO A 32 -1.80 3.88 -7.64
N VAL A 33 -2.04 2.92 -6.82
CA VAL A 33 -1.03 2.00 -6.43
C VAL A 33 -1.54 0.61 -6.65
N CYS A 34 -0.68 -0.27 -7.01
CA CYS A 34 -1.06 -1.60 -7.31
C CYS A 34 -0.54 -2.55 -6.27
N GLY A 35 -1.42 -3.34 -5.73
CA GLY A 35 -1.05 -4.31 -4.75
C GLY A 35 -0.69 -5.62 -5.38
N SER A 36 0.03 -6.44 -4.63
CA SER A 36 0.48 -7.78 -5.04
C SER A 36 -0.68 -8.67 -5.51
N ASP A 37 -1.88 -8.36 -5.04
CA ASP A 37 -3.08 -9.14 -5.35
C ASP A 37 -3.74 -8.62 -6.64
N TYR A 38 -3.04 -7.68 -7.31
CA TYR A 38 -3.49 -7.05 -8.57
C TYR A 38 -4.69 -6.16 -8.38
N ILE A 39 -4.84 -5.69 -7.18
CA ILE A 39 -5.87 -4.78 -6.86
C ILE A 39 -5.30 -3.39 -6.90
N THR A 40 -5.86 -2.56 -7.73
CA THR A 40 -5.47 -1.18 -7.80
C THR A 40 -6.17 -0.41 -6.69
N TYR A 41 -5.41 0.31 -5.94
CA TYR A 41 -5.91 1.09 -4.83
C TYR A 41 -5.86 2.56 -5.16
N GLY A 42 -6.79 3.30 -4.58
CA GLY A 42 -6.89 4.73 -4.80
C GLY A 42 -5.76 5.51 -4.20
N ASN A 43 -5.10 4.92 -3.19
CA ASN A 43 -3.93 5.54 -2.57
C ASN A 43 -3.32 4.63 -1.51
N GLU A 44 -2.21 5.10 -0.99
CA GLU A 44 -1.36 4.45 0.03
C GLU A 44 -2.17 3.88 1.18
N CYS A 45 -3.07 4.69 1.69
CA CYS A 45 -3.89 4.34 2.84
C CYS A 45 -4.67 3.06 2.63
N HIS A 46 -5.25 2.91 1.46
CA HIS A 46 -6.08 1.76 1.15
C HIS A 46 -5.22 0.53 0.98
N LEU A 47 -4.08 0.71 0.34
CA LEU A 47 -3.11 -0.35 0.15
C LEU A 47 -2.59 -0.83 1.50
N CYS A 48 -2.22 0.12 2.34
CA CYS A 48 -1.69 -0.16 3.66
C CYS A 48 -2.75 -0.88 4.53
N THR A 49 -4.02 -0.44 4.44
CA THR A 49 -5.10 -1.05 5.22
C THR A 49 -5.21 -2.56 4.90
N GLU A 50 -5.29 -2.88 3.62
CA GLU A 50 -5.42 -4.25 3.18
C GLU A 50 -4.15 -5.04 3.44
N SER A 51 -3.01 -4.38 3.32
CA SER A 51 -1.74 -5.01 3.55
C SER A 51 -1.65 -5.51 4.98
N LEU A 52 -2.06 -4.66 5.91
CA LEU A 52 -2.06 -4.99 7.32
C LEU A 52 -3.12 -6.04 7.60
N LYS A 53 -4.29 -5.85 7.02
CA LYS A 53 -5.42 -6.77 7.16
C LYS A 53 -5.03 -8.20 6.76
N SER A 54 -4.55 -8.35 5.55
CA SER A 54 -4.21 -9.63 5.03
C SER A 54 -2.74 -10.01 5.35
N ASN A 55 -2.23 -9.48 6.47
CA ASN A 55 -0.89 -9.80 7.07
C ASN A 55 0.30 -9.71 6.09
N GLY A 56 0.14 -8.99 5.03
CA GLY A 56 1.21 -8.86 4.08
C GLY A 56 0.99 -9.63 2.81
N ARG A 57 -0.20 -10.21 2.65
CA ARG A 57 -0.56 -10.91 1.41
C ARG A 57 -0.52 -9.94 0.24
N VAL A 58 -1.10 -8.80 0.45
CA VAL A 58 -1.11 -7.77 -0.53
C VAL A 58 -0.18 -6.66 -0.07
N GLN A 59 0.83 -6.40 -0.86
CA GLN A 59 1.79 -5.36 -0.57
C GLN A 59 1.93 -4.49 -1.80
N PHE A 60 2.80 -3.51 -1.73
CA PHE A 60 3.09 -2.67 -2.85
C PHE A 60 3.76 -3.50 -3.94
N LEU A 61 3.07 -3.71 -5.04
CA LEU A 61 3.62 -4.46 -6.13
C LEU A 61 4.37 -3.50 -7.01
N HIS A 62 3.70 -2.45 -7.41
CA HIS A 62 4.27 -1.39 -8.21
C HIS A 62 3.37 -0.20 -8.11
N ASP A 63 3.90 0.95 -8.41
CA ASP A 63 3.10 2.16 -8.39
C ASP A 63 2.29 2.22 -9.65
N GLY A 64 1.25 2.95 -9.62
CA GLY A 64 0.42 3.09 -10.76
C GLY A 64 -0.68 2.08 -10.74
N SER A 65 -1.53 2.14 -11.71
CA SER A 65 -2.61 1.20 -11.83
C SER A 65 -2.03 -0.17 -12.22
N CYS A 66 -2.69 -1.25 -11.85
CA CYS A 66 -2.20 -2.58 -12.16
C CYS A 66 -2.23 -2.83 -13.66
N SER A 1 3.69 12.62 7.89
CA SER A 1 4.71 11.87 7.19
C SER A 1 5.96 12.74 7.03
N GLU A 2 6.96 12.50 7.86
CA GLU A 2 8.16 13.31 7.85
C GLU A 2 9.03 12.97 6.67
N ALA A 3 9.49 14.00 5.98
CA ALA A 3 10.40 13.91 4.86
C ALA A 3 9.87 13.04 3.74
N ALA A 4 8.98 13.60 2.95
CA ALA A 4 8.46 12.91 1.81
C ALA A 4 9.47 13.03 0.70
N SER A 5 10.25 12.00 0.53
CA SER A 5 11.33 11.99 -0.43
C SER A 5 11.26 10.71 -1.23
N LEU A 6 11.72 10.76 -2.45
CA LEU A 6 11.79 9.58 -3.28
C LEU A 6 12.99 8.78 -2.87
N SER A 7 12.80 7.52 -2.64
CA SER A 7 13.86 6.65 -2.19
C SER A 7 13.52 5.22 -2.56
N PRO A 8 14.51 4.30 -2.65
CA PRO A 8 14.29 2.83 -2.84
C PRO A 8 13.68 2.18 -1.57
N LYS A 9 12.77 2.89 -0.99
CA LYS A 9 12.09 2.53 0.22
C LYS A 9 10.81 1.80 -0.14
N LYS A 10 10.39 0.90 0.72
CA LYS A 10 9.13 0.24 0.53
C LYS A 10 8.04 1.20 0.98
N VAL A 11 6.86 1.08 0.38
CA VAL A 11 5.70 1.91 0.70
C VAL A 11 5.54 2.13 2.21
N ASP A 12 5.42 3.37 2.61
CA ASP A 12 5.36 3.69 4.02
C ASP A 12 3.99 3.35 4.56
N CYS A 13 3.87 2.19 5.09
CA CYS A 13 2.67 1.74 5.72
C CYS A 13 2.79 2.03 7.22
N SER A 14 4.01 2.30 7.63
CA SER A 14 4.35 2.56 9.01
C SER A 14 3.66 3.82 9.57
N ILE A 15 3.48 4.84 8.74
CA ILE A 15 2.75 6.04 9.13
C ILE A 15 1.27 5.75 9.44
N TYR A 16 0.71 4.78 8.74
CA TYR A 16 -0.69 4.44 8.93
C TYR A 16 -0.87 3.43 10.04
N LYS A 17 0.22 2.76 10.41
CA LYS A 17 0.24 1.79 11.51
C LYS A 17 0.00 2.46 12.85
N LYS A 18 0.11 3.77 12.87
CA LYS A 18 -0.12 4.57 14.07
C LYS A 18 -1.62 4.66 14.38
N TYR A 19 -2.44 4.24 13.45
CA TYR A 19 -3.87 4.32 13.63
C TYR A 19 -4.42 2.91 13.70
N PRO A 20 -5.55 2.70 14.40
CA PRO A 20 -6.21 1.40 14.44
C PRO A 20 -6.61 1.00 13.02
N VAL A 21 -6.42 -0.26 12.67
CA VAL A 21 -6.63 -0.74 11.30
C VAL A 21 -8.07 -0.47 10.79
N VAL A 22 -9.02 -0.46 11.69
CA VAL A 22 -10.39 -0.20 11.29
C VAL A 22 -10.62 1.31 11.00
N ALA A 23 -9.84 2.18 11.65
CA ALA A 23 -10.00 3.62 11.44
C ALA A 23 -8.67 4.27 11.07
N ILE A 24 -8.43 4.37 9.79
CA ILE A 24 -7.22 4.97 9.30
C ILE A 24 -7.60 6.10 8.37
N PRO A 25 -7.14 7.32 8.62
CA PRO A 25 -7.43 8.42 7.71
C PRO A 25 -6.62 8.26 6.43
N CYS A 26 -7.27 8.44 5.33
CA CYS A 26 -6.65 8.32 4.05
C CYS A 26 -6.68 9.65 3.34
N PRO A 27 -5.60 10.02 2.65
CA PRO A 27 -5.53 11.28 1.93
C PRO A 27 -6.57 11.36 0.83
N ILE A 28 -7.01 12.57 0.54
CA ILE A 28 -8.00 12.78 -0.49
C ILE A 28 -7.33 12.68 -1.86
N THR A 29 -6.02 12.69 -1.85
CA THR A 29 -5.22 12.55 -3.01
C THR A 29 -5.37 11.12 -3.53
N TYR A 30 -5.50 10.99 -4.81
CA TYR A 30 -5.62 9.70 -5.42
C TYR A 30 -4.27 9.34 -6.03
N LEU A 31 -3.66 8.33 -5.48
CA LEU A 31 -2.40 7.84 -5.97
C LEU A 31 -2.60 6.42 -6.38
N PRO A 32 -2.85 6.13 -7.67
CA PRO A 32 -3.05 4.77 -8.14
C PRO A 32 -1.83 3.93 -7.82
N VAL A 33 -2.03 2.92 -7.03
CA VAL A 33 -1.00 2.00 -6.70
C VAL A 33 -1.51 0.61 -6.92
N CYS A 34 -0.66 -0.27 -7.32
CA CYS A 34 -1.04 -1.61 -7.58
C CYS A 34 -0.48 -2.51 -6.53
N GLY A 35 -1.35 -3.27 -5.91
CA GLY A 35 -0.93 -4.19 -4.90
C GLY A 35 -0.69 -5.55 -5.50
N SER A 36 0.05 -6.37 -4.77
CA SER A 36 0.39 -7.75 -5.17
C SER A 36 -0.85 -8.58 -5.53
N ASP A 37 -2.00 -8.20 -4.99
CA ASP A 37 -3.27 -8.93 -5.18
C ASP A 37 -3.88 -8.59 -6.54
N TYR A 38 -3.20 -7.69 -7.27
CA TYR A 38 -3.56 -7.21 -8.62
C TYR A 38 -4.76 -6.29 -8.56
N ILE A 39 -4.85 -5.60 -7.46
CA ILE A 39 -5.91 -4.65 -7.23
C ILE A 39 -5.34 -3.26 -7.26
N THR A 40 -5.96 -2.39 -8.01
CA THR A 40 -5.58 -1.02 -8.05
C THR A 40 -6.19 -0.30 -6.84
N TYR A 41 -5.35 0.25 -6.01
CA TYR A 41 -5.79 0.96 -4.85
C TYR A 41 -5.77 2.44 -5.13
N GLY A 42 -6.64 3.16 -4.42
CA GLY A 42 -6.77 4.58 -4.61
C GLY A 42 -5.62 5.37 -4.06
N ASN A 43 -4.85 4.76 -3.17
CA ASN A 43 -3.66 5.34 -2.57
C ASN A 43 -3.01 4.35 -1.66
N GLU A 44 -1.88 4.73 -1.09
CA GLU A 44 -1.10 3.83 -0.27
C GLU A 44 -1.78 3.54 1.06
N CYS A 45 -2.60 4.48 1.52
CA CYS A 45 -3.37 4.30 2.74
C CYS A 45 -4.22 3.06 2.63
N HIS A 46 -4.99 2.97 1.54
CA HIS A 46 -5.87 1.82 1.31
C HIS A 46 -5.08 0.54 1.14
N LEU A 47 -3.93 0.66 0.48
CA LEU A 47 -3.03 -0.47 0.30
C LEU A 47 -2.53 -0.94 1.66
N CYS A 48 -2.08 0.00 2.46
CA CYS A 48 -1.59 -0.25 3.81
C CYS A 48 -2.68 -0.90 4.69
N THR A 49 -3.90 -0.37 4.64
CA THR A 49 -5.02 -0.92 5.44
C THR A 49 -5.23 -2.41 5.10
N GLU A 50 -5.27 -2.71 3.81
CA GLU A 50 -5.50 -4.06 3.35
C GLU A 50 -4.31 -4.96 3.74
N SER A 51 -3.13 -4.40 3.64
CA SER A 51 -1.89 -5.09 3.95
C SER A 51 -1.83 -5.44 5.44
N LEU A 52 -2.32 -4.54 6.29
CA LEU A 52 -2.32 -4.75 7.74
C LEU A 52 -3.27 -5.86 8.15
N LYS A 53 -4.40 -5.95 7.47
CA LYS A 53 -5.37 -7.00 7.78
C LYS A 53 -4.88 -8.35 7.28
N SER A 54 -4.36 -8.36 6.09
CA SER A 54 -3.93 -9.59 5.46
C SER A 54 -2.51 -9.98 5.91
N ASN A 55 -1.92 -9.17 6.78
CA ASN A 55 -0.60 -9.40 7.38
C ASN A 55 0.50 -9.60 6.33
N GLY A 56 0.85 -8.52 5.64
CA GLY A 56 1.96 -8.54 4.69
C GLY A 56 1.67 -9.26 3.38
N ARG A 57 0.48 -9.85 3.26
CA ARG A 57 0.07 -10.60 2.07
C ARG A 57 0.10 -9.72 0.80
N VAL A 58 -0.58 -8.62 0.85
CA VAL A 58 -0.59 -7.70 -0.26
C VAL A 58 0.37 -6.57 0.02
N GLN A 59 1.29 -6.35 -0.88
CA GLN A 59 2.27 -5.31 -0.76
C GLN A 59 2.28 -4.49 -2.03
N PHE A 60 3.14 -3.51 -2.09
CA PHE A 60 3.25 -2.64 -3.23
C PHE A 60 3.91 -3.41 -4.37
N LEU A 61 3.14 -3.66 -5.40
CA LEU A 61 3.64 -4.39 -6.55
C LEU A 61 4.29 -3.41 -7.51
N HIS A 62 3.60 -2.32 -7.79
CA HIS A 62 4.12 -1.26 -8.63
C HIS A 62 3.29 -0.03 -8.49
N ASP A 63 3.85 1.08 -8.87
CA ASP A 63 3.16 2.35 -8.88
C ASP A 63 2.23 2.34 -10.06
N GLY A 64 1.12 2.97 -9.92
CA GLY A 64 0.17 3.03 -10.98
C GLY A 64 -0.81 1.92 -10.91
N SER A 65 -1.88 2.05 -11.65
CA SER A 65 -2.91 1.05 -11.71
C SER A 65 -2.35 -0.26 -12.24
N CYS A 66 -2.95 -1.37 -11.82
CA CYS A 66 -2.50 -2.66 -12.26
C CYS A 66 -2.83 -2.83 -13.74
N SER A 1 6.03 -18.58 -0.64
CA SER A 1 6.75 -19.20 -1.73
C SER A 1 7.74 -18.19 -2.31
N GLU A 2 8.17 -17.25 -1.49
CA GLU A 2 9.02 -16.19 -1.93
C GLU A 2 10.40 -16.36 -1.32
N ALA A 3 11.08 -17.41 -1.72
CA ALA A 3 12.40 -17.69 -1.21
C ALA A 3 13.44 -16.91 -1.98
N ALA A 4 13.50 -15.62 -1.68
CA ALA A 4 14.44 -14.71 -2.29
C ALA A 4 14.39 -13.37 -1.57
N SER A 5 13.29 -12.66 -1.78
CA SER A 5 13.08 -11.32 -1.26
C SER A 5 14.16 -10.40 -1.84
N LEU A 6 14.00 -10.11 -3.12
CA LEU A 6 14.99 -9.36 -3.87
C LEU A 6 14.96 -7.90 -3.48
N SER A 7 13.79 -7.36 -3.46
CA SER A 7 13.58 -6.00 -3.13
C SER A 7 12.25 -5.89 -2.41
N PRO A 8 12.26 -5.47 -1.14
CA PRO A 8 11.04 -5.26 -0.39
C PRO A 8 10.36 -3.98 -0.86
N LYS A 9 9.56 -4.10 -1.89
CA LYS A 9 8.84 -2.99 -2.45
C LYS A 9 7.66 -2.71 -1.56
N LYS A 10 7.73 -1.66 -0.80
CA LYS A 10 6.68 -1.33 0.09
C LYS A 10 6.39 0.15 0.04
N VAL A 11 5.14 0.48 0.12
CA VAL A 11 4.77 1.84 0.31
C VAL A 11 4.89 2.03 1.80
N ASP A 12 5.08 3.22 2.31
CA ASP A 12 5.27 3.28 3.74
C ASP A 12 3.95 3.22 4.45
N CYS A 13 3.63 2.03 4.83
CA CYS A 13 2.44 1.72 5.55
C CYS A 13 2.71 1.98 7.02
N SER A 14 3.99 2.07 7.37
CA SER A 14 4.44 2.27 8.73
C SER A 14 3.79 3.50 9.38
N ILE A 15 3.78 4.63 8.66
CA ILE A 15 3.14 5.86 9.18
C ILE A 15 1.62 5.74 9.29
N TYR A 16 1.06 4.76 8.59
CA TYR A 16 -0.37 4.53 8.65
C TYR A 16 -0.69 3.45 9.69
N LYS A 17 0.32 2.62 10.00
CA LYS A 17 0.24 1.57 11.06
C LYS A 17 0.09 2.21 12.41
N LYS A 18 0.35 3.49 12.45
CA LYS A 18 0.25 4.29 13.63
C LYS A 18 -1.24 4.41 14.04
N TYR A 19 -2.12 4.06 13.13
CA TYR A 19 -3.55 4.03 13.37
C TYR A 19 -3.97 2.54 13.43
N PRO A 20 -5.15 2.21 14.00
CA PRO A 20 -5.67 0.83 14.02
C PRO A 20 -5.71 0.19 12.62
N VAL A 21 -5.63 -1.13 12.58
CA VAL A 21 -5.52 -1.91 11.34
C VAL A 21 -6.70 -1.69 10.39
N VAL A 22 -7.91 -1.64 10.91
CA VAL A 22 -9.07 -1.46 10.04
C VAL A 22 -9.51 -0.01 9.94
N ALA A 23 -8.99 0.85 10.78
CA ALA A 23 -9.40 2.23 10.73
C ALA A 23 -8.21 3.15 10.56
N ILE A 24 -7.93 3.46 9.32
CA ILE A 24 -6.86 4.36 8.96
C ILE A 24 -7.46 5.46 8.11
N PRO A 25 -7.23 6.73 8.45
CA PRO A 25 -7.73 7.82 7.64
C PRO A 25 -6.97 7.92 6.31
N CYS A 26 -7.71 8.07 5.27
CA CYS A 26 -7.17 8.12 3.96
C CYS A 26 -7.20 9.54 3.43
N PRO A 27 -6.12 9.98 2.79
CA PRO A 27 -6.07 11.31 2.18
C PRO A 27 -7.02 11.40 0.99
N ILE A 28 -7.34 12.60 0.59
CA ILE A 28 -8.22 12.80 -0.55
C ILE A 28 -7.44 12.78 -1.85
N THR A 29 -6.14 12.68 -1.73
CA THR A 29 -5.27 12.60 -2.85
C THR A 29 -5.35 11.20 -3.46
N TYR A 30 -5.59 11.15 -4.75
CA TYR A 30 -5.67 9.91 -5.44
C TYR A 30 -4.30 9.56 -6.00
N LEU A 31 -3.76 8.48 -5.53
CA LEU A 31 -2.47 8.01 -5.95
C LEU A 31 -2.62 6.55 -6.33
N PRO A 32 -2.82 6.26 -7.63
CA PRO A 32 -3.04 4.89 -8.08
C PRO A 32 -1.87 3.99 -7.76
N VAL A 33 -2.11 2.99 -6.97
CA VAL A 33 -1.08 2.05 -6.60
C VAL A 33 -1.60 0.64 -6.80
N CYS A 34 -0.70 -0.28 -7.04
CA CYS A 34 -1.07 -1.64 -7.27
C CYS A 34 -0.41 -2.52 -6.23
N GLY A 35 -1.21 -3.36 -5.62
CA GLY A 35 -0.70 -4.26 -4.65
C GLY A 35 -0.32 -5.58 -5.27
N SER A 36 0.48 -6.36 -4.55
CA SER A 36 0.96 -7.69 -5.00
C SER A 36 -0.21 -8.66 -5.22
N ASP A 37 -1.36 -8.30 -4.69
CA ASP A 37 -2.57 -9.08 -4.81
C ASP A 37 -3.33 -8.70 -6.09
N TYR A 38 -2.73 -7.76 -6.84
CA TYR A 38 -3.24 -7.27 -8.14
C TYR A 38 -4.49 -6.48 -8.01
N ILE A 39 -4.66 -5.89 -6.88
CA ILE A 39 -5.76 -5.03 -6.64
C ILE A 39 -5.23 -3.60 -6.69
N THR A 40 -5.86 -2.78 -7.48
CA THR A 40 -5.51 -1.40 -7.57
C THR A 40 -6.15 -0.63 -6.41
N TYR A 41 -5.41 0.26 -5.82
CA TYR A 41 -5.88 1.04 -4.72
C TYR A 41 -5.86 2.51 -5.08
N GLY A 42 -6.73 3.24 -4.42
CA GLY A 42 -6.87 4.66 -4.65
C GLY A 42 -5.70 5.45 -4.13
N ASN A 43 -5.01 4.91 -3.13
CA ASN A 43 -3.84 5.56 -2.55
C ASN A 43 -3.19 4.67 -1.50
N GLU A 44 -2.08 5.16 -0.97
CA GLU A 44 -1.24 4.50 0.04
C GLU A 44 -2.07 3.95 1.19
N CYS A 45 -2.99 4.78 1.67
CA CYS A 45 -3.84 4.44 2.81
C CYS A 45 -4.61 3.15 2.57
N HIS A 46 -5.30 3.08 1.44
CA HIS A 46 -6.15 1.91 1.15
C HIS A 46 -5.30 0.67 0.98
N LEU A 47 -4.13 0.83 0.38
CA LEU A 47 -3.18 -0.26 0.21
C LEU A 47 -2.71 -0.74 1.58
N CYS A 48 -2.37 0.20 2.43
CA CYS A 48 -1.87 -0.07 3.76
C CYS A 48 -2.92 -0.78 4.63
N THR A 49 -4.17 -0.31 4.58
CA THR A 49 -5.25 -0.90 5.38
C THR A 49 -5.43 -2.40 5.01
N GLU A 50 -5.41 -2.70 3.72
CA GLU A 50 -5.51 -4.07 3.26
C GLU A 50 -4.24 -4.87 3.53
N SER A 51 -3.10 -4.20 3.42
CA SER A 51 -1.81 -4.82 3.59
C SER A 51 -1.67 -5.35 5.01
N LEU A 52 -2.10 -4.55 5.97
CA LEU A 52 -2.03 -4.92 7.37
C LEU A 52 -3.00 -6.05 7.67
N LYS A 53 -4.18 -5.96 7.11
CA LYS A 53 -5.24 -6.95 7.32
C LYS A 53 -4.77 -8.35 6.88
N SER A 54 -4.24 -8.41 5.69
CA SER A 54 -3.85 -9.68 5.10
C SER A 54 -2.41 -10.05 5.46
N ASN A 55 -1.74 -9.13 6.15
CA ASN A 55 -0.36 -9.26 6.58
C ASN A 55 0.60 -9.61 5.45
N GLY A 56 0.75 -8.67 4.55
CA GLY A 56 1.73 -8.81 3.51
C GLY A 56 1.26 -9.59 2.29
N ARG A 57 -0.02 -10.00 2.27
CA ARG A 57 -0.56 -10.68 1.09
C ARG A 57 -0.57 -9.69 -0.03
N VAL A 58 -1.08 -8.53 0.28
CA VAL A 58 -1.09 -7.44 -0.62
C VAL A 58 -0.08 -6.40 -0.16
N GLN A 59 1.10 -6.47 -0.70
CA GLN A 59 2.13 -5.53 -0.41
C GLN A 59 2.24 -4.64 -1.64
N PHE A 60 3.14 -3.71 -1.67
CA PHE A 60 3.27 -2.84 -2.81
C PHE A 60 3.90 -3.62 -3.98
N LEU A 61 3.21 -3.67 -5.09
CA LEU A 61 3.71 -4.39 -6.24
C LEU A 61 4.42 -3.42 -7.15
N HIS A 62 3.69 -2.38 -7.53
CA HIS A 62 4.23 -1.33 -8.38
C HIS A 62 3.37 -0.11 -8.26
N ASP A 63 3.88 0.99 -8.70
CA ASP A 63 3.14 2.23 -8.69
C ASP A 63 2.23 2.23 -9.90
N GLY A 64 1.13 2.92 -9.82
CA GLY A 64 0.20 2.97 -10.90
C GLY A 64 -0.81 1.88 -10.76
N SER A 65 -1.83 1.94 -11.55
CA SER A 65 -2.85 0.94 -11.54
C SER A 65 -2.28 -0.37 -12.11
N CYS A 66 -2.85 -1.47 -11.69
CA CYS A 66 -2.37 -2.79 -12.08
C CYS A 66 -2.47 -3.01 -13.59
N SER A 1 28.70 0.88 -15.34
CA SER A 1 27.34 1.17 -14.95
C SER A 1 26.40 1.02 -16.14
N GLU A 2 25.64 -0.04 -16.14
CA GLU A 2 24.71 -0.33 -17.21
C GLU A 2 23.57 -1.18 -16.66
N ALA A 3 22.44 -0.53 -16.40
CA ALA A 3 21.23 -1.15 -15.82
C ALA A 3 21.48 -1.53 -14.37
N ALA A 4 20.54 -2.27 -13.79
CA ALA A 4 20.62 -2.79 -12.41
C ALA A 4 20.50 -1.70 -11.35
N SER A 5 20.14 -0.50 -11.77
CA SER A 5 19.95 0.60 -10.86
C SER A 5 18.60 0.42 -10.16
N LEU A 6 18.63 -0.24 -9.02
CA LEU A 6 17.44 -0.55 -8.29
C LEU A 6 17.09 0.58 -7.35
N SER A 7 16.03 1.26 -7.65
CA SER A 7 15.56 2.33 -6.83
C SER A 7 14.45 1.75 -5.96
N PRO A 8 14.64 1.67 -4.61
CA PRO A 8 13.65 1.12 -3.69
C PRO A 8 12.37 1.93 -3.67
N LYS A 9 11.39 1.48 -4.39
CA LYS A 9 10.11 2.11 -4.44
C LYS A 9 9.11 1.23 -3.75
N LYS A 10 8.66 1.66 -2.61
CA LYS A 10 7.71 0.95 -1.78
C LYS A 10 6.90 1.99 -1.03
N VAL A 11 5.71 1.65 -0.63
CA VAL A 11 4.88 2.57 0.09
C VAL A 11 5.21 2.53 1.56
N ASP A 12 4.98 3.61 2.25
CA ASP A 12 5.22 3.63 3.66
C ASP A 12 3.95 3.27 4.37
N CYS A 13 3.89 2.08 4.81
CA CYS A 13 2.77 1.57 5.54
C CYS A 13 2.99 1.86 7.03
N SER A 14 4.22 2.24 7.37
CA SER A 14 4.61 2.50 8.75
C SER A 14 3.78 3.62 9.39
N ILE A 15 3.53 4.71 8.66
CA ILE A 15 2.68 5.79 9.19
C ILE A 15 1.26 5.33 9.45
N TYR A 16 0.80 4.35 8.70
CA TYR A 16 -0.56 3.88 8.84
C TYR A 16 -0.68 2.80 9.90
N LYS A 17 0.47 2.22 10.26
CA LYS A 17 0.56 1.23 11.35
C LYS A 17 0.31 1.94 12.68
N LYS A 18 0.39 3.26 12.64
CA LYS A 18 0.18 4.10 13.80
C LYS A 18 -1.30 4.46 13.98
N TYR A 19 -2.13 3.86 13.16
CA TYR A 19 -3.56 3.99 13.25
C TYR A 19 -4.14 2.61 13.48
N PRO A 20 -5.32 2.49 14.11
CA PRO A 20 -5.98 1.20 14.25
C PRO A 20 -6.27 0.61 12.86
N VAL A 21 -5.99 -0.66 12.69
CA VAL A 21 -6.10 -1.38 11.41
C VAL A 21 -7.48 -1.20 10.75
N VAL A 22 -8.52 -1.14 11.56
CA VAL A 22 -9.86 -0.98 11.02
C VAL A 22 -10.20 0.48 10.69
N ALA A 23 -9.54 1.42 11.35
CA ALA A 23 -9.84 2.81 11.10
C ALA A 23 -8.58 3.57 10.74
N ILE A 24 -8.32 3.66 9.47
CA ILE A 24 -7.14 4.34 8.99
C ILE A 24 -7.56 5.48 8.07
N PRO A 25 -7.37 6.73 8.52
CA PRO A 25 -7.70 7.91 7.73
C PRO A 25 -6.78 8.00 6.52
N CYS A 26 -7.35 8.28 5.38
CA CYS A 26 -6.59 8.35 4.16
C CYS A 26 -6.62 9.74 3.57
N PRO A 27 -5.54 10.12 2.86
CA PRO A 27 -5.48 11.39 2.13
C PRO A 27 -6.53 11.43 1.03
N ILE A 28 -6.87 12.63 0.60
CA ILE A 28 -7.94 12.79 -0.39
C ILE A 28 -7.44 12.66 -1.82
N THR A 29 -6.15 12.48 -1.96
CA THR A 29 -5.55 12.34 -3.24
C THR A 29 -5.66 10.89 -3.71
N TYR A 30 -6.11 10.72 -4.94
CA TYR A 30 -6.25 9.44 -5.54
C TYR A 30 -4.93 9.09 -6.20
N LEU A 31 -4.22 8.21 -5.59
CA LEU A 31 -2.95 7.79 -6.08
C LEU A 31 -3.04 6.32 -6.39
N PRO A 32 -3.30 5.96 -7.65
CA PRO A 32 -3.48 4.58 -8.03
C PRO A 32 -2.21 3.78 -7.77
N VAL A 33 -2.35 2.78 -6.96
CA VAL A 33 -1.26 1.90 -6.66
C VAL A 33 -1.70 0.49 -6.87
N CYS A 34 -0.77 -0.36 -7.10
CA CYS A 34 -1.05 -1.73 -7.35
C CYS A 34 -0.37 -2.58 -6.32
N GLY A 35 -1.13 -3.42 -5.69
CA GLY A 35 -0.60 -4.28 -4.69
C GLY A 35 -0.06 -5.55 -5.28
N SER A 36 0.76 -6.23 -4.51
CA SER A 36 1.39 -7.49 -4.87
C SER A 36 0.37 -8.59 -5.15
N ASP A 37 -0.82 -8.39 -4.66
CA ASP A 37 -1.90 -9.35 -4.83
C ASP A 37 -2.66 -9.04 -6.14
N TYR A 38 -2.12 -8.04 -6.89
CA TYR A 38 -2.65 -7.60 -8.19
C TYR A 38 -4.00 -6.95 -8.06
N ILE A 39 -4.13 -6.18 -7.01
CA ILE A 39 -5.32 -5.43 -6.73
C ILE A 39 -4.98 -3.94 -6.76
N THR A 40 -5.75 -3.17 -7.49
CA THR A 40 -5.54 -1.74 -7.58
C THR A 40 -6.22 -1.01 -6.40
N TYR A 41 -5.52 -0.07 -5.81
CA TYR A 41 -6.02 0.69 -4.69
C TYR A 41 -6.06 2.16 -5.02
N GLY A 42 -6.92 2.88 -4.30
CA GLY A 42 -7.12 4.30 -4.51
C GLY A 42 -5.94 5.14 -4.05
N ASN A 43 -5.12 4.58 -3.18
CA ASN A 43 -3.90 5.21 -2.69
C ASN A 43 -3.17 4.28 -1.77
N GLU A 44 -1.97 4.66 -1.39
CA GLU A 44 -1.12 3.86 -0.55
C GLU A 44 -1.70 3.63 0.85
N CYS A 45 -2.45 4.59 1.33
CA CYS A 45 -3.15 4.46 2.58
C CYS A 45 -4.08 3.25 2.55
N HIS A 46 -4.95 3.18 1.53
CA HIS A 46 -5.89 2.06 1.42
C HIS A 46 -5.15 0.75 1.19
N LEU A 47 -4.01 0.84 0.50
CA LEU A 47 -3.15 -0.31 0.28
C LEU A 47 -2.60 -0.82 1.61
N CYS A 48 -2.16 0.09 2.45
CA CYS A 48 -1.65 -0.26 3.77
C CYS A 48 -2.77 -0.79 4.68
N THR A 49 -3.97 -0.19 4.56
CA THR A 49 -5.12 -0.64 5.34
C THR A 49 -5.42 -2.13 5.03
N GLU A 50 -5.40 -2.45 3.76
CA GLU A 50 -5.62 -3.79 3.29
C GLU A 50 -4.41 -4.69 3.64
N SER A 51 -3.24 -4.10 3.59
CA SER A 51 -1.99 -4.81 3.88
C SER A 51 -2.00 -5.34 5.31
N LEU A 52 -2.31 -4.45 6.25
CA LEU A 52 -2.37 -4.79 7.68
C LEU A 52 -3.49 -5.79 7.94
N LYS A 53 -4.54 -5.65 7.17
CA LYS A 53 -5.70 -6.54 7.25
C LYS A 53 -5.31 -7.94 6.75
N SER A 54 -4.68 -8.00 5.60
CA SER A 54 -4.33 -9.26 4.97
C SER A 54 -2.93 -9.77 5.39
N ASN A 55 -2.42 -9.27 6.52
CA ASN A 55 -1.16 -9.74 7.14
C ASN A 55 0.06 -9.58 6.23
N GLY A 56 0.07 -8.53 5.43
CA GLY A 56 1.22 -8.26 4.58
C GLY A 56 1.11 -8.89 3.20
N ARG A 57 -0.03 -9.53 2.93
CA ARG A 57 -0.29 -10.18 1.63
C ARG A 57 -0.15 -9.21 0.48
N VAL A 58 -0.80 -8.10 0.61
CA VAL A 58 -0.81 -7.14 -0.42
C VAL A 58 -0.02 -5.92 0.00
N GLN A 59 1.04 -5.65 -0.69
CA GLN A 59 1.88 -4.53 -0.42
C GLN A 59 2.23 -3.90 -1.76
N PHE A 60 2.98 -2.80 -1.79
CA PHE A 60 3.32 -2.12 -3.04
C PHE A 60 4.07 -3.02 -4.04
N LEU A 61 3.43 -3.30 -5.15
CA LEU A 61 4.02 -4.06 -6.22
C LEU A 61 4.59 -3.07 -7.22
N HIS A 62 3.75 -2.21 -7.73
CA HIS A 62 4.17 -1.17 -8.64
C HIS A 62 3.25 -0.01 -8.51
N ASP A 63 3.70 1.13 -8.92
CA ASP A 63 2.94 2.34 -8.87
C ASP A 63 1.98 2.33 -10.04
N GLY A 64 0.86 2.95 -9.88
CA GLY A 64 -0.12 2.97 -10.92
C GLY A 64 -1.04 1.79 -10.79
N SER A 65 -2.15 1.84 -11.46
CA SER A 65 -3.12 0.76 -11.45
C SER A 65 -2.48 -0.51 -12.03
N CYS A 66 -2.95 -1.67 -11.59
CA CYS A 66 -2.38 -2.94 -12.02
C CYS A 66 -2.54 -3.11 -13.53
N SER A 1 22.98 2.58 -0.70
CA SER A 1 23.18 2.31 -2.12
C SER A 1 23.94 1.03 -2.28
N GLU A 2 23.43 0.12 -3.08
CA GLU A 2 24.12 -1.13 -3.32
C GLU A 2 24.69 -1.09 -4.72
N ALA A 3 25.55 -2.00 -5.05
CA ALA A 3 26.14 -2.01 -6.36
C ALA A 3 25.33 -2.85 -7.33
N ALA A 4 25.15 -4.10 -7.00
CA ALA A 4 24.45 -5.05 -7.88
C ALA A 4 22.97 -5.14 -7.53
N SER A 5 22.56 -4.38 -6.55
CA SER A 5 21.19 -4.36 -6.16
C SER A 5 20.64 -2.95 -6.32
N LEU A 6 19.67 -2.79 -7.17
CA LEU A 6 19.03 -1.50 -7.37
C LEU A 6 18.13 -1.20 -6.17
N SER A 7 17.67 0.01 -6.06
CA SER A 7 16.79 0.36 -5.00
C SER A 7 15.33 0.25 -5.46
N PRO A 8 14.59 -0.76 -4.96
CA PRO A 8 13.18 -0.92 -5.29
C PRO A 8 12.35 0.05 -4.46
N LYS A 9 11.07 -0.02 -4.58
CA LYS A 9 10.24 0.85 -3.82
C LYS A 9 9.10 0.10 -3.17
N LYS A 10 8.74 0.58 -2.02
CA LYS A 10 7.68 0.01 -1.24
C LYS A 10 6.78 1.16 -0.84
N VAL A 11 5.69 0.86 -0.19
CA VAL A 11 4.82 1.89 0.31
C VAL A 11 5.03 2.00 1.80
N ASP A 12 5.04 3.19 2.34
CA ASP A 12 5.20 3.34 3.76
C ASP A 12 3.91 3.01 4.43
N CYS A 13 3.89 1.87 5.03
CA CYS A 13 2.73 1.44 5.73
C CYS A 13 2.94 1.74 7.21
N SER A 14 4.08 2.31 7.53
CA SER A 14 4.50 2.58 8.89
C SER A 14 3.62 3.66 9.50
N ILE A 15 3.44 4.74 8.77
CA ILE A 15 2.65 5.88 9.24
C ILE A 15 1.15 5.56 9.33
N TYR A 16 0.74 4.48 8.71
CA TYR A 16 -0.65 4.08 8.76
C TYR A 16 -0.87 2.99 9.81
N LYS A 17 0.24 2.38 10.29
CA LYS A 17 0.20 1.39 11.41
C LYS A 17 -0.23 2.08 12.70
N LYS A 18 -0.19 3.41 12.66
CA LYS A 18 -0.61 4.28 13.74
C LYS A 18 -2.10 4.07 14.05
N TYR A 19 -2.86 3.75 13.02
CA TYR A 19 -4.30 3.66 13.13
C TYR A 19 -4.72 2.21 13.25
N PRO A 20 -5.92 1.94 13.81
CA PRO A 20 -6.47 0.58 13.87
C PRO A 20 -6.73 0.05 12.46
N VAL A 21 -6.49 -1.22 12.25
CA VAL A 21 -6.57 -1.85 10.92
C VAL A 21 -7.97 -1.69 10.25
N VAL A 22 -9.00 -1.55 11.05
CA VAL A 22 -10.33 -1.40 10.50
C VAL A 22 -10.66 0.08 10.16
N ALA A 23 -10.03 1.01 10.84
CA ALA A 23 -10.32 2.42 10.64
C ALA A 23 -9.05 3.21 10.36
N ILE A 24 -8.77 3.45 9.11
CA ILE A 24 -7.55 4.17 8.78
C ILE A 24 -7.85 5.41 7.93
N PRO A 25 -7.71 6.62 8.52
CA PRO A 25 -7.82 7.87 7.79
C PRO A 25 -6.78 7.95 6.67
N CYS A 26 -7.22 8.37 5.53
CA CYS A 26 -6.39 8.37 4.34
C CYS A 26 -6.32 9.76 3.75
N PRO A 27 -5.22 10.10 3.03
CA PRO A 27 -5.12 11.37 2.33
C PRO A 27 -6.21 11.50 1.28
N ILE A 28 -6.58 12.71 0.96
CA ILE A 28 -7.66 12.97 0.00
C ILE A 28 -7.17 12.84 -1.45
N THR A 29 -5.88 12.73 -1.59
CA THR A 29 -5.27 12.57 -2.88
C THR A 29 -5.36 11.10 -3.30
N TYR A 30 -5.88 10.88 -4.47
CA TYR A 30 -5.96 9.56 -5.01
C TYR A 30 -4.65 9.28 -5.72
N LEU A 31 -4.07 8.18 -5.39
CA LEU A 31 -2.81 7.76 -5.93
C LEU A 31 -2.94 6.31 -6.33
N PRO A 32 -3.15 6.03 -7.63
CA PRO A 32 -3.33 4.66 -8.08
C PRO A 32 -2.11 3.82 -7.74
N VAL A 33 -2.31 2.80 -6.97
CA VAL A 33 -1.25 1.89 -6.61
C VAL A 33 -1.73 0.46 -6.78
N CYS A 34 -0.84 -0.41 -7.11
CA CYS A 34 -1.18 -1.78 -7.33
C CYS A 34 -0.52 -2.65 -6.29
N GLY A 35 -1.30 -3.50 -5.68
CA GLY A 35 -0.79 -4.39 -4.69
C GLY A 35 -0.34 -5.69 -5.29
N SER A 36 0.43 -6.46 -4.52
CA SER A 36 0.95 -7.78 -4.92
C SER A 36 -0.16 -8.73 -5.35
N ASP A 37 -1.35 -8.46 -4.86
CA ASP A 37 -2.51 -9.29 -5.09
C ASP A 37 -3.24 -8.86 -6.38
N TYR A 38 -2.62 -7.93 -7.12
CA TYR A 38 -3.10 -7.42 -8.41
C TYR A 38 -4.39 -6.64 -8.29
N ILE A 39 -4.60 -6.11 -7.11
CA ILE A 39 -5.72 -5.27 -6.83
C ILE A 39 -5.24 -3.83 -6.84
N THR A 40 -5.93 -2.97 -7.54
CA THR A 40 -5.59 -1.57 -7.56
C THR A 40 -6.24 -0.86 -6.36
N TYR A 41 -5.45 -0.13 -5.64
CA TYR A 41 -5.89 0.57 -4.47
C TYR A 41 -5.87 2.06 -4.71
N GLY A 42 -6.69 2.77 -3.97
CA GLY A 42 -6.90 4.19 -4.13
C GLY A 42 -5.71 5.05 -3.78
N ASN A 43 -4.86 4.58 -2.89
CA ASN A 43 -3.65 5.30 -2.49
C ASN A 43 -2.86 4.50 -1.49
N GLU A 44 -1.75 5.08 -1.06
CA GLU A 44 -0.81 4.52 -0.08
C GLU A 44 -1.56 3.96 1.12
N CYS A 45 -2.46 4.77 1.62
CA CYS A 45 -3.23 4.45 2.81
C CYS A 45 -4.08 3.21 2.60
N HIS A 46 -4.87 3.20 1.53
CA HIS A 46 -5.78 2.07 1.27
C HIS A 46 -5.01 0.78 1.03
N LEU A 47 -3.85 0.93 0.41
CA LEU A 47 -2.96 -0.20 0.19
C LEU A 47 -2.43 -0.71 1.52
N CYS A 48 -2.00 0.19 2.37
CA CYS A 48 -1.50 -0.16 3.69
C CYS A 48 -2.59 -0.79 4.56
N THR A 49 -3.81 -0.26 4.47
CA THR A 49 -4.94 -0.80 5.20
C THR A 49 -5.13 -2.28 4.86
N GLU A 50 -5.12 -2.57 3.57
CA GLU A 50 -5.31 -3.91 3.10
C GLU A 50 -4.06 -4.76 3.41
N SER A 51 -2.90 -4.11 3.37
CA SER A 51 -1.64 -4.74 3.67
C SER A 51 -1.63 -5.24 5.11
N LEU A 52 -2.19 -4.44 6.02
CA LEU A 52 -2.31 -4.82 7.41
C LEU A 52 -3.42 -5.86 7.59
N LYS A 53 -4.53 -5.67 6.87
CA LYS A 53 -5.67 -6.61 6.86
C LYS A 53 -5.22 -8.02 6.49
N SER A 54 -4.64 -8.15 5.32
CA SER A 54 -4.21 -9.43 4.82
C SER A 54 -2.88 -9.84 5.47
N ASN A 55 -2.19 -8.85 5.99
CA ASN A 55 -0.92 -8.98 6.71
C ASN A 55 0.18 -9.62 5.87
N GLY A 56 0.87 -8.80 5.10
CA GLY A 56 2.02 -9.26 4.31
C GLY A 56 1.65 -9.80 2.94
N ARG A 57 0.46 -10.35 2.85
CA ARG A 57 -0.09 -10.93 1.61
C ARG A 57 -0.10 -9.89 0.48
N VAL A 58 -0.54 -8.70 0.76
CA VAL A 58 -0.57 -7.68 -0.25
C VAL A 58 0.32 -6.53 0.17
N GLN A 59 1.26 -6.22 -0.68
CA GLN A 59 2.20 -5.15 -0.48
C GLN A 59 2.24 -4.33 -1.74
N PHE A 60 3.07 -3.33 -1.75
CA PHE A 60 3.24 -2.50 -2.92
C PHE A 60 3.93 -3.30 -4.02
N LEU A 61 3.23 -3.56 -5.11
CA LEU A 61 3.78 -4.27 -6.23
C LEU A 61 4.41 -3.27 -7.17
N HIS A 62 3.61 -2.31 -7.58
CA HIS A 62 4.06 -1.24 -8.44
C HIS A 62 3.08 -0.11 -8.31
N ASP A 63 3.47 1.07 -8.73
CA ASP A 63 2.57 2.20 -8.66
C ASP A 63 1.72 2.18 -9.89
N GLY A 64 0.65 2.89 -9.83
CA GLY A 64 -0.24 2.93 -10.92
C GLY A 64 -1.23 1.80 -10.83
N SER A 65 -2.22 1.86 -11.64
CA SER A 65 -3.21 0.83 -11.70
C SER A 65 -2.56 -0.45 -12.22
N CYS A 66 -3.06 -1.57 -11.78
CA CYS A 66 -2.52 -2.87 -12.16
C CYS A 66 -2.63 -3.08 -13.65
N SER A 1 11.29 -14.08 13.17
CA SER A 1 10.72 -13.48 11.99
C SER A 1 11.52 -13.93 10.78
N GLU A 2 11.09 -13.55 9.59
CA GLU A 2 11.82 -13.89 8.40
C GLU A 2 12.72 -12.73 8.06
N ALA A 3 14.02 -13.00 8.02
CA ALA A 3 15.04 -11.97 7.83
C ALA A 3 14.81 -11.13 6.59
N ALA A 4 14.82 -11.77 5.46
CA ALA A 4 14.65 -11.09 4.22
C ALA A 4 13.91 -11.99 3.25
N SER A 5 13.13 -11.39 2.40
CA SER A 5 12.38 -12.10 1.43
C SER A 5 12.36 -11.24 0.18
N LEU A 6 12.72 -11.80 -0.95
CA LEU A 6 12.76 -11.05 -2.20
C LEU A 6 11.37 -10.67 -2.63
N SER A 7 11.08 -9.42 -2.50
CA SER A 7 9.77 -8.88 -2.74
C SER A 7 9.93 -7.63 -3.60
N PRO A 8 8.84 -7.07 -4.13
CA PRO A 8 8.90 -5.80 -4.84
C PRO A 8 9.26 -4.62 -3.90
N LYS A 9 9.16 -3.42 -4.42
CA LYS A 9 9.46 -2.23 -3.64
C LYS A 9 8.29 -1.98 -2.67
N LYS A 10 8.55 -1.36 -1.54
CA LYS A 10 7.48 -1.09 -0.62
C LYS A 10 7.14 0.38 -0.57
N VAL A 11 5.96 0.67 -0.11
CA VAL A 11 5.50 2.02 0.11
C VAL A 11 5.40 2.22 1.62
N ASP A 12 5.35 3.45 2.10
CA ASP A 12 5.28 3.67 3.55
C ASP A 12 3.90 3.35 4.06
N CYS A 13 3.83 2.29 4.79
CA CYS A 13 2.65 1.86 5.45
C CYS A 13 2.86 2.11 6.95
N SER A 14 4.09 2.44 7.27
CA SER A 14 4.57 2.62 8.62
C SER A 14 3.81 3.73 9.35
N ILE A 15 3.53 4.82 8.65
CA ILE A 15 2.80 5.94 9.23
C ILE A 15 1.33 5.61 9.48
N TYR A 16 0.81 4.61 8.78
CA TYR A 16 -0.58 4.22 8.93
C TYR A 16 -0.72 3.10 9.95
N LYS A 17 0.38 2.38 10.18
CA LYS A 17 0.42 1.31 11.20
C LYS A 17 0.26 1.90 12.60
N LYS A 18 0.43 3.20 12.66
CA LYS A 18 0.29 3.97 13.89
C LYS A 18 -1.19 4.14 14.25
N TYR A 19 -2.07 3.63 13.40
CA TYR A 19 -3.50 3.65 13.62
C TYR A 19 -3.98 2.22 13.70
N PRO A 20 -5.12 1.95 14.35
CA PRO A 20 -5.68 0.60 14.40
C PRO A 20 -6.06 0.11 13.00
N VAL A 21 -5.87 -1.17 12.75
CA VAL A 21 -6.08 -1.78 11.42
C VAL A 21 -7.50 -1.52 10.87
N VAL A 22 -8.48 -1.45 11.75
CA VAL A 22 -9.84 -1.22 11.32
C VAL A 22 -10.15 0.27 11.08
N ALA A 23 -9.41 1.16 11.74
CA ALA A 23 -9.69 2.58 11.60
C ALA A 23 -8.44 3.35 11.20
N ILE A 24 -8.26 3.55 9.92
CA ILE A 24 -7.12 4.30 9.42
C ILE A 24 -7.65 5.45 8.55
N PRO A 25 -7.37 6.71 8.90
CA PRO A 25 -7.80 7.82 8.08
C PRO A 25 -6.97 7.92 6.80
N CYS A 26 -7.65 8.10 5.69
CA CYS A 26 -6.99 8.18 4.40
C CYS A 26 -7.20 9.55 3.78
N PRO A 27 -6.22 10.02 2.99
CA PRO A 27 -6.35 11.28 2.25
C PRO A 27 -7.36 11.15 1.12
N ILE A 28 -7.80 12.28 0.59
CA ILE A 28 -8.77 12.28 -0.52
C ILE A 28 -8.03 12.23 -1.85
N THR A 29 -6.73 12.23 -1.77
CA THR A 29 -5.87 12.16 -2.90
C THR A 29 -5.93 10.75 -3.49
N TYR A 30 -6.16 10.67 -4.78
CA TYR A 30 -6.23 9.43 -5.46
C TYR A 30 -4.88 9.14 -6.07
N LEU A 31 -4.16 8.27 -5.47
CA LEU A 31 -2.87 7.87 -5.93
C LEU A 31 -2.95 6.42 -6.29
N PRO A 32 -3.13 6.08 -7.56
CA PRO A 32 -3.27 4.70 -7.97
C PRO A 32 -2.02 3.91 -7.60
N VAL A 33 -2.22 2.84 -6.87
CA VAL A 33 -1.15 1.94 -6.52
C VAL A 33 -1.62 0.53 -6.75
N CYS A 34 -0.73 -0.35 -7.05
CA CYS A 34 -1.09 -1.71 -7.31
C CYS A 34 -0.44 -2.61 -6.30
N GLY A 35 -1.22 -3.47 -5.71
CA GLY A 35 -0.72 -4.39 -4.75
C GLY A 35 -0.36 -5.71 -5.36
N SER A 36 0.40 -6.50 -4.63
CA SER A 36 0.86 -7.84 -5.03
C SER A 36 -0.32 -8.76 -5.43
N ASP A 37 -1.50 -8.43 -4.91
CA ASP A 37 -2.71 -9.22 -5.13
C ASP A 37 -3.40 -8.78 -6.44
N TYR A 38 -2.70 -7.93 -7.19
CA TYR A 38 -3.12 -7.43 -8.53
C TYR A 38 -4.38 -6.58 -8.43
N ILE A 39 -4.50 -5.94 -7.30
CA ILE A 39 -5.61 -5.06 -7.04
C ILE A 39 -5.09 -3.63 -7.01
N THR A 40 -5.75 -2.77 -7.71
CA THR A 40 -5.42 -1.38 -7.71
C THR A 40 -6.13 -0.72 -6.52
N TYR A 41 -5.39 0.07 -5.80
CA TYR A 41 -5.89 0.76 -4.66
C TYR A 41 -5.93 2.24 -4.95
N GLY A 42 -6.85 2.93 -4.31
CA GLY A 42 -7.07 4.35 -4.54
C GLY A 42 -5.97 5.24 -4.00
N ASN A 43 -5.12 4.67 -3.18
CA ASN A 43 -3.96 5.33 -2.62
C ASN A 43 -3.21 4.38 -1.74
N GLU A 44 -2.06 4.80 -1.30
CA GLU A 44 -1.21 3.99 -0.48
C GLU A 44 -1.80 3.71 0.90
N CYS A 45 -2.62 4.63 1.39
CA CYS A 45 -3.35 4.43 2.63
C CYS A 45 -4.23 3.18 2.53
N HIS A 46 -5.02 3.10 1.45
CA HIS A 46 -5.92 1.93 1.26
C HIS A 46 -5.13 0.66 1.06
N LEU A 47 -3.98 0.79 0.41
CA LEU A 47 -3.08 -0.33 0.24
C LEU A 47 -2.54 -0.79 1.59
N CYS A 48 -2.12 0.17 2.39
CA CYS A 48 -1.60 -0.10 3.72
C CYS A 48 -2.65 -0.77 4.60
N THR A 49 -3.88 -0.24 4.58
CA THR A 49 -4.98 -0.82 5.34
C THR A 49 -5.18 -2.30 4.96
N GLU A 50 -5.21 -2.56 3.65
CA GLU A 50 -5.42 -3.89 3.12
C GLU A 50 -4.23 -4.79 3.45
N SER A 51 -3.03 -4.21 3.39
CA SER A 51 -1.80 -4.90 3.66
C SER A 51 -1.76 -5.40 5.10
N LEU A 52 -2.18 -4.54 6.03
CA LEU A 52 -2.23 -4.89 7.44
C LEU A 52 -3.33 -5.88 7.68
N LYS A 53 -4.46 -5.62 7.07
CA LYS A 53 -5.65 -6.47 7.13
C LYS A 53 -5.31 -7.89 6.71
N SER A 54 -4.57 -8.03 5.64
CA SER A 54 -4.23 -9.34 5.10
C SER A 54 -2.88 -9.83 5.64
N ASN A 55 -2.31 -9.03 6.53
CA ASN A 55 -1.00 -9.25 7.18
C ASN A 55 0.11 -9.66 6.20
N GLY A 56 0.57 -8.71 5.44
CA GLY A 56 1.72 -8.92 4.56
C GLY A 56 1.42 -9.69 3.29
N ARG A 57 0.19 -10.15 3.12
CA ARG A 57 -0.23 -10.84 1.90
C ARG A 57 -0.09 -9.92 0.69
N VAL A 58 -0.73 -8.79 0.75
CA VAL A 58 -0.68 -7.84 -0.31
C VAL A 58 0.24 -6.72 0.09
N GLN A 59 1.22 -6.47 -0.72
CA GLN A 59 2.18 -5.42 -0.49
C GLN A 59 2.19 -4.53 -1.72
N PHE A 60 3.02 -3.53 -1.71
CA PHE A 60 3.17 -2.65 -2.85
C PHE A 60 3.87 -3.43 -3.96
N LEU A 61 3.24 -3.53 -5.09
CA LEU A 61 3.82 -4.24 -6.21
C LEU A 61 4.48 -3.22 -7.13
N HIS A 62 3.69 -2.24 -7.51
CA HIS A 62 4.14 -1.13 -8.32
C HIS A 62 3.13 -0.04 -8.16
N ASP A 63 3.50 1.18 -8.41
CA ASP A 63 2.53 2.25 -8.32
C ASP A 63 1.76 2.29 -9.62
N GLY A 64 0.65 2.96 -9.59
CA GLY A 64 -0.17 3.04 -10.72
C GLY A 64 -1.17 1.93 -10.71
N SER A 65 -2.13 2.00 -11.57
CA SER A 65 -3.11 0.96 -11.70
C SER A 65 -2.40 -0.31 -12.18
N CYS A 66 -2.93 -1.45 -11.83
CA CYS A 66 -2.35 -2.71 -12.21
C CYS A 66 -2.38 -2.88 -13.71
N SER A 1 5.30 11.74 -8.87
CA SER A 1 5.36 12.23 -7.52
C SER A 1 6.82 12.34 -7.05
N GLU A 2 7.74 12.13 -7.96
CA GLU A 2 9.12 12.09 -7.67
C GLU A 2 9.89 12.39 -8.94
N ALA A 3 11.01 13.03 -8.80
CA ALA A 3 11.84 13.30 -9.94
C ALA A 3 12.78 12.13 -10.13
N ALA A 4 13.42 11.77 -9.05
CA ALA A 4 14.34 10.68 -9.01
C ALA A 4 14.41 10.14 -7.60
N SER A 5 13.71 9.08 -7.33
CA SER A 5 13.74 8.49 -6.03
C SER A 5 14.96 7.60 -5.94
N LEU A 6 15.84 7.90 -5.02
CA LEU A 6 17.08 7.16 -4.88
C LEU A 6 16.84 5.83 -4.18
N SER A 7 15.75 5.77 -3.50
CA SER A 7 15.34 4.60 -2.82
C SER A 7 14.15 3.98 -3.54
N PRO A 8 14.20 2.66 -3.82
CA PRO A 8 13.07 1.95 -4.39
C PRO A 8 11.98 1.84 -3.34
N LYS A 9 11.01 2.70 -3.43
CA LYS A 9 10.02 2.81 -2.40
C LYS A 9 8.94 1.77 -2.51
N LYS A 10 8.52 1.35 -1.37
CA LYS A 10 7.42 0.45 -1.17
C LYS A 10 6.37 1.28 -0.46
N VAL A 11 5.22 0.72 -0.19
CA VAL A 11 4.20 1.47 0.53
C VAL A 11 4.66 1.64 1.98
N ASP A 12 4.67 2.88 2.46
CA ASP A 12 4.99 3.10 3.84
C ASP A 12 3.72 2.91 4.59
N CYS A 13 3.60 1.79 5.20
CA CYS A 13 2.44 1.49 5.96
C CYS A 13 2.74 1.75 7.43
N SER A 14 4.00 2.06 7.72
CA SER A 14 4.45 2.26 9.06
C SER A 14 3.84 3.54 9.65
N ILE A 15 3.74 4.59 8.83
CA ILE A 15 3.15 5.86 9.27
C ILE A 15 1.64 5.73 9.56
N TYR A 16 1.03 4.67 9.07
CA TYR A 16 -0.38 4.46 9.27
C TYR A 16 -0.68 3.41 10.35
N LYS A 17 0.36 2.69 10.78
CA LYS A 17 0.23 1.63 11.81
C LYS A 17 -0.23 2.17 13.16
N LYS A 18 -0.14 3.46 13.34
CA LYS A 18 -0.53 4.11 14.59
C LYS A 18 -2.05 4.08 14.77
N TYR A 19 -2.76 3.88 13.69
CA TYR A 19 -4.21 3.84 13.70
C TYR A 19 -4.66 2.37 13.79
N PRO A 20 -5.97 2.09 14.05
CA PRO A 20 -6.52 0.72 14.00
C PRO A 20 -6.23 0.01 12.67
N VAL A 21 -6.31 -1.29 12.65
CA VAL A 21 -5.91 -2.09 11.50
C VAL A 21 -6.87 -1.93 10.32
N VAL A 22 -8.15 -1.92 10.59
CA VAL A 22 -9.12 -1.83 9.50
C VAL A 22 -9.62 -0.41 9.26
N ALA A 23 -9.36 0.48 10.18
CA ALA A 23 -9.84 1.83 10.03
C ALA A 23 -8.71 2.83 10.11
N ILE A 24 -8.19 3.19 8.98
CA ILE A 24 -7.15 4.17 8.92
C ILE A 24 -7.63 5.31 8.04
N PRO A 25 -7.50 6.56 8.49
CA PRO A 25 -7.85 7.71 7.68
C PRO A 25 -6.86 7.87 6.52
N CYS A 26 -7.39 8.10 5.36
CA CYS A 26 -6.59 8.18 4.18
C CYS A 26 -6.67 9.57 3.60
N PRO A 27 -5.65 9.99 2.82
CA PRO A 27 -5.67 11.26 2.13
C PRO A 27 -6.84 11.34 1.15
N ILE A 28 -7.26 12.54 0.83
CA ILE A 28 -8.36 12.73 -0.09
C ILE A 28 -7.86 12.83 -1.53
N THR A 29 -6.62 12.43 -1.72
CA THR A 29 -6.01 12.39 -3.00
C THR A 29 -6.05 10.95 -3.51
N TYR A 30 -6.50 10.77 -4.73
CA TYR A 30 -6.53 9.47 -5.32
C TYR A 30 -5.20 9.26 -6.01
N LEU A 31 -4.52 8.22 -5.64
CA LEU A 31 -3.22 7.89 -6.19
C LEU A 31 -3.25 6.42 -6.52
N PRO A 32 -3.49 6.06 -7.78
CA PRO A 32 -3.62 4.65 -8.17
C PRO A 32 -2.36 3.87 -7.87
N VAL A 33 -2.48 2.87 -7.04
CA VAL A 33 -1.36 2.01 -6.74
C VAL A 33 -1.76 0.57 -6.97
N CYS A 34 -0.80 -0.27 -7.22
CA CYS A 34 -1.06 -1.64 -7.49
C CYS A 34 -0.40 -2.52 -6.46
N GLY A 35 -1.18 -3.36 -5.85
CA GLY A 35 -0.67 -4.28 -4.88
C GLY A 35 -0.22 -5.56 -5.51
N SER A 36 0.62 -6.31 -4.81
CA SER A 36 1.15 -7.60 -5.25
C SER A 36 0.05 -8.66 -5.43
N ASP A 37 -1.14 -8.33 -4.98
CA ASP A 37 -2.28 -9.21 -5.08
C ASP A 37 -3.05 -8.88 -6.39
N TYR A 38 -2.41 -8.01 -7.20
CA TYR A 38 -2.91 -7.55 -8.51
C TYR A 38 -4.24 -6.86 -8.38
N ILE A 39 -4.32 -6.02 -7.39
CA ILE A 39 -5.49 -5.24 -7.11
C ILE A 39 -5.07 -3.78 -7.09
N THR A 40 -5.81 -2.95 -7.78
CA THR A 40 -5.56 -1.54 -7.80
C THR A 40 -6.23 -0.91 -6.58
N TYR A 41 -5.51 -0.07 -5.89
CA TYR A 41 -6.02 0.60 -4.74
C TYR A 41 -6.12 2.08 -5.03
N GLY A 42 -7.07 2.72 -4.37
CA GLY A 42 -7.29 4.15 -4.57
C GLY A 42 -6.12 5.01 -4.19
N ASN A 43 -5.32 4.51 -3.26
CA ASN A 43 -4.09 5.14 -2.86
C ASN A 43 -3.34 4.20 -1.96
N GLU A 44 -2.14 4.58 -1.64
CA GLU A 44 -1.26 3.75 -0.85
C GLU A 44 -1.73 3.55 0.58
N CYS A 45 -2.48 4.51 1.11
CA CYS A 45 -3.11 4.35 2.41
C CYS A 45 -4.11 3.17 2.37
N HIS A 46 -4.88 3.05 1.28
CA HIS A 46 -5.83 1.94 1.14
C HIS A 46 -5.06 0.62 1.03
N LEU A 47 -3.93 0.67 0.37
CA LEU A 47 -3.06 -0.48 0.27
C LEU A 47 -2.54 -0.87 1.65
N CYS A 48 -2.18 0.13 2.44
CA CYS A 48 -1.70 -0.07 3.80
C CYS A 48 -2.77 -0.75 4.67
N THR A 49 -4.01 -0.25 4.60
CA THR A 49 -5.10 -0.84 5.38
C THR A 49 -5.29 -2.32 5.06
N GLU A 50 -5.30 -2.64 3.77
CA GLU A 50 -5.52 -3.98 3.32
C GLU A 50 -4.29 -4.84 3.63
N SER A 51 -3.12 -4.24 3.55
CA SER A 51 -1.89 -4.93 3.82
C SER A 51 -1.86 -5.44 5.27
N LEU A 52 -2.21 -4.56 6.22
CA LEU A 52 -2.24 -4.92 7.63
C LEU A 52 -3.37 -5.89 7.91
N LYS A 53 -4.52 -5.62 7.32
CA LYS A 53 -5.73 -6.45 7.41
C LYS A 53 -5.41 -7.88 6.97
N SER A 54 -4.73 -7.99 5.85
CA SER A 54 -4.37 -9.27 5.30
C SER A 54 -2.96 -9.73 5.75
N ASN A 55 -2.43 -9.09 6.81
CA ASN A 55 -1.16 -9.49 7.49
C ASN A 55 0.06 -9.59 6.57
N GLY A 56 0.09 -8.78 5.53
CA GLY A 56 1.23 -8.77 4.64
C GLY A 56 1.00 -9.52 3.35
N ARG A 57 -0.21 -10.01 3.17
CA ARG A 57 -0.62 -10.76 1.96
C ARG A 57 -0.39 -9.90 0.71
N VAL A 58 -0.79 -8.66 0.79
CA VAL A 58 -0.61 -7.74 -0.29
C VAL A 58 0.47 -6.72 0.06
N GLN A 59 1.37 -6.49 -0.87
CA GLN A 59 2.44 -5.52 -0.74
C GLN A 59 2.34 -4.55 -1.89
N PHE A 60 3.25 -3.59 -1.93
CA PHE A 60 3.28 -2.63 -3.01
C PHE A 60 4.01 -3.23 -4.19
N LEU A 61 3.29 -3.50 -5.24
CA LEU A 61 3.86 -4.12 -6.42
C LEU A 61 4.48 -3.04 -7.27
N HIS A 62 3.66 -2.12 -7.74
CA HIS A 62 4.12 -1.02 -8.56
C HIS A 62 3.19 0.15 -8.43
N ASP A 63 3.69 1.29 -8.81
CA ASP A 63 2.95 2.52 -8.81
C ASP A 63 1.96 2.46 -9.95
N GLY A 64 0.89 3.17 -9.85
CA GLY A 64 -0.08 3.18 -10.91
C GLY A 64 -1.04 2.01 -10.83
N SER A 65 -2.07 2.05 -11.62
CA SER A 65 -3.06 1.00 -11.69
C SER A 65 -2.40 -0.31 -12.16
N CYS A 66 -2.95 -1.46 -11.78
CA CYS A 66 -2.39 -2.74 -12.15
C CYS A 66 -2.52 -2.97 -13.64
N SER A 1 4.66 5.52 -12.53
CA SER A 1 5.29 6.47 -11.64
C SER A 1 5.15 7.87 -12.22
N GLU A 2 4.54 8.76 -11.45
CA GLU A 2 4.38 10.15 -11.87
C GLU A 2 5.76 10.77 -11.93
N ALA A 3 6.58 10.40 -10.99
CA ALA A 3 7.93 10.82 -10.91
C ALA A 3 8.72 9.65 -10.40
N ALA A 4 10.02 9.68 -10.53
CA ALA A 4 10.87 8.58 -10.07
C ALA A 4 11.03 8.61 -8.55
N SER A 5 10.60 9.74 -7.95
CA SER A 5 10.68 10.00 -6.52
C SER A 5 12.15 10.24 -6.10
N LEU A 6 12.39 10.57 -4.85
CA LEU A 6 13.76 10.80 -4.40
C LEU A 6 14.45 9.47 -4.17
N SER A 7 13.65 8.45 -3.96
CA SER A 7 14.08 7.10 -3.82
C SER A 7 12.96 6.21 -4.30
N PRO A 8 13.26 5.05 -4.94
CA PRO A 8 12.22 4.08 -5.30
C PRO A 8 11.55 3.62 -4.03
N LYS A 9 10.29 3.90 -3.91
CA LYS A 9 9.58 3.65 -2.70
C LYS A 9 8.49 2.62 -2.82
N LYS A 10 8.43 1.82 -1.78
CA LYS A 10 7.34 0.93 -1.56
C LYS A 10 6.34 1.70 -0.72
N VAL A 11 5.20 1.11 -0.44
CA VAL A 11 4.23 1.78 0.37
C VAL A 11 4.74 1.90 1.79
N ASP A 12 4.90 3.11 2.26
CA ASP A 12 5.24 3.30 3.63
C ASP A 12 3.99 3.23 4.45
N CYS A 13 3.78 2.06 4.94
CA CYS A 13 2.62 1.73 5.71
C CYS A 13 2.93 2.00 7.18
N SER A 14 4.23 2.23 7.48
CA SER A 14 4.73 2.46 8.84
C SER A 14 3.95 3.55 9.58
N ILE A 15 3.72 4.67 8.91
CA ILE A 15 3.02 5.80 9.51
C ILE A 15 1.52 5.56 9.66
N TYR A 16 1.00 4.55 8.98
CA TYR A 16 -0.42 4.22 9.05
C TYR A 16 -0.64 3.10 10.06
N LYS A 17 0.44 2.39 10.38
CA LYS A 17 0.42 1.31 11.36
C LYS A 17 0.13 1.83 12.76
N LYS A 18 0.26 3.12 12.92
CA LYS A 18 -0.04 3.77 14.17
C LYS A 18 -1.56 3.89 14.34
N TYR A 19 -2.26 3.76 13.23
CA TYR A 19 -3.70 3.82 13.24
C TYR A 19 -4.21 2.38 13.34
N PRO A 20 -5.33 2.14 14.04
CA PRO A 20 -5.89 0.80 14.16
C PRO A 20 -6.37 0.28 12.80
N VAL A 21 -6.40 -1.03 12.64
CA VAL A 21 -6.74 -1.69 11.37
C VAL A 21 -8.17 -1.31 10.87
N VAL A 22 -9.04 -0.93 11.79
CA VAL A 22 -10.40 -0.55 11.44
C VAL A 22 -10.49 0.96 11.09
N ALA A 23 -9.59 1.77 11.63
CA ALA A 23 -9.63 3.19 11.39
C ALA A 23 -8.33 3.73 10.86
N ILE A 24 -8.21 3.83 9.57
CA ILE A 24 -7.02 4.38 8.97
C ILE A 24 -7.42 5.54 8.05
N PRO A 25 -7.12 6.80 8.44
CA PRO A 25 -7.44 7.96 7.62
C PRO A 25 -6.55 8.02 6.38
N CYS A 26 -7.18 8.28 5.27
CA CYS A 26 -6.51 8.28 3.99
C CYS A 26 -6.34 9.69 3.47
N PRO A 27 -5.23 9.96 2.74
CA PRO A 27 -4.99 11.25 2.11
C PRO A 27 -6.10 11.58 1.10
N ILE A 28 -6.32 12.86 0.87
CA ILE A 28 -7.40 13.29 -0.01
C ILE A 28 -7.05 13.06 -1.48
N THR A 29 -5.78 13.02 -1.75
CA THR A 29 -5.30 12.85 -3.08
C THR A 29 -5.44 11.38 -3.50
N TYR A 30 -5.74 11.17 -4.76
CA TYR A 30 -5.86 9.86 -5.33
C TYR A 30 -4.54 9.51 -5.99
N LEU A 31 -4.01 8.36 -5.67
CA LEU A 31 -2.76 7.89 -6.23
C LEU A 31 -2.95 6.44 -6.61
N PRO A 32 -3.10 6.12 -7.91
CA PRO A 32 -3.26 4.73 -8.35
C PRO A 32 -2.05 3.91 -7.93
N VAL A 33 -2.28 2.89 -7.14
CA VAL A 33 -1.23 1.99 -6.72
C VAL A 33 -1.69 0.56 -6.89
N CYS A 34 -0.77 -0.31 -7.12
CA CYS A 34 -1.07 -1.70 -7.33
C CYS A 34 -0.45 -2.57 -6.26
N GLY A 35 -1.25 -3.43 -5.69
CA GLY A 35 -0.77 -4.34 -4.70
C GLY A 35 -0.34 -5.64 -5.33
N SER A 36 0.41 -6.42 -4.60
CA SER A 36 0.93 -7.72 -5.06
C SER A 36 -0.20 -8.72 -5.35
N ASP A 37 -1.39 -8.42 -4.85
CA ASP A 37 -2.57 -9.26 -5.05
C ASP A 37 -3.26 -8.89 -6.37
N TYR A 38 -2.62 -7.97 -7.11
CA TYR A 38 -3.07 -7.49 -8.41
C TYR A 38 -4.41 -6.77 -8.30
N ILE A 39 -4.49 -5.96 -7.29
CA ILE A 39 -5.65 -5.14 -7.03
C ILE A 39 -5.17 -3.70 -7.02
N THR A 40 -5.84 -2.86 -7.76
CA THR A 40 -5.49 -1.47 -7.81
C THR A 40 -6.18 -0.74 -6.66
N TYR A 41 -5.45 0.11 -5.99
CA TYR A 41 -5.98 0.85 -4.89
C TYR A 41 -5.99 2.34 -5.20
N GLY A 42 -6.86 3.06 -4.51
CA GLY A 42 -7.03 4.48 -4.71
C GLY A 42 -5.86 5.30 -4.21
N ASN A 43 -5.10 4.75 -3.29
CA ASN A 43 -3.90 5.38 -2.76
C ASN A 43 -3.22 4.48 -1.75
N GLU A 44 -2.06 4.93 -1.30
CA GLU A 44 -1.21 4.23 -0.34
C GLU A 44 -1.95 3.81 0.93
N CYS A 45 -2.88 4.63 1.38
CA CYS A 45 -3.64 4.35 2.58
C CYS A 45 -4.48 3.11 2.43
N HIS A 46 -5.14 2.99 1.29
CA HIS A 46 -6.02 1.85 1.04
C HIS A 46 -5.18 0.58 0.90
N LEU A 47 -4.04 0.74 0.25
CA LEU A 47 -3.10 -0.36 0.10
C LEU A 47 -2.57 -0.79 1.46
N CYS A 48 -2.13 0.18 2.25
CA CYS A 48 -1.65 -0.08 3.61
C CYS A 48 -2.75 -0.73 4.48
N THR A 49 -4.00 -0.29 4.31
CA THR A 49 -5.12 -0.84 5.05
C THR A 49 -5.23 -2.36 4.81
N GLU A 50 -5.27 -2.75 3.54
CA GLU A 50 -5.33 -4.15 3.18
C GLU A 50 -4.08 -4.89 3.55
N SER A 51 -2.95 -4.20 3.46
CA SER A 51 -1.66 -4.76 3.79
C SER A 51 -1.65 -5.21 5.24
N LEU A 52 -2.11 -4.36 6.13
CA LEU A 52 -2.16 -4.68 7.55
C LEU A 52 -3.26 -5.67 7.84
N LYS A 53 -4.40 -5.47 7.20
CA LYS A 53 -5.56 -6.32 7.41
C LYS A 53 -5.27 -7.77 6.96
N SER A 54 -4.44 -7.91 5.95
CA SER A 54 -4.05 -9.22 5.47
C SER A 54 -2.65 -9.60 5.97
N ASN A 55 -2.10 -8.77 6.84
CA ASN A 55 -0.76 -8.93 7.46
C ASN A 55 0.34 -9.26 6.42
N GLY A 56 0.74 -8.25 5.67
CA GLY A 56 1.86 -8.34 4.72
C GLY A 56 1.58 -9.12 3.44
N ARG A 57 0.41 -9.74 3.35
CA ARG A 57 -0.02 -10.51 2.17
C ARG A 57 0.03 -9.64 0.93
N VAL A 58 -0.74 -8.59 0.94
CA VAL A 58 -0.74 -7.65 -0.14
C VAL A 58 0.26 -6.56 0.18
N GLN A 59 1.21 -6.41 -0.67
CA GLN A 59 2.27 -5.48 -0.50
C GLN A 59 2.27 -4.58 -1.73
N PHE A 60 3.05 -3.52 -1.73
CA PHE A 60 3.17 -2.64 -2.87
C PHE A 60 3.92 -3.36 -3.98
N LEU A 61 3.25 -3.59 -5.07
CA LEU A 61 3.86 -4.26 -6.19
C LEU A 61 4.52 -3.20 -7.05
N HIS A 62 3.73 -2.24 -7.47
CA HIS A 62 4.18 -1.11 -8.25
C HIS A 62 3.15 -0.04 -8.14
N ASP A 63 3.49 1.17 -8.46
CA ASP A 63 2.52 2.23 -8.46
C ASP A 63 1.78 2.16 -9.78
N GLY A 64 0.70 2.83 -9.87
CA GLY A 64 -0.09 2.79 -11.04
C GLY A 64 -1.07 1.67 -10.97
N SER A 65 -2.04 1.71 -11.81
CA SER A 65 -3.03 0.69 -11.88
C SER A 65 -2.37 -0.62 -12.34
N CYS A 66 -2.82 -1.72 -11.79
CA CYS A 66 -2.25 -3.04 -12.06
C CYS A 66 -2.24 -3.38 -13.54
#